data_1IO0
# 
_entry.id   1IO0 
# 
_audit_conform.dict_name       mmcif_pdbx.dic 
_audit_conform.dict_version    5.383 
_audit_conform.dict_location   http://mmcif.pdb.org/dictionaries/ascii/mmcif_pdbx.dic 
# 
loop_
_database_2.database_id 
_database_2.database_code 
_database_2.pdbx_database_accession 
_database_2.pdbx_DOI 
PDB   1IO0         pdb_00001io0 10.2210/pdb1io0/pdb 
RCSB  RCSB005107   ?            ?                   
WWPDB D_1000005107 ?            ?                   
# 
loop_
_pdbx_audit_revision_history.ordinal 
_pdbx_audit_revision_history.data_content_type 
_pdbx_audit_revision_history.major_revision 
_pdbx_audit_revision_history.minor_revision 
_pdbx_audit_revision_history.revision_date 
1 'Structure model' 1 0 2002-11-27 
2 'Structure model' 1 1 2008-04-27 
3 'Structure model' 1 2 2011-07-13 
4 'Structure model' 1 3 2019-10-23 
5 'Structure model' 1 4 2023-12-27 
# 
_pdbx_audit_revision_details.ordinal             1 
_pdbx_audit_revision_details.revision_ordinal    1 
_pdbx_audit_revision_details.data_content_type   'Structure model' 
_pdbx_audit_revision_details.provider            repository 
_pdbx_audit_revision_details.type                'Initial release' 
_pdbx_audit_revision_details.description         ? 
_pdbx_audit_revision_details.details             ? 
# 
loop_
_pdbx_audit_revision_group.ordinal 
_pdbx_audit_revision_group.revision_ordinal 
_pdbx_audit_revision_group.data_content_type 
_pdbx_audit_revision_group.group 
1 2 'Structure model' 'Version format compliance' 
2 3 'Structure model' 'Version format compliance' 
3 4 'Structure model' 'Data collection'           
4 4 'Structure model' 'Database references'       
5 5 'Structure model' 'Data collection'           
6 5 'Structure model' 'Database references'       
7 5 'Structure model' 'Derived calculations'      
# 
loop_
_pdbx_audit_revision_category.ordinal 
_pdbx_audit_revision_category.revision_ordinal 
_pdbx_audit_revision_category.data_content_type 
_pdbx_audit_revision_category.category 
1 4 'Structure model' citation               
2 5 'Structure model' chem_comp_atom         
3 5 'Structure model' chem_comp_bond         
4 5 'Structure model' database_2             
5 5 'Structure model' pdbx_struct_conn_angle 
6 5 'Structure model' struct_conn            
7 5 'Structure model' struct_site            
# 
loop_
_pdbx_audit_revision_item.ordinal 
_pdbx_audit_revision_item.revision_ordinal 
_pdbx_audit_revision_item.data_content_type 
_pdbx_audit_revision_item.item 
1  4 'Structure model' '_citation.journal_abbrev'                    
2  4 'Structure model' '_citation.pdbx_database_id_DOI'              
3  4 'Structure model' '_citation.title'                             
4  5 'Structure model' '_database_2.pdbx_DOI'                        
5  5 'Structure model' '_database_2.pdbx_database_accession'         
6  5 'Structure model' '_pdbx_struct_conn_angle.ptnr1_auth_comp_id'  
7  5 'Structure model' '_pdbx_struct_conn_angle.ptnr1_auth_seq_id'   
8  5 'Structure model' '_pdbx_struct_conn_angle.ptnr1_label_atom_id' 
9  5 'Structure model' '_pdbx_struct_conn_angle.ptnr1_label_comp_id' 
10 5 'Structure model' '_pdbx_struct_conn_angle.ptnr1_label_seq_id'  
11 5 'Structure model' '_pdbx_struct_conn_angle.ptnr1_symmetry'      
12 5 'Structure model' '_pdbx_struct_conn_angle.ptnr3_auth_comp_id'  
13 5 'Structure model' '_pdbx_struct_conn_angle.ptnr3_auth_seq_id'   
14 5 'Structure model' '_pdbx_struct_conn_angle.ptnr3_label_atom_id' 
15 5 'Structure model' '_pdbx_struct_conn_angle.ptnr3_label_comp_id' 
16 5 'Structure model' '_pdbx_struct_conn_angle.ptnr3_label_seq_id'  
17 5 'Structure model' '_pdbx_struct_conn_angle.ptnr3_symmetry'      
18 5 'Structure model' '_pdbx_struct_conn_angle.value'               
19 5 'Structure model' '_struct_conn.pdbx_dist_value'                
20 5 'Structure model' '_struct_conn.ptnr1_auth_comp_id'             
21 5 'Structure model' '_struct_conn.ptnr1_auth_seq_id'              
22 5 'Structure model' '_struct_conn.ptnr1_label_asym_id'            
23 5 'Structure model' '_struct_conn.ptnr1_label_atom_id'            
24 5 'Structure model' '_struct_conn.ptnr1_label_comp_id'            
25 5 'Structure model' '_struct_conn.ptnr1_label_seq_id'             
26 5 'Structure model' '_struct_conn.ptnr1_symmetry'                 
27 5 'Structure model' '_struct_conn.ptnr2_auth_comp_id'             
28 5 'Structure model' '_struct_conn.ptnr2_auth_seq_id'              
29 5 'Structure model' '_struct_conn.ptnr2_label_asym_id'            
30 5 'Structure model' '_struct_conn.ptnr2_label_atom_id'            
31 5 'Structure model' '_struct_conn.ptnr2_label_comp_id'            
32 5 'Structure model' '_struct_conn.ptnr2_label_seq_id'             
33 5 'Structure model' '_struct_conn.ptnr2_symmetry'                 
34 5 'Structure model' '_struct_site.pdbx_auth_asym_id'              
35 5 'Structure model' '_struct_site.pdbx_auth_comp_id'              
36 5 'Structure model' '_struct_site.pdbx_auth_seq_id'               
# 
_pdbx_database_status.status_code                     REL 
_pdbx_database_status.entry_id                        1IO0 
_pdbx_database_status.recvd_initial_deposition_date   2000-12-14 
_pdbx_database_status.deposit_site                    RCSB 
_pdbx_database_status.process_site                    PDBJ 
_pdbx_database_status.status_code_sf                  REL 
_pdbx_database_status.SG_entry                        . 
_pdbx_database_status.pdb_format_compatible           Y 
_pdbx_database_status.status_code_mr                  ? 
_pdbx_database_status.status_code_cs                  ? 
_pdbx_database_status.methods_development_category    ? 
_pdbx_database_status.status_code_nmr_data            ? 
# 
loop_
_audit_author.name 
_audit_author.pdbx_ordinal 
'Krieger, I.'    1 
'Kostyukova, A.' 2 
'Yamashita, A.'  3 
'Maeda, Y.'      4 
# 
_citation.id                        primary 
_citation.title                     
'Crystal structure of the C-terminal half of tropomodulin and structural basis of actin filament pointed-end capping.' 
_citation.journal_abbrev            Biophys.J. 
_citation.journal_volume            83 
_citation.page_first                2716 
_citation.page_last                 2725 
_citation.year                      2002 
_citation.journal_id_ASTM           BIOJAU 
_citation.country                   US 
_citation.journal_id_ISSN           0006-3495 
_citation.journal_id_CSD            0030 
_citation.book_publisher            ? 
_citation.pdbx_database_id_PubMed   12414704 
_citation.pdbx_database_id_DOI      '10.1016/S0006-3495(02)75281-8' 
# 
loop_
_citation_author.citation_id 
_citation_author.name 
_citation_author.ordinal 
_citation_author.identifier_ORCID 
primary 'Krieger, I.'    1 ? 
primary 'Kostyukova, A.' 2 ? 
primary 'Yamashita, A.'  3 ? 
primary 'Nitanai, Y.'    4 ? 
primary 'Maeda, Y.'      5 ? 
# 
loop_
_entity.id 
_entity.type 
_entity.src_method 
_entity.pdbx_description 
_entity.formula_weight 
_entity.pdbx_number_of_molecules 
_entity.pdbx_ec 
_entity.pdbx_mutation 
_entity.pdbx_fragment 
_entity.details 
1 polymer     man TROPOMODULIN 20649.510 1   ? ? 'C-TERMINAL DOMAIN' ? 
2 non-polymer syn 'ZINC ION'   65.409    1   ? ? ?                   ? 
3 water       nat water        18.015    231 ? ? ?                   ? 
# 
_entity_poly.entity_id                      1 
_entity_poly.type                           'polypeptide(L)' 
_entity_poly.nstd_linkage                   no 
_entity_poly.nstd_monomer                   no 
_entity_poly.pdbx_seq_one_letter_code       
;GLNSVIKPTKYKPVPDEEPNSTDVEETLKRIQNNDPDLEEVNLNNIMNIPVPTLKACAEALKTNTYVKKFSIVGTRSNDP
VAFALAEMLKVNNTLKSLNVESNFISGSGILALVEALQSNTSLIELRIDNQSQPLGNNVEMEIANMLEKNTTLLKFGYHF
TQQGPRLRASNAMMNNNDLVRKRRL
;
_entity_poly.pdbx_seq_one_letter_code_can   
;GLNSVIKPTKYKPVPDEEPNSTDVEETLKRIQNNDPDLEEVNLNNIMNIPVPTLKACAEALKTNTYVKKFSIVGTRSNDP
VAFALAEMLKVNNTLKSLNVESNFISGSGILALVEALQSNTSLIELRIDNQSQPLGNNVEMEIANMLEKNTTLLKFGYHF
TQQGPRLRASNAMMNNNDLVRKRRL
;
_entity_poly.pdbx_strand_id                 A 
_entity_poly.pdbx_target_identifier         ? 
# 
loop_
_pdbx_entity_nonpoly.entity_id 
_pdbx_entity_nonpoly.name 
_pdbx_entity_nonpoly.comp_id 
2 'ZINC ION' ZN  
3 water      HOH 
# 
loop_
_entity_poly_seq.entity_id 
_entity_poly_seq.num 
_entity_poly_seq.mon_id 
_entity_poly_seq.hetero 
1 1   GLY n 
1 2   LEU n 
1 3   ASN n 
1 4   SER n 
1 5   VAL n 
1 6   ILE n 
1 7   LYS n 
1 8   PRO n 
1 9   THR n 
1 10  LYS n 
1 11  TYR n 
1 12  LYS n 
1 13  PRO n 
1 14  VAL n 
1 15  PRO n 
1 16  ASP n 
1 17  GLU n 
1 18  GLU n 
1 19  PRO n 
1 20  ASN n 
1 21  SER n 
1 22  THR n 
1 23  ASP n 
1 24  VAL n 
1 25  GLU n 
1 26  GLU n 
1 27  THR n 
1 28  LEU n 
1 29  LYS n 
1 30  ARG n 
1 31  ILE n 
1 32  GLN n 
1 33  ASN n 
1 34  ASN n 
1 35  ASP n 
1 36  PRO n 
1 37  ASP n 
1 38  LEU n 
1 39  GLU n 
1 40  GLU n 
1 41  VAL n 
1 42  ASN n 
1 43  LEU n 
1 44  ASN n 
1 45  ASN n 
1 46  ILE n 
1 47  MET n 
1 48  ASN n 
1 49  ILE n 
1 50  PRO n 
1 51  VAL n 
1 52  PRO n 
1 53  THR n 
1 54  LEU n 
1 55  LYS n 
1 56  ALA n 
1 57  CYS n 
1 58  ALA n 
1 59  GLU n 
1 60  ALA n 
1 61  LEU n 
1 62  LYS n 
1 63  THR n 
1 64  ASN n 
1 65  THR n 
1 66  TYR n 
1 67  VAL n 
1 68  LYS n 
1 69  LYS n 
1 70  PHE n 
1 71  SER n 
1 72  ILE n 
1 73  VAL n 
1 74  GLY n 
1 75  THR n 
1 76  ARG n 
1 77  SER n 
1 78  ASN n 
1 79  ASP n 
1 80  PRO n 
1 81  VAL n 
1 82  ALA n 
1 83  PHE n 
1 84  ALA n 
1 85  LEU n 
1 86  ALA n 
1 87  GLU n 
1 88  MET n 
1 89  LEU n 
1 90  LYS n 
1 91  VAL n 
1 92  ASN n 
1 93  ASN n 
1 94  THR n 
1 95  LEU n 
1 96  LYS n 
1 97  SER n 
1 98  LEU n 
1 99  ASN n 
1 100 VAL n 
1 101 GLU n 
1 102 SER n 
1 103 ASN n 
1 104 PHE n 
1 105 ILE n 
1 106 SER n 
1 107 GLY n 
1 108 SER n 
1 109 GLY n 
1 110 ILE n 
1 111 LEU n 
1 112 ALA n 
1 113 LEU n 
1 114 VAL n 
1 115 GLU n 
1 116 ALA n 
1 117 LEU n 
1 118 GLN n 
1 119 SER n 
1 120 ASN n 
1 121 THR n 
1 122 SER n 
1 123 LEU n 
1 124 ILE n 
1 125 GLU n 
1 126 LEU n 
1 127 ARG n 
1 128 ILE n 
1 129 ASP n 
1 130 ASN n 
1 131 GLN n 
1 132 SER n 
1 133 GLN n 
1 134 PRO n 
1 135 LEU n 
1 136 GLY n 
1 137 ASN n 
1 138 ASN n 
1 139 VAL n 
1 140 GLU n 
1 141 MET n 
1 142 GLU n 
1 143 ILE n 
1 144 ALA n 
1 145 ASN n 
1 146 MET n 
1 147 LEU n 
1 148 GLU n 
1 149 LYS n 
1 150 ASN n 
1 151 THR n 
1 152 THR n 
1 153 LEU n 
1 154 LEU n 
1 155 LYS n 
1 156 PHE n 
1 157 GLY n 
1 158 TYR n 
1 159 HIS n 
1 160 PHE n 
1 161 THR n 
1 162 GLN n 
1 163 GLN n 
1 164 GLY n 
1 165 PRO n 
1 166 ARG n 
1 167 LEU n 
1 168 ARG n 
1 169 ALA n 
1 170 SER n 
1 171 ASN n 
1 172 ALA n 
1 173 MET n 
1 174 MET n 
1 175 ASN n 
1 176 ASN n 
1 177 ASN n 
1 178 ASP n 
1 179 LEU n 
1 180 VAL n 
1 181 ARG n 
1 182 LYS n 
1 183 ARG n 
1 184 ARG n 
1 185 LEU n 
# 
_entity_src_gen.entity_id                          1 
_entity_src_gen.pdbx_src_id                        1 
_entity_src_gen.pdbx_alt_source_flag               sample 
_entity_src_gen.pdbx_seq_type                      ? 
_entity_src_gen.pdbx_beg_seq_num                   ? 
_entity_src_gen.pdbx_end_seq_num                   ? 
_entity_src_gen.gene_src_common_name               chicken 
_entity_src_gen.gene_src_genus                     Gallus 
_entity_src_gen.pdbx_gene_src_gene                 ? 
_entity_src_gen.gene_src_species                   ? 
_entity_src_gen.gene_src_strain                    ? 
_entity_src_gen.gene_src_tissue                    ? 
_entity_src_gen.gene_src_tissue_fraction           ? 
_entity_src_gen.gene_src_details                   ? 
_entity_src_gen.pdbx_gene_src_fragment             ? 
_entity_src_gen.pdbx_gene_src_scientific_name      'Gallus gallus' 
_entity_src_gen.pdbx_gene_src_ncbi_taxonomy_id     9031 
_entity_src_gen.pdbx_gene_src_variant              ? 
_entity_src_gen.pdbx_gene_src_cell_line            ? 
_entity_src_gen.pdbx_gene_src_atcc                 ? 
_entity_src_gen.pdbx_gene_src_organ                ? 
_entity_src_gen.pdbx_gene_src_organelle            ? 
_entity_src_gen.pdbx_gene_src_cell                 ? 
_entity_src_gen.pdbx_gene_src_cellular_location    ? 
_entity_src_gen.host_org_common_name               ? 
_entity_src_gen.pdbx_host_org_scientific_name      'Escherichia coli' 
_entity_src_gen.pdbx_host_org_ncbi_taxonomy_id     562 
_entity_src_gen.host_org_genus                     Escherichia 
_entity_src_gen.pdbx_host_org_gene                 ? 
_entity_src_gen.pdbx_host_org_organ                ? 
_entity_src_gen.host_org_species                   ? 
_entity_src_gen.pdbx_host_org_tissue               ? 
_entity_src_gen.pdbx_host_org_tissue_fraction      ? 
_entity_src_gen.pdbx_host_org_strain               'BL21(DE3)PLYSE' 
_entity_src_gen.pdbx_host_org_variant              ? 
_entity_src_gen.pdbx_host_org_cell_line            ? 
_entity_src_gen.pdbx_host_org_atcc                 ? 
_entity_src_gen.pdbx_host_org_culture_collection   ? 
_entity_src_gen.pdbx_host_org_cell                 ? 
_entity_src_gen.pdbx_host_org_organelle            ? 
_entity_src_gen.pdbx_host_org_cellular_location    ? 
_entity_src_gen.pdbx_host_org_vector_type          PLASMID 
_entity_src_gen.pdbx_host_org_vector               ? 
_entity_src_gen.host_org_details                   ? 
_entity_src_gen.expression_system_id               ? 
_entity_src_gen.plasmid_name                       'PET(HIS)TMOD' 
_entity_src_gen.plasmid_details                    ? 
_entity_src_gen.pdbx_description                   ? 
# 
loop_
_chem_comp.id 
_chem_comp.type 
_chem_comp.mon_nstd_flag 
_chem_comp.name 
_chem_comp.pdbx_synonyms 
_chem_comp.formula 
_chem_comp.formula_weight 
ALA 'L-peptide linking' y ALANINE         ? 'C3 H7 N O2'     89.093  
ARG 'L-peptide linking' y ARGININE        ? 'C6 H15 N4 O2 1' 175.209 
ASN 'L-peptide linking' y ASPARAGINE      ? 'C4 H8 N2 O3'    132.118 
ASP 'L-peptide linking' y 'ASPARTIC ACID' ? 'C4 H7 N O4'     133.103 
CYS 'L-peptide linking' y CYSTEINE        ? 'C3 H7 N O2 S'   121.158 
GLN 'L-peptide linking' y GLUTAMINE       ? 'C5 H10 N2 O3'   146.144 
GLU 'L-peptide linking' y 'GLUTAMIC ACID' ? 'C5 H9 N O4'     147.129 
GLY 'peptide linking'   y GLYCINE         ? 'C2 H5 N O2'     75.067  
HIS 'L-peptide linking' y HISTIDINE       ? 'C6 H10 N3 O2 1' 156.162 
HOH non-polymer         . WATER           ? 'H2 O'           18.015  
ILE 'L-peptide linking' y ISOLEUCINE      ? 'C6 H13 N O2'    131.173 
LEU 'L-peptide linking' y LEUCINE         ? 'C6 H13 N O2'    131.173 
LYS 'L-peptide linking' y LYSINE          ? 'C6 H15 N2 O2 1' 147.195 
MET 'L-peptide linking' y METHIONINE      ? 'C5 H11 N O2 S'  149.211 
PHE 'L-peptide linking' y PHENYLALANINE   ? 'C9 H11 N O2'    165.189 
PRO 'L-peptide linking' y PROLINE         ? 'C5 H9 N O2'     115.130 
SER 'L-peptide linking' y SERINE          ? 'C3 H7 N O3'     105.093 
THR 'L-peptide linking' y THREONINE       ? 'C4 H9 N O3'     119.119 
TYR 'L-peptide linking' y TYROSINE        ? 'C9 H11 N O3'    181.189 
VAL 'L-peptide linking' y VALINE          ? 'C5 H11 N O2'    117.146 
ZN  non-polymer         . 'ZINC ION'      ? 'Zn 2'           65.409  
# 
loop_
_pdbx_poly_seq_scheme.asym_id 
_pdbx_poly_seq_scheme.entity_id 
_pdbx_poly_seq_scheme.seq_id 
_pdbx_poly_seq_scheme.mon_id 
_pdbx_poly_seq_scheme.ndb_seq_num 
_pdbx_poly_seq_scheme.pdb_seq_num 
_pdbx_poly_seq_scheme.auth_seq_num 
_pdbx_poly_seq_scheme.pdb_mon_id 
_pdbx_poly_seq_scheme.auth_mon_id 
_pdbx_poly_seq_scheme.pdb_strand_id 
_pdbx_poly_seq_scheme.pdb_ins_code 
_pdbx_poly_seq_scheme.hetero 
A 1 1   GLY 1   160 ?   ?   ?   A . n 
A 1 2   LEU 2   161 ?   ?   ?   A . n 
A 1 3   ASN 3   162 ?   ?   ?   A . n 
A 1 4   SER 4   163 ?   ?   ?   A . n 
A 1 5   VAL 5   164 ?   ?   ?   A . n 
A 1 6   ILE 6   165 ?   ?   ?   A . n 
A 1 7   LYS 7   166 ?   ?   ?   A . n 
A 1 8   PRO 8   167 ?   ?   ?   A . n 
A 1 9   THR 9   168 ?   ?   ?   A . n 
A 1 10  LYS 10  169 ?   ?   ?   A . n 
A 1 11  TYR 11  170 ?   ?   ?   A . n 
A 1 12  LYS 12  171 ?   ?   ?   A . n 
A 1 13  PRO 13  172 ?   ?   ?   A . n 
A 1 14  VAL 14  173 ?   ?   ?   A . n 
A 1 15  PRO 15  174 ?   ?   ?   A . n 
A 1 16  ASP 16  175 ?   ?   ?   A . n 
A 1 17  GLU 17  176 ?   ?   ?   A . n 
A 1 18  GLU 18  177 ?   ?   ?   A . n 
A 1 19  PRO 19  178 ?   ?   ?   A . n 
A 1 20  ASN 20  179 179 ASN ASN A . n 
A 1 21  SER 21  180 180 SER SER A . n 
A 1 22  THR 22  181 181 THR THR A . n 
A 1 23  ASP 23  182 182 ASP ASP A . n 
A 1 24  VAL 24  183 183 VAL VAL A . n 
A 1 25  GLU 25  184 184 GLU GLU A . n 
A 1 26  GLU 26  185 185 GLU GLU A . n 
A 1 27  THR 27  186 186 THR THR A . n 
A 1 28  LEU 28  187 187 LEU LEU A . n 
A 1 29  LYS 29  188 188 LYS LYS A . n 
A 1 30  ARG 30  189 189 ARG ARG A . n 
A 1 31  ILE 31  190 190 ILE ILE A . n 
A 1 32  GLN 32  191 191 GLN GLN A . n 
A 1 33  ASN 33  192 192 ASN ASN A . n 
A 1 34  ASN 34  193 193 ASN ASN A . n 
A 1 35  ASP 35  194 194 ASP ASP A . n 
A 1 36  PRO 36  195 195 PRO PRO A . n 
A 1 37  ASP 37  196 196 ASP ASP A . n 
A 1 38  LEU 38  197 197 LEU LEU A . n 
A 1 39  GLU 39  198 198 GLU GLU A . n 
A 1 40  GLU 40  199 199 GLU GLU A . n 
A 1 41  VAL 41  200 200 VAL VAL A . n 
A 1 42  ASN 42  201 201 ASN ASN A . n 
A 1 43  LEU 43  202 202 LEU LEU A . n 
A 1 44  ASN 44  203 203 ASN ASN A . n 
A 1 45  ASN 45  204 204 ASN ASN A . n 
A 1 46  ILE 46  205 205 ILE ILE A . n 
A 1 47  MET 47  206 206 MET MET A . n 
A 1 48  ASN 48  207 207 ASN ASN A . n 
A 1 49  ILE 49  208 208 ILE ILE A . n 
A 1 50  PRO 50  209 209 PRO PRO A . n 
A 1 51  VAL 51  210 210 VAL VAL A . n 
A 1 52  PRO 52  211 211 PRO PRO A . n 
A 1 53  THR 53  212 212 THR THR A . n 
A 1 54  LEU 54  213 213 LEU LEU A . n 
A 1 55  LYS 55  214 214 LYS LYS A . n 
A 1 56  ALA 56  215 215 ALA ALA A . n 
A 1 57  CYS 57  216 216 CYS CYS A . n 
A 1 58  ALA 58  217 217 ALA ALA A . n 
A 1 59  GLU 59  218 218 GLU GLU A . n 
A 1 60  ALA 60  219 219 ALA ALA A . n 
A 1 61  LEU 61  220 220 LEU LEU A . n 
A 1 62  LYS 62  221 221 LYS LYS A . n 
A 1 63  THR 63  222 222 THR THR A . n 
A 1 64  ASN 64  223 223 ASN ASN A . n 
A 1 65  THR 65  224 224 THR THR A . n 
A 1 66  TYR 66  225 225 TYR TYR A . n 
A 1 67  VAL 67  226 226 VAL VAL A . n 
A 1 68  LYS 68  227 227 LYS LYS A . n 
A 1 69  LYS 69  228 228 LYS LYS A . n 
A 1 70  PHE 70  229 229 PHE PHE A . n 
A 1 71  SER 71  230 230 SER SER A . n 
A 1 72  ILE 72  231 231 ILE ILE A . n 
A 1 73  VAL 73  232 232 VAL VAL A . n 
A 1 74  GLY 74  233 233 GLY GLY A . n 
A 1 75  THR 75  234 234 THR THR A . n 
A 1 76  ARG 76  235 235 ARG ARG A . n 
A 1 77  SER 77  236 236 SER SER A . n 
A 1 78  ASN 78  237 237 ASN ASN A . n 
A 1 79  ASP 79  238 238 ASP ASP A . n 
A 1 80  PRO 80  239 239 PRO PRO A . n 
A 1 81  VAL 81  240 240 VAL VAL A . n 
A 1 82  ALA 82  241 241 ALA ALA A . n 
A 1 83  PHE 83  242 242 PHE PHE A . n 
A 1 84  ALA 84  243 243 ALA ALA A . n 
A 1 85  LEU 85  244 244 LEU LEU A . n 
A 1 86  ALA 86  245 245 ALA ALA A . n 
A 1 87  GLU 87  246 246 GLU GLU A . n 
A 1 88  MET 88  247 247 MET MET A . n 
A 1 89  LEU 89  248 248 LEU LEU A . n 
A 1 90  LYS 90  249 249 LYS LYS A . n 
A 1 91  VAL 91  250 250 VAL VAL A . n 
A 1 92  ASN 92  251 251 ASN ASN A . n 
A 1 93  ASN 93  252 252 ASN ASN A . n 
A 1 94  THR 94  253 253 THR THR A . n 
A 1 95  LEU 95  254 254 LEU LEU A . n 
A 1 96  LYS 96  255 255 LYS LYS A . n 
A 1 97  SER 97  256 256 SER SER A . n 
A 1 98  LEU 98  257 257 LEU LEU A . n 
A 1 99  ASN 99  258 258 ASN ASN A . n 
A 1 100 VAL 100 259 259 VAL VAL A . n 
A 1 101 GLU 101 260 260 GLU GLU A . n 
A 1 102 SER 102 261 261 SER SER A . n 
A 1 103 ASN 103 262 262 ASN ASN A . n 
A 1 104 PHE 104 263 263 PHE PHE A . n 
A 1 105 ILE 105 264 264 ILE ILE A . n 
A 1 106 SER 106 265 265 SER SER A . n 
A 1 107 GLY 107 266 266 GLY GLY A . n 
A 1 108 SER 108 267 267 SER SER A . n 
A 1 109 GLY 109 268 268 GLY GLY A . n 
A 1 110 ILE 110 269 269 ILE ILE A . n 
A 1 111 LEU 111 270 270 LEU LEU A . n 
A 1 112 ALA 112 271 271 ALA ALA A . n 
A 1 113 LEU 113 272 272 LEU LEU A . n 
A 1 114 VAL 114 273 273 VAL VAL A . n 
A 1 115 GLU 115 274 274 GLU GLU A . n 
A 1 116 ALA 116 275 275 ALA ALA A . n 
A 1 117 LEU 117 276 276 LEU LEU A . n 
A 1 118 GLN 118 277 277 GLN GLN A . n 
A 1 119 SER 119 278 278 SER SER A . n 
A 1 120 ASN 120 279 279 ASN ASN A . n 
A 1 121 THR 121 280 280 THR THR A . n 
A 1 122 SER 122 281 281 SER SER A . n 
A 1 123 LEU 123 282 282 LEU LEU A . n 
A 1 124 ILE 124 283 283 ILE ILE A . n 
A 1 125 GLU 125 284 284 GLU GLU A . n 
A 1 126 LEU 126 285 285 LEU LEU A . n 
A 1 127 ARG 127 286 286 ARG ARG A . n 
A 1 128 ILE 128 287 287 ILE ILE A . n 
A 1 129 ASP 129 288 288 ASP ASP A . n 
A 1 130 ASN 130 289 289 ASN ASN A . n 
A 1 131 GLN 131 290 290 GLN GLN A . n 
A 1 132 SER 132 291 291 SER SER A . n 
A 1 133 GLN 133 292 292 GLN GLN A . n 
A 1 134 PRO 134 293 293 PRO PRO A . n 
A 1 135 LEU 135 294 294 LEU LEU A . n 
A 1 136 GLY 136 295 295 GLY GLY A . n 
A 1 137 ASN 137 296 296 ASN ASN A . n 
A 1 138 ASN 138 297 297 ASN ASN A . n 
A 1 139 VAL 139 298 298 VAL VAL A . n 
A 1 140 GLU 140 299 299 GLU GLU A . n 
A 1 141 MET 141 300 300 MET MET A . n 
A 1 142 GLU 142 301 301 GLU GLU A . n 
A 1 143 ILE 143 302 302 ILE ILE A . n 
A 1 144 ALA 144 303 303 ALA ALA A . n 
A 1 145 ASN 145 304 304 ASN ASN A . n 
A 1 146 MET 146 305 305 MET MET A . n 
A 1 147 LEU 147 306 306 LEU LEU A . n 
A 1 148 GLU 148 307 307 GLU GLU A . n 
A 1 149 LYS 149 308 308 LYS LYS A . n 
A 1 150 ASN 150 309 309 ASN ASN A . n 
A 1 151 THR 151 310 310 THR THR A . n 
A 1 152 THR 152 311 311 THR THR A . n 
A 1 153 LEU 153 312 312 LEU LEU A . n 
A 1 154 LEU 154 313 313 LEU LEU A . n 
A 1 155 LYS 155 314 314 LYS LYS A . n 
A 1 156 PHE 156 315 315 PHE PHE A . n 
A 1 157 GLY 157 316 316 GLY GLY A . n 
A 1 158 TYR 158 317 317 TYR TYR A . n 
A 1 159 HIS 159 318 318 HIS HIS A . n 
A 1 160 PHE 160 319 319 PHE PHE A . n 
A 1 161 THR 161 320 320 THR THR A . n 
A 1 162 GLN 162 321 321 GLN GLN A . n 
A 1 163 GLN 163 322 322 GLN GLN A . n 
A 1 164 GLY 164 323 323 GLY GLY A . n 
A 1 165 PRO 165 324 324 PRO PRO A . n 
A 1 166 ARG 166 325 325 ARG ARG A . n 
A 1 167 LEU 167 326 326 LEU LEU A . n 
A 1 168 ARG 168 327 327 ARG ARG A . n 
A 1 169 ALA 169 328 328 ALA ALA A . n 
A 1 170 SER 170 329 329 SER SER A . n 
A 1 171 ASN 171 330 330 ASN ASN A . n 
A 1 172 ALA 172 331 331 ALA ALA A . n 
A 1 173 MET 173 332 332 MET MET A . n 
A 1 174 MET 174 333 333 MET MET A . n 
A 1 175 ASN 175 334 334 ASN ASN A . n 
A 1 176 ASN 176 335 335 ASN ASN A . n 
A 1 177 ASN 177 336 336 ASN ASN A . n 
A 1 178 ASP 178 337 337 ASP ASP A . n 
A 1 179 LEU 179 338 338 LEU LEU A . n 
A 1 180 VAL 180 339 339 VAL VAL A . n 
A 1 181 ARG 181 340 340 ARG ARG A . n 
A 1 182 LYS 182 341 341 LYS LYS A . n 
A 1 183 ARG 183 342 342 ARG ARG A . n 
A 1 184 ARG 184 343 343 ARG ARG A . n 
A 1 185 LEU 185 344 344 LEU LEU A . n 
# 
loop_
_pdbx_nonpoly_scheme.asym_id 
_pdbx_nonpoly_scheme.entity_id 
_pdbx_nonpoly_scheme.mon_id 
_pdbx_nonpoly_scheme.ndb_seq_num 
_pdbx_nonpoly_scheme.pdb_seq_num 
_pdbx_nonpoly_scheme.auth_seq_num 
_pdbx_nonpoly_scheme.pdb_mon_id 
_pdbx_nonpoly_scheme.auth_mon_id 
_pdbx_nonpoly_scheme.pdb_strand_id 
_pdbx_nonpoly_scheme.pdb_ins_code 
B 2 ZN  1   1001 1001 ZN  ZN  A . 
C 3 HOH 1   1002 1    HOH HOH A . 
C 3 HOH 2   1003 2    HOH HOH A . 
C 3 HOH 3   1004 3    HOH HOH A . 
C 3 HOH 4   1005 4    HOH HOH A . 
C 3 HOH 5   1006 5    HOH HOH A . 
C 3 HOH 6   1007 6    HOH HOH A . 
C 3 HOH 7   1008 7    HOH HOH A . 
C 3 HOH 8   1009 8    HOH HOH A . 
C 3 HOH 9   1010 9    HOH HOH A . 
C 3 HOH 10  1011 10   HOH HOH A . 
C 3 HOH 11  1012 11   HOH HOH A . 
C 3 HOH 12  1013 12   HOH HOH A . 
C 3 HOH 13  1014 13   HOH HOH A . 
C 3 HOH 14  1015 14   HOH HOH A . 
C 3 HOH 15  1016 15   HOH HOH A . 
C 3 HOH 16  1017 16   HOH HOH A . 
C 3 HOH 17  1018 17   HOH HOH A . 
C 3 HOH 18  1019 18   HOH HOH A . 
C 3 HOH 19  1020 19   HOH HOH A . 
C 3 HOH 20  1021 20   HOH HOH A . 
C 3 HOH 21  1022 21   HOH HOH A . 
C 3 HOH 22  1023 22   HOH HOH A . 
C 3 HOH 23  1024 23   HOH HOH A . 
C 3 HOH 24  1025 24   HOH HOH A . 
C 3 HOH 25  1026 25   HOH HOH A . 
C 3 HOH 26  1027 26   HOH HOH A . 
C 3 HOH 27  1028 27   HOH HOH A . 
C 3 HOH 28  1029 28   HOH HOH A . 
C 3 HOH 29  1030 29   HOH HOH A . 
C 3 HOH 30  1031 30   HOH HOH A . 
C 3 HOH 31  1032 31   HOH HOH A . 
C 3 HOH 32  1033 32   HOH HOH A . 
C 3 HOH 33  1034 33   HOH HOH A . 
C 3 HOH 34  1035 34   HOH HOH A . 
C 3 HOH 35  1036 35   HOH HOH A . 
C 3 HOH 36  1037 36   HOH HOH A . 
C 3 HOH 37  1038 37   HOH HOH A . 
C 3 HOH 38  1039 38   HOH HOH A . 
C 3 HOH 39  1040 39   HOH HOH A . 
C 3 HOH 40  1041 40   HOH HOH A . 
C 3 HOH 41  1042 41   HOH HOH A . 
C 3 HOH 42  1043 42   HOH HOH A . 
C 3 HOH 43  1044 43   HOH HOH A . 
C 3 HOH 44  1045 44   HOH HOH A . 
C 3 HOH 45  1046 45   HOH HOH A . 
C 3 HOH 46  1047 46   HOH HOH A . 
C 3 HOH 47  1048 47   HOH HOH A . 
C 3 HOH 48  1049 48   HOH HOH A . 
C 3 HOH 49  1050 49   HOH HOH A . 
C 3 HOH 50  1051 50   HOH HOH A . 
C 3 HOH 51  1052 51   HOH HOH A . 
C 3 HOH 52  1053 52   HOH HOH A . 
C 3 HOH 53  1054 53   HOH HOH A . 
C 3 HOH 54  1055 54   HOH HOH A . 
C 3 HOH 55  1056 55   HOH HOH A . 
C 3 HOH 56  1057 56   HOH HOH A . 
C 3 HOH 57  1058 57   HOH HOH A . 
C 3 HOH 58  1059 58   HOH HOH A . 
C 3 HOH 59  1060 59   HOH HOH A . 
C 3 HOH 60  1061 60   HOH HOH A . 
C 3 HOH 61  1062 61   HOH HOH A . 
C 3 HOH 62  1063 62   HOH HOH A . 
C 3 HOH 63  1064 63   HOH HOH A . 
C 3 HOH 64  1065 64   HOH HOH A . 
C 3 HOH 65  1066 65   HOH HOH A . 
C 3 HOH 66  1067 66   HOH HOH A . 
C 3 HOH 67  1068 67   HOH HOH A . 
C 3 HOH 68  1069 68   HOH HOH A . 
C 3 HOH 69  1070 69   HOH HOH A . 
C 3 HOH 70  1071 70   HOH HOH A . 
C 3 HOH 71  1072 71   HOH HOH A . 
C 3 HOH 72  1073 72   HOH HOH A . 
C 3 HOH 73  1074 73   HOH HOH A . 
C 3 HOH 74  1075 74   HOH HOH A . 
C 3 HOH 75  1076 75   HOH HOH A . 
C 3 HOH 76  1077 76   HOH HOH A . 
C 3 HOH 77  1078 77   HOH HOH A . 
C 3 HOH 78  1079 78   HOH HOH A . 
C 3 HOH 79  1080 79   HOH HOH A . 
C 3 HOH 80  1081 80   HOH HOH A . 
C 3 HOH 81  1082 81   HOH HOH A . 
C 3 HOH 82  1083 82   HOH HOH A . 
C 3 HOH 83  1084 83   HOH HOH A . 
C 3 HOH 84  1085 84   HOH HOH A . 
C 3 HOH 85  1086 85   HOH HOH A . 
C 3 HOH 86  1087 86   HOH HOH A . 
C 3 HOH 87  1088 87   HOH HOH A . 
C 3 HOH 88  1089 88   HOH HOH A . 
C 3 HOH 89  1090 89   HOH HOH A . 
C 3 HOH 90  1091 90   HOH HOH A . 
C 3 HOH 91  1092 91   HOH HOH A . 
C 3 HOH 92  1093 92   HOH HOH A . 
C 3 HOH 93  1094 93   HOH HOH A . 
C 3 HOH 94  1095 94   HOH HOH A . 
C 3 HOH 95  1096 95   HOH HOH A . 
C 3 HOH 96  1097 96   HOH HOH A . 
C 3 HOH 97  1098 97   HOH HOH A . 
C 3 HOH 98  1099 98   HOH HOH A . 
C 3 HOH 99  1100 99   HOH HOH A . 
C 3 HOH 100 1101 100  HOH HOH A . 
C 3 HOH 101 1102 101  HOH HOH A . 
C 3 HOH 102 1103 102  HOH HOH A . 
C 3 HOH 103 1104 103  HOH HOH A . 
C 3 HOH 104 1105 104  HOH HOH A . 
C 3 HOH 105 1106 105  HOH HOH A . 
C 3 HOH 106 1107 106  HOH HOH A . 
C 3 HOH 107 1108 107  HOH HOH A . 
C 3 HOH 108 1109 108  HOH HOH A . 
C 3 HOH 109 1110 109  HOH HOH A . 
C 3 HOH 110 1111 110  HOH HOH A . 
C 3 HOH 111 1112 111  HOH HOH A . 
C 3 HOH 112 1113 112  HOH HOH A . 
C 3 HOH 113 1114 113  HOH HOH A . 
C 3 HOH 114 1115 114  HOH HOH A . 
C 3 HOH 115 1116 115  HOH HOH A . 
C 3 HOH 116 1117 116  HOH HOH A . 
C 3 HOH 117 1118 117  HOH HOH A . 
C 3 HOH 118 1119 118  HOH HOH A . 
C 3 HOH 119 1120 119  HOH HOH A . 
C 3 HOH 120 1121 120  HOH HOH A . 
C 3 HOH 121 1122 121  HOH HOH A . 
C 3 HOH 122 1123 122  HOH HOH A . 
C 3 HOH 123 1124 123  HOH HOH A . 
C 3 HOH 124 1125 124  HOH HOH A . 
C 3 HOH 125 1126 125  HOH HOH A . 
C 3 HOH 126 1127 126  HOH HOH A . 
C 3 HOH 127 1128 127  HOH HOH A . 
C 3 HOH 128 1129 128  HOH HOH A . 
C 3 HOH 129 1130 129  HOH HOH A . 
C 3 HOH 130 1131 130  HOH HOH A . 
C 3 HOH 131 1132 131  HOH HOH A . 
C 3 HOH 132 1133 132  HOH HOH A . 
C 3 HOH 133 1134 133  HOH HOH A . 
C 3 HOH 134 1135 134  HOH HOH A . 
C 3 HOH 135 1136 135  HOH HOH A . 
C 3 HOH 136 1137 136  HOH HOH A . 
C 3 HOH 137 1138 137  HOH HOH A . 
C 3 HOH 138 1139 138  HOH HOH A . 
C 3 HOH 139 1140 139  HOH HOH A . 
C 3 HOH 140 1141 140  HOH HOH A . 
C 3 HOH 141 1142 141  HOH HOH A . 
C 3 HOH 142 1143 142  HOH HOH A . 
C 3 HOH 143 1144 143  HOH HOH A . 
C 3 HOH 144 1145 144  HOH HOH A . 
C 3 HOH 145 1146 145  HOH HOH A . 
C 3 HOH 146 1147 146  HOH HOH A . 
C 3 HOH 147 1148 147  HOH HOH A . 
C 3 HOH 148 1149 148  HOH HOH A . 
C 3 HOH 149 1150 149  HOH HOH A . 
C 3 HOH 150 1151 150  HOH HOH A . 
C 3 HOH 151 1152 151  HOH HOH A . 
C 3 HOH 152 1153 152  HOH HOH A . 
C 3 HOH 153 1154 153  HOH HOH A . 
C 3 HOH 154 1155 154  HOH HOH A . 
C 3 HOH 155 1156 155  HOH HOH A . 
C 3 HOH 156 1157 156  HOH HOH A . 
C 3 HOH 157 1158 157  HOH HOH A . 
C 3 HOH 158 1159 158  HOH HOH A . 
C 3 HOH 159 1160 159  HOH HOH A . 
C 3 HOH 160 1161 160  HOH HOH A . 
C 3 HOH 161 1162 161  HOH HOH A . 
C 3 HOH 162 1163 162  HOH HOH A . 
C 3 HOH 163 1164 163  HOH HOH A . 
C 3 HOH 164 1165 164  HOH HOH A . 
C 3 HOH 165 1166 165  HOH HOH A . 
C 3 HOH 166 1167 166  HOH HOH A . 
C 3 HOH 167 1168 167  HOH HOH A . 
C 3 HOH 168 1169 168  HOH HOH A . 
C 3 HOH 169 1170 169  HOH HOH A . 
C 3 HOH 170 1171 170  HOH HOH A . 
C 3 HOH 171 1172 171  HOH HOH A . 
C 3 HOH 172 1173 172  HOH HOH A . 
C 3 HOH 173 1174 173  HOH HOH A . 
C 3 HOH 174 1175 174  HOH HOH A . 
C 3 HOH 175 1176 175  HOH HOH A . 
C 3 HOH 176 1177 176  HOH HOH A . 
C 3 HOH 177 1178 177  HOH HOH A . 
C 3 HOH 178 1179 178  HOH HOH A . 
C 3 HOH 179 1180 179  HOH HOH A . 
C 3 HOH 180 1181 180  HOH HOH A . 
C 3 HOH 181 1182 181  HOH HOH A . 
C 3 HOH 182 1183 182  HOH HOH A . 
C 3 HOH 183 1184 183  HOH HOH A . 
C 3 HOH 184 1185 184  HOH HOH A . 
C 3 HOH 185 1186 185  HOH HOH A . 
C 3 HOH 186 1187 186  HOH HOH A . 
C 3 HOH 187 1188 187  HOH HOH A . 
C 3 HOH 188 1189 188  HOH HOH A . 
C 3 HOH 189 1190 189  HOH HOH A . 
C 3 HOH 190 1191 190  HOH HOH A . 
C 3 HOH 191 1192 191  HOH HOH A . 
C 3 HOH 192 1193 192  HOH HOH A . 
C 3 HOH 193 1194 193  HOH HOH A . 
C 3 HOH 194 1195 194  HOH HOH A . 
C 3 HOH 195 1196 195  HOH HOH A . 
C 3 HOH 196 1197 196  HOH HOH A . 
C 3 HOH 197 1198 197  HOH HOH A . 
C 3 HOH 198 1199 198  HOH HOH A . 
C 3 HOH 199 1200 199  HOH HOH A . 
C 3 HOH 200 1201 200  HOH HOH A . 
C 3 HOH 201 1202 201  HOH HOH A . 
C 3 HOH 202 1203 202  HOH HOH A . 
C 3 HOH 203 1204 203  HOH HOH A . 
C 3 HOH 204 1205 204  HOH HOH A . 
C 3 HOH 205 1206 205  HOH HOH A . 
C 3 HOH 206 1207 206  HOH HOH A . 
C 3 HOH 207 1208 207  HOH HOH A . 
C 3 HOH 208 1209 208  HOH HOH A . 
C 3 HOH 209 1210 209  HOH HOH A . 
C 3 HOH 210 1211 210  HOH HOH A . 
C 3 HOH 211 1212 211  HOH HOH A . 
C 3 HOH 212 1213 212  HOH HOH A . 
C 3 HOH 213 1214 213  HOH HOH A . 
C 3 HOH 214 1215 214  HOH HOH A . 
C 3 HOH 215 1216 215  HOH HOH A . 
C 3 HOH 216 1217 216  HOH HOH A . 
C 3 HOH 217 1218 217  HOH HOH A . 
C 3 HOH 218 1219 218  HOH HOH A . 
C 3 HOH 219 1220 219  HOH HOH A . 
C 3 HOH 220 1221 220  HOH HOH A . 
C 3 HOH 221 1222 221  HOH HOH A . 
C 3 HOH 222 1223 222  HOH HOH A . 
C 3 HOH 223 1224 223  HOH HOH A . 
C 3 HOH 224 1225 224  HOH HOH A . 
C 3 HOH 225 1226 225  HOH HOH A . 
C 3 HOH 226 1227 226  HOH HOH A . 
C 3 HOH 227 1228 227  HOH HOH A . 
C 3 HOH 228 1229 228  HOH HOH A . 
C 3 HOH 229 1230 229  HOH HOH A . 
C 3 HOH 230 1231 230  HOH HOH A . 
C 3 HOH 231 1232 231  HOH HOH A . 
# 
loop_
_software.name 
_software.classification 
_software.version 
_software.citation_id 
_software.pdbx_ordinal 
DENZO     'data reduction' .     ? 1 
SCALEPACK 'data scaling'   .     ? 2 
SOLVE     phasing          .     ? 3 
DM        'model building' .     ? 4 
ARP/wARP  'model building' .     ? 5 
X-PLOR    refinement       3.851 ? 6 
DM        phasing          .     ? 7 
# 
_cell.entry_id           1IO0 
_cell.length_a           69.294 
_cell.length_b           69.294 
_cell.length_c           101.223 
_cell.angle_alpha        90.00 
_cell.angle_beta         90.00 
_cell.angle_gamma        120.00 
_cell.Z_PDB              9 
_cell.pdbx_unique_axis   ? 
# 
_symmetry.entry_id                         1IO0 
_symmetry.space_group_name_H-M             'H 3' 
_symmetry.pdbx_full_space_group_name_H-M   ? 
_symmetry.cell_setting                     ? 
_symmetry.Int_Tables_number                146 
# 
_exptl.entry_id          1IO0 
_exptl.method            'X-RAY DIFFRACTION' 
_exptl.crystals_number   1 
# 
_exptl_crystal.id                    1 
_exptl_crystal.density_meas          ? 
_exptl_crystal.density_Matthews      2.3 
_exptl_crystal.density_percent_sol   45.3 
_exptl_crystal.description           ? 
# 
_exptl_crystal_grow.crystal_id      1 
_exptl_crystal_grow.method          'VAPOR DIFFUSION, HANGING DROP' 
_exptl_crystal_grow.temp            295 
_exptl_crystal_grow.temp_details    ? 
_exptl_crystal_grow.pH              6.5 
_exptl_crystal_grow.pdbx_details    'PEG 400, zinc sulfate, MES, pH 6.5, VAPOR DIFFUSION, HANGING DROP, temperature 295K' 
_exptl_crystal_grow.pdbx_pH_range   . 
# 
_diffrn.id                     1 
_diffrn.ambient_temp           100 
_diffrn.ambient_temp_details   ? 
_diffrn.crystal_id             1 
# 
_diffrn_detector.diffrn_id              1 
_diffrn_detector.detector               CCD 
_diffrn_detector.type                   MARRESEARCH 
_diffrn_detector.pdbx_collection_date   2000-10-13 
_diffrn_detector.details                ? 
# 
_diffrn_radiation.diffrn_id                        1 
_diffrn_radiation.wavelength_id                    1 
_diffrn_radiation.pdbx_monochromatic_or_laue_m_l   M 
_diffrn_radiation.monochromator                    'Si(111)' 
_diffrn_radiation.pdbx_diffrn_protocol             'SINGLE WAVELENGTH' 
_diffrn_radiation.pdbx_scattering_type             x-ray 
# 
_diffrn_radiation_wavelength.id           1 
_diffrn_radiation_wavelength.wavelength   0.7 
_diffrn_radiation_wavelength.wt           1.0 
# 
_diffrn_source.diffrn_id                   1 
_diffrn_source.source                      SYNCHROTRON 
_diffrn_source.type                        'SPRING-8 BEAMLINE BL44B2' 
_diffrn_source.pdbx_synchrotron_site       SPring-8 
_diffrn_source.pdbx_synchrotron_beamline   BL44B2 
_diffrn_source.pdbx_wavelength             ? 
_diffrn_source.pdbx_wavelength_list        0.7 
# 
_reflns.entry_id                     1IO0 
_reflns.observed_criterion_sigma_I   0 
_reflns.observed_criterion_sigma_F   ? 
_reflns.d_resolution_low             20 
_reflns.d_resolution_high            1.45 
_reflns.number_obs                   31954 
_reflns.number_all                   31971 
_reflns.percent_possible_obs         100 
_reflns.pdbx_Rmerge_I_obs            0.076 
_reflns.pdbx_Rsym_value              ? 
_reflns.pdbx_netI_over_sigmaI        13.4 
_reflns.B_iso_Wilson_estimate        17.31 
_reflns.pdbx_redundancy              11.2 
_reflns.R_free_details               ? 
_reflns.limit_h_max                  ? 
_reflns.limit_h_min                  ? 
_reflns.limit_k_max                  ? 
_reflns.limit_k_min                  ? 
_reflns.limit_l_max                  ? 
_reflns.limit_l_min                  ? 
_reflns.observed_criterion_F_max     ? 
_reflns.observed_criterion_F_min     ? 
_reflns.pdbx_diffrn_id               1 
_reflns.pdbx_ordinal                 1 
# 
_reflns_shell.d_res_high             1.45 
_reflns_shell.d_res_low              1.5 
_reflns_shell.percent_possible_all   100 
_reflns_shell.Rmerge_I_obs           0.286 
_reflns_shell.pdbx_Rsym_value        ? 
_reflns_shell.meanI_over_sigI_obs    ? 
_reflns_shell.pdbx_redundancy        ? 
_reflns_shell.percent_possible_obs   ? 
_reflns_shell.number_unique_all      ? 
_reflns_shell.pdbx_diffrn_id         ? 
_reflns_shell.pdbx_ordinal           1 
# 
_refine.entry_id                                 1IO0 
_refine.ls_number_reflns_obs                     31866 
_refine.ls_number_reflns_all                     31866 
_refine.pdbx_ls_sigma_I                          ? 
_refine.pdbx_ls_sigma_F                          2.00 
_refine.pdbx_data_cutoff_high_absF               1000000 
_refine.pdbx_data_cutoff_low_absF                0.001 
_refine.ls_d_res_low                             10.0 
_refine.ls_d_res_high                            1.45 
_refine.ls_percent_reflns_obs                    99.4 
_refine.ls_R_factor_obs                          ? 
_refine.ls_R_factor_all                          ? 
_refine.ls_R_factor_R_work                       0.203 
_refine.ls_R_factor_R_free                       0.22 
_refine.ls_R_factor_R_free_error                 ? 
_refine.ls_R_factor_R_free_error_details         ? 
_refine.ls_percent_reflns_R_free                 5.00 
_refine.ls_number_reflns_R_free                  1602 
_refine.ls_number_parameters                     ? 
_refine.ls_number_restraints                     ? 
_refine.occupancy_min                            ? 
_refine.occupancy_max                            ? 
_refine.B_iso_mean                               18.89 
_refine.aniso_B[1][1]                            ? 
_refine.aniso_B[2][2]                            ? 
_refine.aniso_B[3][3]                            ? 
_refine.aniso_B[1][2]                            ? 
_refine.aniso_B[1][3]                            ? 
_refine.aniso_B[2][3]                            ? 
_refine.solvent_model_details                    ? 
_refine.solvent_model_param_ksol                 ? 
_refine.solvent_model_param_bsol                 ? 
_refine.pdbx_ls_cross_valid_method               THROUGHOUT 
_refine.details                                  
'THE PROGRAM REFMAC (CCP4) WAS ALSO USED IN REFINEMENT PROCESS FOR DATA AT 20.0-1.45 A' 
_refine.pdbx_starting_model                      ? 
_refine.pdbx_method_to_determine_struct          MAD 
_refine.pdbx_isotropic_thermal_model             ? 
_refine.pdbx_stereochemistry_target_values       'Engh & Huber' 
_refine.pdbx_stereochem_target_val_spec_case     ? 
_refine.pdbx_R_Free_selection_details            RANDOM 
_refine.pdbx_overall_ESU_R_Free                  ? 
_refine.overall_SU_B                             ? 
_refine.ls_redundancy_reflns_obs                 ? 
_refine.B_iso_min                                ? 
_refine.B_iso_max                                ? 
_refine.correlation_coeff_Fo_to_Fc               ? 
_refine.overall_SU_R_Cruickshank_DPI             ? 
_refine.overall_SU_R_free                        ? 
_refine.overall_SU_ML                            ? 
_refine.pdbx_overall_ESU_R                       ? 
_refine.pdbx_data_cutoff_high_rms_absF           ? 
_refine.correlation_coeff_Fo_to_Fc_free          ? 
_refine.pdbx_solvent_vdw_probe_radii             ? 
_refine.pdbx_solvent_ion_probe_radii             ? 
_refine.pdbx_solvent_shrinkage_radii             ? 
_refine.pdbx_refine_id                           'X-RAY DIFFRACTION' 
_refine.pdbx_diffrn_id                           1 
_refine.pdbx_TLS_residual_ADP_flag               ? 
_refine.pdbx_overall_phase_error                 ? 
_refine.pdbx_overall_SU_R_free_Cruickshank_DPI   ? 
_refine.pdbx_overall_SU_R_Blow_DPI               ? 
_refine.pdbx_overall_SU_R_free_Blow_DPI          ? 
# 
_refine_analyze.entry_id                        1IO0 
_refine_analyze.Luzzati_coordinate_error_obs    0.181 
_refine_analyze.Luzzati_sigma_a_obs             0.174 
_refine_analyze.Luzzati_d_res_low_obs           5.00 
_refine_analyze.Luzzati_coordinate_error_free   0.195 
_refine_analyze.Luzzati_sigma_a_free            0.161 
_refine_analyze.Luzzati_d_res_low_free          ? 
_refine_analyze.number_disordered_residues      ? 
_refine_analyze.occupancy_sum_hydrogen          ? 
_refine_analyze.occupancy_sum_non_hydrogen      ? 
_refine_analyze.pdbx_Luzzati_d_res_high_obs     ? 
_refine_analyze.pdbx_refine_id                  'X-RAY DIFFRACTION' 
# 
_refine_hist.pdbx_refine_id                   'X-RAY DIFFRACTION' 
_refine_hist.cycle_id                         LAST 
_refine_hist.pdbx_number_atoms_protein        1297 
_refine_hist.pdbx_number_atoms_nucleic_acid   0 
_refine_hist.pdbx_number_atoms_ligand         1 
_refine_hist.number_atoms_solvent             231 
_refine_hist.number_atoms_total               1529 
_refine_hist.d_res_high                       1.45 
_refine_hist.d_res_low                        10.0 
# 
loop_
_refine_ls_restr.type 
_refine_ls_restr.dev_ideal 
_refine_ls_restr.dev_ideal_target 
_refine_ls_restr.weight 
_refine_ls_restr.number 
_refine_ls_restr.pdbx_refine_id 
_refine_ls_restr.pdbx_restraint_function 
x_angle_deg        1.052  ?   ? ? 'X-RAY DIFFRACTION' ? 
x_bond_d           0.005  ?   ? ? 'X-RAY DIFFRACTION' ? 
x_dihedral_angle_d 24.073 ?   ? ? 'X-RAY DIFFRACTION' ? 
x_improper_angle_d 0.566  ?   ? ? 'X-RAY DIFFRACTION' ? 
x_mcbond_it        1.003  1.5 ? ? 'X-RAY DIFFRACTION' ? 
x_mcangle_it       1.587  2.0 ? ? 'X-RAY DIFFRACTION' ? 
x_scbond_it        2.412  2.0 ? ? 'X-RAY DIFFRACTION' ? 
x_scangle_it       3.959  2.5 ? ? 'X-RAY DIFFRACTION' ? 
# 
_refine_ls_shell.pdbx_total_number_of_bins_used   8 
_refine_ls_shell.d_res_high                       1.45 
_refine_ls_shell.d_res_low                        1.52 
_refine_ls_shell.number_reflns_R_work             3641 
_refine_ls_shell.R_factor_R_work                  0.286 
_refine_ls_shell.percent_reflns_obs               95.5 
_refine_ls_shell.R_factor_R_free                  0.283 
_refine_ls_shell.R_factor_R_free_error            ? 
_refine_ls_shell.percent_reflns_R_free            4.14 
_refine_ls_shell.number_reflns_R_free             165 
_refine_ls_shell.number_reflns_obs                ? 
_refine_ls_shell.redundancy_reflns_obs            ? 
_refine_ls_shell.number_reflns_all                ? 
_refine_ls_shell.pdbx_refine_id                   'X-RAY DIFFRACTION' 
_refine_ls_shell.R_factor_all                     ? 
# 
loop_
_pdbx_xplor_file.serial_no 
_pdbx_xplor_file.param_file 
_pdbx_xplor_file.topol_file 
_pdbx_xplor_file.pdbx_refine_id 
1 protein_rep.param tophcsdx.pro.top 'X-RAY DIFFRACTION' 
2 ?                 toph19.sol.top   'X-RAY DIFFRACTION' 
# 
_struct.entry_id                  1IO0 
_struct.title                     'CRYSTAL STRUCTURE OF TROPOMODULIN C-TERMINAL HALF' 
_struct.pdbx_model_details        ? 
_struct.pdbx_CASP_flag            ? 
_struct.pdbx_model_type_details   ? 
# 
_struct_keywords.entry_id        1IO0 
_struct_keywords.pdbx_keywords   'PROTEIN BINDING' 
_struct_keywords.text            'LRR protein, right-handed super-helix, PROTEIN BINDING' 
# 
loop_
_struct_asym.id 
_struct_asym.pdbx_blank_PDB_chainid_flag 
_struct_asym.pdbx_modified 
_struct_asym.entity_id 
_struct_asym.details 
A N N 1 ? 
B N N 2 ? 
C N N 3 ? 
# 
_struct_ref.id                         1 
_struct_ref.db_name                    UNP 
_struct_ref.db_code                    Q9DEA6_CHICK 
_struct_ref.entity_id                  1 
_struct_ref.pdbx_seq_one_letter_code   
;GLNSVIKPTKYKPVPDEEPNSTDVEETLKRIQNNDPDLEEVNLNNIMNIPVPTLKACAEALKTNTYVKKFSIVGTRSNDP
VAFALAEMLKVNNTLKSLNVESNFISGSGILALVEALQSNTSLIELRIDNQSQPLGNNVEMEIANMLEKNTTLLKFGYHF
TQQGPRLRASNAMMNNNDLVRKRRL
;
_struct_ref.pdbx_align_begin           146 
_struct_ref.pdbx_db_accession          Q9DEA6 
_struct_ref.pdbx_db_isoform            ? 
# 
_struct_ref_seq.align_id                      1 
_struct_ref_seq.ref_id                        1 
_struct_ref_seq.pdbx_PDB_id_code              1IO0 
_struct_ref_seq.pdbx_strand_id                A 
_struct_ref_seq.seq_align_beg                 1 
_struct_ref_seq.pdbx_seq_align_beg_ins_code   ? 
_struct_ref_seq.seq_align_end                 185 
_struct_ref_seq.pdbx_seq_align_end_ins_code   ? 
_struct_ref_seq.pdbx_db_accession             Q9DEA6 
_struct_ref_seq.db_align_beg                  146 
_struct_ref_seq.pdbx_db_align_beg_ins_code    ? 
_struct_ref_seq.db_align_end                  330 
_struct_ref_seq.pdbx_db_align_end_ins_code    ? 
_struct_ref_seq.pdbx_auth_seq_align_beg       160 
_struct_ref_seq.pdbx_auth_seq_align_end       344 
# 
_pdbx_struct_assembly.id                   1 
_pdbx_struct_assembly.details              author_defined_assembly 
_pdbx_struct_assembly.method_details       ? 
_pdbx_struct_assembly.oligomeric_details   monomeric 
_pdbx_struct_assembly.oligomeric_count     1 
# 
_pdbx_struct_assembly_gen.assembly_id       1 
_pdbx_struct_assembly_gen.oper_expression   1 
_pdbx_struct_assembly_gen.asym_id_list      A,B,C 
# 
_pdbx_struct_oper_list.id                   1 
_pdbx_struct_oper_list.type                 'identity operation' 
_pdbx_struct_oper_list.name                 1_555 
_pdbx_struct_oper_list.symmetry_operation   x,y,z 
_pdbx_struct_oper_list.matrix[1][1]         1.0000000000 
_pdbx_struct_oper_list.matrix[1][2]         0.0000000000 
_pdbx_struct_oper_list.matrix[1][3]         0.0000000000 
_pdbx_struct_oper_list.vector[1]            0.0000000000 
_pdbx_struct_oper_list.matrix[2][1]         0.0000000000 
_pdbx_struct_oper_list.matrix[2][2]         1.0000000000 
_pdbx_struct_oper_list.matrix[2][3]         0.0000000000 
_pdbx_struct_oper_list.vector[2]            0.0000000000 
_pdbx_struct_oper_list.matrix[3][1]         0.0000000000 
_pdbx_struct_oper_list.matrix[3][2]         0.0000000000 
_pdbx_struct_oper_list.matrix[3][3]         1.0000000000 
_pdbx_struct_oper_list.vector[3]            0.0000000000 
# 
_struct_biol.id                    1 
_struct_biol.pdbx_parent_biol_id   ? 
_struct_biol.details               ? 
# 
loop_
_struct_conf.conf_type_id 
_struct_conf.id 
_struct_conf.pdbx_PDB_helix_id 
_struct_conf.beg_label_comp_id 
_struct_conf.beg_label_asym_id 
_struct_conf.beg_label_seq_id 
_struct_conf.pdbx_beg_PDB_ins_code 
_struct_conf.end_label_comp_id 
_struct_conf.end_label_asym_id 
_struct_conf.end_label_seq_id 
_struct_conf.pdbx_end_PDB_ins_code 
_struct_conf.beg_auth_comp_id 
_struct_conf.beg_auth_asym_id 
_struct_conf.beg_auth_seq_id 
_struct_conf.end_auth_comp_id 
_struct_conf.end_auth_asym_id 
_struct_conf.end_auth_seq_id 
_struct_conf.pdbx_PDB_helix_class 
_struct_conf.details 
_struct_conf.pdbx_PDB_helix_length 
HELX_P HELX_P1 1 ASP A 23  ? ASN A 33  ? ASP A 182 ASN A 192 1 ? 11 
HELX_P HELX_P2 2 PRO A 50  ? LYS A 62  ? PRO A 209 LYS A 221 1 ? 13 
HELX_P HELX_P3 3 ASN A 78  ? LYS A 90  ? ASN A 237 LYS A 249 1 ? 13 
HELX_P HELX_P4 4 SER A 106 ? ALA A 116 ? SER A 265 ALA A 275 1 ? 11 
HELX_P HELX_P5 5 LEU A 117 ? ASN A 120 ? LEU A 276 ASN A 279 5 ? 4  
HELX_P HELX_P6 6 GLY A 136 ? LYS A 149 ? GLY A 295 LYS A 308 1 ? 14 
HELX_P HELX_P7 7 GLN A 162 ? ARG A 184 ? GLN A 321 ARG A 343 1 ? 23 
# 
_struct_conf_type.id          HELX_P 
_struct_conf_type.criteria    ? 
_struct_conf_type.reference   ? 
# 
loop_
_struct_conn.id 
_struct_conn.conn_type_id 
_struct_conn.pdbx_leaving_atom_flag 
_struct_conn.pdbx_PDB_id 
_struct_conn.ptnr1_label_asym_id 
_struct_conn.ptnr1_label_comp_id 
_struct_conn.ptnr1_label_seq_id 
_struct_conn.ptnr1_label_atom_id 
_struct_conn.pdbx_ptnr1_label_alt_id 
_struct_conn.pdbx_ptnr1_PDB_ins_code 
_struct_conn.pdbx_ptnr1_standard_comp_id 
_struct_conn.ptnr1_symmetry 
_struct_conn.ptnr2_label_asym_id 
_struct_conn.ptnr2_label_comp_id 
_struct_conn.ptnr2_label_seq_id 
_struct_conn.ptnr2_label_atom_id 
_struct_conn.pdbx_ptnr2_label_alt_id 
_struct_conn.pdbx_ptnr2_PDB_ins_code 
_struct_conn.ptnr1_auth_asym_id 
_struct_conn.ptnr1_auth_comp_id 
_struct_conn.ptnr1_auth_seq_id 
_struct_conn.ptnr2_auth_asym_id 
_struct_conn.ptnr2_auth_comp_id 
_struct_conn.ptnr2_auth_seq_id 
_struct_conn.ptnr2_symmetry 
_struct_conn.pdbx_ptnr3_label_atom_id 
_struct_conn.pdbx_ptnr3_label_seq_id 
_struct_conn.pdbx_ptnr3_label_comp_id 
_struct_conn.pdbx_ptnr3_label_asym_id 
_struct_conn.pdbx_ptnr3_label_alt_id 
_struct_conn.pdbx_ptnr3_PDB_ins_code 
_struct_conn.details 
_struct_conn.pdbx_dist_value 
_struct_conn.pdbx_value_order 
_struct_conn.pdbx_role 
metalc1 metalc ? ? A ASP 35  OD2 ? ? ? 6_455 B ZN . ZN ? ? A ASP 194 A ZN 1001 1_555 ? ? ? ? ? ? ? 1.941 ? ? 
metalc2 metalc ? ? A ASP 37  OD1 ? ? ? 6_455 B ZN . ZN ? ? A ASP 196 A ZN 1001 1_555 ? ? ? ? ? ? ? 2.703 ? ? 
metalc3 metalc ? ? A ASP 37  OD2 ? ? ? 6_455 B ZN . ZN ? ? A ASP 196 A ZN 1001 1_555 ? ? ? ? ? ? ? 2.011 ? ? 
metalc4 metalc ? ? A ASP 129 OD1 ? ? ? 1_555 B ZN . ZN ? ? A ASP 288 A ZN 1001 1_555 ? ? ? ? ? ? ? 2.055 ? ? 
metalc5 metalc ? ? A HIS 159 ND1 ? ? ? 1_555 B ZN . ZN ? ? A HIS 318 A ZN 1001 1_555 ? ? ? ? ? ? ? 2.027 ? ? 
# 
_struct_conn_type.id          metalc 
_struct_conn_type.criteria    ? 
_struct_conn_type.reference   ? 
# 
loop_
_pdbx_struct_conn_angle.id 
_pdbx_struct_conn_angle.ptnr1_label_atom_id 
_pdbx_struct_conn_angle.ptnr1_label_alt_id 
_pdbx_struct_conn_angle.ptnr1_label_asym_id 
_pdbx_struct_conn_angle.ptnr1_label_comp_id 
_pdbx_struct_conn_angle.ptnr1_label_seq_id 
_pdbx_struct_conn_angle.ptnr1_auth_atom_id 
_pdbx_struct_conn_angle.ptnr1_auth_asym_id 
_pdbx_struct_conn_angle.ptnr1_auth_comp_id 
_pdbx_struct_conn_angle.ptnr1_auth_seq_id 
_pdbx_struct_conn_angle.ptnr1_PDB_ins_code 
_pdbx_struct_conn_angle.ptnr1_symmetry 
_pdbx_struct_conn_angle.ptnr2_label_atom_id 
_pdbx_struct_conn_angle.ptnr2_label_alt_id 
_pdbx_struct_conn_angle.ptnr2_label_asym_id 
_pdbx_struct_conn_angle.ptnr2_label_comp_id 
_pdbx_struct_conn_angle.ptnr2_label_seq_id 
_pdbx_struct_conn_angle.ptnr2_auth_atom_id 
_pdbx_struct_conn_angle.ptnr2_auth_asym_id 
_pdbx_struct_conn_angle.ptnr2_auth_comp_id 
_pdbx_struct_conn_angle.ptnr2_auth_seq_id 
_pdbx_struct_conn_angle.ptnr2_PDB_ins_code 
_pdbx_struct_conn_angle.ptnr2_symmetry 
_pdbx_struct_conn_angle.ptnr3_label_atom_id 
_pdbx_struct_conn_angle.ptnr3_label_alt_id 
_pdbx_struct_conn_angle.ptnr3_label_asym_id 
_pdbx_struct_conn_angle.ptnr3_label_comp_id 
_pdbx_struct_conn_angle.ptnr3_label_seq_id 
_pdbx_struct_conn_angle.ptnr3_auth_atom_id 
_pdbx_struct_conn_angle.ptnr3_auth_asym_id 
_pdbx_struct_conn_angle.ptnr3_auth_comp_id 
_pdbx_struct_conn_angle.ptnr3_auth_seq_id 
_pdbx_struct_conn_angle.ptnr3_PDB_ins_code 
_pdbx_struct_conn_angle.ptnr3_symmetry 
_pdbx_struct_conn_angle.value 
_pdbx_struct_conn_angle.value_esd 
1  OD2 ? A ASP 35  ? A ASP 194 ? 6_455 ZN ? B ZN . ? A ZN 1001 ? 1_555 OD1 ? A ASP 37  ? A ASP 196 ? 6_455 75.0  ? 
2  OD2 ? A ASP 35  ? A ASP 194 ? 6_455 ZN ? B ZN . ? A ZN 1001 ? 1_555 OD2 ? A ASP 37  ? A ASP 196 ? 6_455 118.1 ? 
3  OD1 ? A ASP 37  ? A ASP 196 ? 6_455 ZN ? B ZN . ? A ZN 1001 ? 1_555 OD2 ? A ASP 37  ? A ASP 196 ? 6_455 53.0  ? 
4  OD2 ? A ASP 35  ? A ASP 194 ? 6_455 ZN ? B ZN . ? A ZN 1001 ? 1_555 OD1 ? A ASP 129 ? A ASP 288 ? 1_555 117.9 ? 
5  OD1 ? A ASP 37  ? A ASP 196 ? 6_455 ZN ? B ZN . ? A ZN 1001 ? 1_555 OD1 ? A ASP 129 ? A ASP 288 ? 1_555 143.1 ? 
6  OD2 ? A ASP 37  ? A ASP 196 ? 6_455 ZN ? B ZN . ? A ZN 1001 ? 1_555 OD1 ? A ASP 129 ? A ASP 288 ? 1_555 93.2  ? 
7  OD2 ? A ASP 35  ? A ASP 194 ? 6_455 ZN ? B ZN . ? A ZN 1001 ? 1_555 ND1 ? A HIS 159 ? A HIS 318 ? 1_555 106.6 ? 
8  OD1 ? A ASP 37  ? A ASP 196 ? 6_455 ZN ? B ZN . ? A ZN 1001 ? 1_555 ND1 ? A HIS 159 ? A HIS 318 ? 1_555 102.6 ? 
9  OD2 ? A ASP 37  ? A ASP 196 ? 6_455 ZN ? B ZN . ? A ZN 1001 ? 1_555 ND1 ? A HIS 159 ? A HIS 318 ? 1_555 114.7 ? 
10 OD1 ? A ASP 129 ? A ASP 288 ? 1_555 ZN ? B ZN . ? A ZN 1001 ? 1_555 ND1 ? A HIS 159 ? A HIS 318 ? 1_555 105.6 ? 
# 
_struct_sheet.id               A 
_struct_sheet.type             ? 
_struct_sheet.number_strands   5 
_struct_sheet.details          ? 
# 
loop_
_struct_sheet_order.sheet_id 
_struct_sheet_order.range_id_1 
_struct_sheet_order.range_id_2 
_struct_sheet_order.offset 
_struct_sheet_order.sense 
A 1 2 ? parallel 
A 2 3 ? parallel 
A 3 4 ? parallel 
A 4 5 ? parallel 
# 
loop_
_struct_sheet_range.sheet_id 
_struct_sheet_range.id 
_struct_sheet_range.beg_label_comp_id 
_struct_sheet_range.beg_label_asym_id 
_struct_sheet_range.beg_label_seq_id 
_struct_sheet_range.pdbx_beg_PDB_ins_code 
_struct_sheet_range.end_label_comp_id 
_struct_sheet_range.end_label_asym_id 
_struct_sheet_range.end_label_seq_id 
_struct_sheet_range.pdbx_end_PDB_ins_code 
_struct_sheet_range.beg_auth_comp_id 
_struct_sheet_range.beg_auth_asym_id 
_struct_sheet_range.beg_auth_seq_id 
_struct_sheet_range.end_auth_comp_id 
_struct_sheet_range.end_auth_asym_id 
_struct_sheet_range.end_auth_seq_id 
A 1 GLU A 40  ? ASN A 42  ? GLU A 199 ASN A 201 
A 2 LYS A 69  ? SER A 71  ? LYS A 228 SER A 230 
A 3 SER A 97  ? ASN A 99  ? SER A 256 ASN A 258 
A 4 GLU A 125 ? ARG A 127 ? GLU A 284 ARG A 286 
A 5 LYS A 155 ? GLY A 157 ? LYS A 314 GLY A 316 
# 
loop_
_pdbx_struct_sheet_hbond.sheet_id 
_pdbx_struct_sheet_hbond.range_id_1 
_pdbx_struct_sheet_hbond.range_id_2 
_pdbx_struct_sheet_hbond.range_1_label_atom_id 
_pdbx_struct_sheet_hbond.range_1_label_comp_id 
_pdbx_struct_sheet_hbond.range_1_label_asym_id 
_pdbx_struct_sheet_hbond.range_1_label_seq_id 
_pdbx_struct_sheet_hbond.range_1_PDB_ins_code 
_pdbx_struct_sheet_hbond.range_1_auth_atom_id 
_pdbx_struct_sheet_hbond.range_1_auth_comp_id 
_pdbx_struct_sheet_hbond.range_1_auth_asym_id 
_pdbx_struct_sheet_hbond.range_1_auth_seq_id 
_pdbx_struct_sheet_hbond.range_2_label_atom_id 
_pdbx_struct_sheet_hbond.range_2_label_comp_id 
_pdbx_struct_sheet_hbond.range_2_label_asym_id 
_pdbx_struct_sheet_hbond.range_2_label_seq_id 
_pdbx_struct_sheet_hbond.range_2_PDB_ins_code 
_pdbx_struct_sheet_hbond.range_2_auth_atom_id 
_pdbx_struct_sheet_hbond.range_2_auth_comp_id 
_pdbx_struct_sheet_hbond.range_2_auth_asym_id 
_pdbx_struct_sheet_hbond.range_2_auth_seq_id 
A 1 2 N VAL A 41  ? N VAL A 200 O LYS A 69  ? O LYS A 228 
A 2 3 N PHE A 70  ? N PHE A 229 O SER A 97  ? O SER A 256 
A 3 4 N LEU A 98  ? N LEU A 257 O GLU A 125 ? O GLU A 284 
A 4 5 N LEU A 126 ? N LEU A 285 O LYS A 155 ? O LYS A 314 
# 
_struct_site.id                   AC1 
_struct_site.pdbx_evidence_code   Software 
_struct_site.pdbx_auth_asym_id    A 
_struct_site.pdbx_auth_comp_id    ZN 
_struct_site.pdbx_auth_seq_id     1001 
_struct_site.pdbx_auth_ins_code   ? 
_struct_site.pdbx_num_residues    4 
_struct_site.details              'BINDING SITE FOR RESIDUE ZN A 1001' 
# 
loop_
_struct_site_gen.id 
_struct_site_gen.site_id 
_struct_site_gen.pdbx_num_res 
_struct_site_gen.label_comp_id 
_struct_site_gen.label_asym_id 
_struct_site_gen.label_seq_id 
_struct_site_gen.pdbx_auth_ins_code 
_struct_site_gen.auth_comp_id 
_struct_site_gen.auth_asym_id 
_struct_site_gen.auth_seq_id 
_struct_site_gen.label_atom_id 
_struct_site_gen.label_alt_id 
_struct_site_gen.symmetry 
_struct_site_gen.details 
1 AC1 4 ASP A 35  ? ASP A 194 . ? 6_455 ? 
2 AC1 4 ASP A 37  ? ASP A 196 . ? 6_455 ? 
3 AC1 4 ASP A 129 ? ASP A 288 . ? 1_555 ? 
4 AC1 4 HIS A 159 ? HIS A 318 . ? 1_555 ? 
# 
loop_
_pdbx_validate_torsion.id 
_pdbx_validate_torsion.PDB_model_num 
_pdbx_validate_torsion.auth_comp_id 
_pdbx_validate_torsion.auth_asym_id 
_pdbx_validate_torsion.auth_seq_id 
_pdbx_validate_torsion.PDB_ins_code 
_pdbx_validate_torsion.label_alt_id 
_pdbx_validate_torsion.phi 
_pdbx_validate_torsion.psi 
1 1 ASN A 262 ? ? -129.86 -160.60 
2 1 TYR A 317 ? ? -175.81 143.93  
# 
_pdbx_database_remark.id     600 
_pdbx_database_remark.text   
;HETEROGEN
ZN IS ALSO COORDINATED WITH OD2 ASP 194 AND 
OD2 ASP 196 IN A SYMMTERY_RELATED MOLECULE.
;
# 
loop_
_pdbx_unobs_or_zero_occ_residues.id 
_pdbx_unobs_or_zero_occ_residues.PDB_model_num 
_pdbx_unobs_or_zero_occ_residues.polymer_flag 
_pdbx_unobs_or_zero_occ_residues.occupancy_flag 
_pdbx_unobs_or_zero_occ_residues.auth_asym_id 
_pdbx_unobs_or_zero_occ_residues.auth_comp_id 
_pdbx_unobs_or_zero_occ_residues.auth_seq_id 
_pdbx_unobs_or_zero_occ_residues.PDB_ins_code 
_pdbx_unobs_or_zero_occ_residues.label_asym_id 
_pdbx_unobs_or_zero_occ_residues.label_comp_id 
_pdbx_unobs_or_zero_occ_residues.label_seq_id 
1  1 Y 1 A GLY 160 ? A GLY 1  
2  1 Y 1 A LEU 161 ? A LEU 2  
3  1 Y 1 A ASN 162 ? A ASN 3  
4  1 Y 1 A SER 163 ? A SER 4  
5  1 Y 1 A VAL 164 ? A VAL 5  
6  1 Y 1 A ILE 165 ? A ILE 6  
7  1 Y 1 A LYS 166 ? A LYS 7  
8  1 Y 1 A PRO 167 ? A PRO 8  
9  1 Y 1 A THR 168 ? A THR 9  
10 1 Y 1 A LYS 169 ? A LYS 10 
11 1 Y 1 A TYR 170 ? A TYR 11 
12 1 Y 1 A LYS 171 ? A LYS 12 
13 1 Y 1 A PRO 172 ? A PRO 13 
14 1 Y 1 A VAL 173 ? A VAL 14 
15 1 Y 1 A PRO 174 ? A PRO 15 
16 1 Y 1 A ASP 175 ? A ASP 16 
17 1 Y 1 A GLU 176 ? A GLU 17 
18 1 Y 1 A GLU 177 ? A GLU 18 
19 1 Y 1 A PRO 178 ? A PRO 19 
# 
loop_
_chem_comp_atom.comp_id 
_chem_comp_atom.atom_id 
_chem_comp_atom.type_symbol 
_chem_comp_atom.pdbx_aromatic_flag 
_chem_comp_atom.pdbx_stereo_config 
_chem_comp_atom.pdbx_ordinal 
ALA N    N  N N 1   
ALA CA   C  N S 2   
ALA C    C  N N 3   
ALA O    O  N N 4   
ALA CB   C  N N 5   
ALA OXT  O  N N 6   
ALA H    H  N N 7   
ALA H2   H  N N 8   
ALA HA   H  N N 9   
ALA HB1  H  N N 10  
ALA HB2  H  N N 11  
ALA HB3  H  N N 12  
ALA HXT  H  N N 13  
ARG N    N  N N 14  
ARG CA   C  N S 15  
ARG C    C  N N 16  
ARG O    O  N N 17  
ARG CB   C  N N 18  
ARG CG   C  N N 19  
ARG CD   C  N N 20  
ARG NE   N  N N 21  
ARG CZ   C  N N 22  
ARG NH1  N  N N 23  
ARG NH2  N  N N 24  
ARG OXT  O  N N 25  
ARG H    H  N N 26  
ARG H2   H  N N 27  
ARG HA   H  N N 28  
ARG HB2  H  N N 29  
ARG HB3  H  N N 30  
ARG HG2  H  N N 31  
ARG HG3  H  N N 32  
ARG HD2  H  N N 33  
ARG HD3  H  N N 34  
ARG HE   H  N N 35  
ARG HH11 H  N N 36  
ARG HH12 H  N N 37  
ARG HH21 H  N N 38  
ARG HH22 H  N N 39  
ARG HXT  H  N N 40  
ASN N    N  N N 41  
ASN CA   C  N S 42  
ASN C    C  N N 43  
ASN O    O  N N 44  
ASN CB   C  N N 45  
ASN CG   C  N N 46  
ASN OD1  O  N N 47  
ASN ND2  N  N N 48  
ASN OXT  O  N N 49  
ASN H    H  N N 50  
ASN H2   H  N N 51  
ASN HA   H  N N 52  
ASN HB2  H  N N 53  
ASN HB3  H  N N 54  
ASN HD21 H  N N 55  
ASN HD22 H  N N 56  
ASN HXT  H  N N 57  
ASP N    N  N N 58  
ASP CA   C  N S 59  
ASP C    C  N N 60  
ASP O    O  N N 61  
ASP CB   C  N N 62  
ASP CG   C  N N 63  
ASP OD1  O  N N 64  
ASP OD2  O  N N 65  
ASP OXT  O  N N 66  
ASP H    H  N N 67  
ASP H2   H  N N 68  
ASP HA   H  N N 69  
ASP HB2  H  N N 70  
ASP HB3  H  N N 71  
ASP HD2  H  N N 72  
ASP HXT  H  N N 73  
CYS N    N  N N 74  
CYS CA   C  N R 75  
CYS C    C  N N 76  
CYS O    O  N N 77  
CYS CB   C  N N 78  
CYS SG   S  N N 79  
CYS OXT  O  N N 80  
CYS H    H  N N 81  
CYS H2   H  N N 82  
CYS HA   H  N N 83  
CYS HB2  H  N N 84  
CYS HB3  H  N N 85  
CYS HG   H  N N 86  
CYS HXT  H  N N 87  
GLN N    N  N N 88  
GLN CA   C  N S 89  
GLN C    C  N N 90  
GLN O    O  N N 91  
GLN CB   C  N N 92  
GLN CG   C  N N 93  
GLN CD   C  N N 94  
GLN OE1  O  N N 95  
GLN NE2  N  N N 96  
GLN OXT  O  N N 97  
GLN H    H  N N 98  
GLN H2   H  N N 99  
GLN HA   H  N N 100 
GLN HB2  H  N N 101 
GLN HB3  H  N N 102 
GLN HG2  H  N N 103 
GLN HG3  H  N N 104 
GLN HE21 H  N N 105 
GLN HE22 H  N N 106 
GLN HXT  H  N N 107 
GLU N    N  N N 108 
GLU CA   C  N S 109 
GLU C    C  N N 110 
GLU O    O  N N 111 
GLU CB   C  N N 112 
GLU CG   C  N N 113 
GLU CD   C  N N 114 
GLU OE1  O  N N 115 
GLU OE2  O  N N 116 
GLU OXT  O  N N 117 
GLU H    H  N N 118 
GLU H2   H  N N 119 
GLU HA   H  N N 120 
GLU HB2  H  N N 121 
GLU HB3  H  N N 122 
GLU HG2  H  N N 123 
GLU HG3  H  N N 124 
GLU HE2  H  N N 125 
GLU HXT  H  N N 126 
GLY N    N  N N 127 
GLY CA   C  N N 128 
GLY C    C  N N 129 
GLY O    O  N N 130 
GLY OXT  O  N N 131 
GLY H    H  N N 132 
GLY H2   H  N N 133 
GLY HA2  H  N N 134 
GLY HA3  H  N N 135 
GLY HXT  H  N N 136 
HIS N    N  N N 137 
HIS CA   C  N S 138 
HIS C    C  N N 139 
HIS O    O  N N 140 
HIS CB   C  N N 141 
HIS CG   C  Y N 142 
HIS ND1  N  Y N 143 
HIS CD2  C  Y N 144 
HIS CE1  C  Y N 145 
HIS NE2  N  Y N 146 
HIS OXT  O  N N 147 
HIS H    H  N N 148 
HIS H2   H  N N 149 
HIS HA   H  N N 150 
HIS HB2  H  N N 151 
HIS HB3  H  N N 152 
HIS HD1  H  N N 153 
HIS HD2  H  N N 154 
HIS HE1  H  N N 155 
HIS HE2  H  N N 156 
HIS HXT  H  N N 157 
HOH O    O  N N 158 
HOH H1   H  N N 159 
HOH H2   H  N N 160 
ILE N    N  N N 161 
ILE CA   C  N S 162 
ILE C    C  N N 163 
ILE O    O  N N 164 
ILE CB   C  N S 165 
ILE CG1  C  N N 166 
ILE CG2  C  N N 167 
ILE CD1  C  N N 168 
ILE OXT  O  N N 169 
ILE H    H  N N 170 
ILE H2   H  N N 171 
ILE HA   H  N N 172 
ILE HB   H  N N 173 
ILE HG12 H  N N 174 
ILE HG13 H  N N 175 
ILE HG21 H  N N 176 
ILE HG22 H  N N 177 
ILE HG23 H  N N 178 
ILE HD11 H  N N 179 
ILE HD12 H  N N 180 
ILE HD13 H  N N 181 
ILE HXT  H  N N 182 
LEU N    N  N N 183 
LEU CA   C  N S 184 
LEU C    C  N N 185 
LEU O    O  N N 186 
LEU CB   C  N N 187 
LEU CG   C  N N 188 
LEU CD1  C  N N 189 
LEU CD2  C  N N 190 
LEU OXT  O  N N 191 
LEU H    H  N N 192 
LEU H2   H  N N 193 
LEU HA   H  N N 194 
LEU HB2  H  N N 195 
LEU HB3  H  N N 196 
LEU HG   H  N N 197 
LEU HD11 H  N N 198 
LEU HD12 H  N N 199 
LEU HD13 H  N N 200 
LEU HD21 H  N N 201 
LEU HD22 H  N N 202 
LEU HD23 H  N N 203 
LEU HXT  H  N N 204 
LYS N    N  N N 205 
LYS CA   C  N S 206 
LYS C    C  N N 207 
LYS O    O  N N 208 
LYS CB   C  N N 209 
LYS CG   C  N N 210 
LYS CD   C  N N 211 
LYS CE   C  N N 212 
LYS NZ   N  N N 213 
LYS OXT  O  N N 214 
LYS H    H  N N 215 
LYS H2   H  N N 216 
LYS HA   H  N N 217 
LYS HB2  H  N N 218 
LYS HB3  H  N N 219 
LYS HG2  H  N N 220 
LYS HG3  H  N N 221 
LYS HD2  H  N N 222 
LYS HD3  H  N N 223 
LYS HE2  H  N N 224 
LYS HE3  H  N N 225 
LYS HZ1  H  N N 226 
LYS HZ2  H  N N 227 
LYS HZ3  H  N N 228 
LYS HXT  H  N N 229 
MET N    N  N N 230 
MET CA   C  N S 231 
MET C    C  N N 232 
MET O    O  N N 233 
MET CB   C  N N 234 
MET CG   C  N N 235 
MET SD   S  N N 236 
MET CE   C  N N 237 
MET OXT  O  N N 238 
MET H    H  N N 239 
MET H2   H  N N 240 
MET HA   H  N N 241 
MET HB2  H  N N 242 
MET HB3  H  N N 243 
MET HG2  H  N N 244 
MET HG3  H  N N 245 
MET HE1  H  N N 246 
MET HE2  H  N N 247 
MET HE3  H  N N 248 
MET HXT  H  N N 249 
PHE N    N  N N 250 
PHE CA   C  N S 251 
PHE C    C  N N 252 
PHE O    O  N N 253 
PHE CB   C  N N 254 
PHE CG   C  Y N 255 
PHE CD1  C  Y N 256 
PHE CD2  C  Y N 257 
PHE CE1  C  Y N 258 
PHE CE2  C  Y N 259 
PHE CZ   C  Y N 260 
PHE OXT  O  N N 261 
PHE H    H  N N 262 
PHE H2   H  N N 263 
PHE HA   H  N N 264 
PHE HB2  H  N N 265 
PHE HB3  H  N N 266 
PHE HD1  H  N N 267 
PHE HD2  H  N N 268 
PHE HE1  H  N N 269 
PHE HE2  H  N N 270 
PHE HZ   H  N N 271 
PHE HXT  H  N N 272 
PRO N    N  N N 273 
PRO CA   C  N S 274 
PRO C    C  N N 275 
PRO O    O  N N 276 
PRO CB   C  N N 277 
PRO CG   C  N N 278 
PRO CD   C  N N 279 
PRO OXT  O  N N 280 
PRO H    H  N N 281 
PRO HA   H  N N 282 
PRO HB2  H  N N 283 
PRO HB3  H  N N 284 
PRO HG2  H  N N 285 
PRO HG3  H  N N 286 
PRO HD2  H  N N 287 
PRO HD3  H  N N 288 
PRO HXT  H  N N 289 
SER N    N  N N 290 
SER CA   C  N S 291 
SER C    C  N N 292 
SER O    O  N N 293 
SER CB   C  N N 294 
SER OG   O  N N 295 
SER OXT  O  N N 296 
SER H    H  N N 297 
SER H2   H  N N 298 
SER HA   H  N N 299 
SER HB2  H  N N 300 
SER HB3  H  N N 301 
SER HG   H  N N 302 
SER HXT  H  N N 303 
THR N    N  N N 304 
THR CA   C  N S 305 
THR C    C  N N 306 
THR O    O  N N 307 
THR CB   C  N R 308 
THR OG1  O  N N 309 
THR CG2  C  N N 310 
THR OXT  O  N N 311 
THR H    H  N N 312 
THR H2   H  N N 313 
THR HA   H  N N 314 
THR HB   H  N N 315 
THR HG1  H  N N 316 
THR HG21 H  N N 317 
THR HG22 H  N N 318 
THR HG23 H  N N 319 
THR HXT  H  N N 320 
TYR N    N  N N 321 
TYR CA   C  N S 322 
TYR C    C  N N 323 
TYR O    O  N N 324 
TYR CB   C  N N 325 
TYR CG   C  Y N 326 
TYR CD1  C  Y N 327 
TYR CD2  C  Y N 328 
TYR CE1  C  Y N 329 
TYR CE2  C  Y N 330 
TYR CZ   C  Y N 331 
TYR OH   O  N N 332 
TYR OXT  O  N N 333 
TYR H    H  N N 334 
TYR H2   H  N N 335 
TYR HA   H  N N 336 
TYR HB2  H  N N 337 
TYR HB3  H  N N 338 
TYR HD1  H  N N 339 
TYR HD2  H  N N 340 
TYR HE1  H  N N 341 
TYR HE2  H  N N 342 
TYR HH   H  N N 343 
TYR HXT  H  N N 344 
VAL N    N  N N 345 
VAL CA   C  N S 346 
VAL C    C  N N 347 
VAL O    O  N N 348 
VAL CB   C  N N 349 
VAL CG1  C  N N 350 
VAL CG2  C  N N 351 
VAL OXT  O  N N 352 
VAL H    H  N N 353 
VAL H2   H  N N 354 
VAL HA   H  N N 355 
VAL HB   H  N N 356 
VAL HG11 H  N N 357 
VAL HG12 H  N N 358 
VAL HG13 H  N N 359 
VAL HG21 H  N N 360 
VAL HG22 H  N N 361 
VAL HG23 H  N N 362 
VAL HXT  H  N N 363 
ZN  ZN   ZN N N 364 
# 
loop_
_chem_comp_bond.comp_id 
_chem_comp_bond.atom_id_1 
_chem_comp_bond.atom_id_2 
_chem_comp_bond.value_order 
_chem_comp_bond.pdbx_aromatic_flag 
_chem_comp_bond.pdbx_stereo_config 
_chem_comp_bond.pdbx_ordinal 
ALA N   CA   sing N N 1   
ALA N   H    sing N N 2   
ALA N   H2   sing N N 3   
ALA CA  C    sing N N 4   
ALA CA  CB   sing N N 5   
ALA CA  HA   sing N N 6   
ALA C   O    doub N N 7   
ALA C   OXT  sing N N 8   
ALA CB  HB1  sing N N 9   
ALA CB  HB2  sing N N 10  
ALA CB  HB3  sing N N 11  
ALA OXT HXT  sing N N 12  
ARG N   CA   sing N N 13  
ARG N   H    sing N N 14  
ARG N   H2   sing N N 15  
ARG CA  C    sing N N 16  
ARG CA  CB   sing N N 17  
ARG CA  HA   sing N N 18  
ARG C   O    doub N N 19  
ARG C   OXT  sing N N 20  
ARG CB  CG   sing N N 21  
ARG CB  HB2  sing N N 22  
ARG CB  HB3  sing N N 23  
ARG CG  CD   sing N N 24  
ARG CG  HG2  sing N N 25  
ARG CG  HG3  sing N N 26  
ARG CD  NE   sing N N 27  
ARG CD  HD2  sing N N 28  
ARG CD  HD3  sing N N 29  
ARG NE  CZ   sing N N 30  
ARG NE  HE   sing N N 31  
ARG CZ  NH1  sing N N 32  
ARG CZ  NH2  doub N N 33  
ARG NH1 HH11 sing N N 34  
ARG NH1 HH12 sing N N 35  
ARG NH2 HH21 sing N N 36  
ARG NH2 HH22 sing N N 37  
ARG OXT HXT  sing N N 38  
ASN N   CA   sing N N 39  
ASN N   H    sing N N 40  
ASN N   H2   sing N N 41  
ASN CA  C    sing N N 42  
ASN CA  CB   sing N N 43  
ASN CA  HA   sing N N 44  
ASN C   O    doub N N 45  
ASN C   OXT  sing N N 46  
ASN CB  CG   sing N N 47  
ASN CB  HB2  sing N N 48  
ASN CB  HB3  sing N N 49  
ASN CG  OD1  doub N N 50  
ASN CG  ND2  sing N N 51  
ASN ND2 HD21 sing N N 52  
ASN ND2 HD22 sing N N 53  
ASN OXT HXT  sing N N 54  
ASP N   CA   sing N N 55  
ASP N   H    sing N N 56  
ASP N   H2   sing N N 57  
ASP CA  C    sing N N 58  
ASP CA  CB   sing N N 59  
ASP CA  HA   sing N N 60  
ASP C   O    doub N N 61  
ASP C   OXT  sing N N 62  
ASP CB  CG   sing N N 63  
ASP CB  HB2  sing N N 64  
ASP CB  HB3  sing N N 65  
ASP CG  OD1  doub N N 66  
ASP CG  OD2  sing N N 67  
ASP OD2 HD2  sing N N 68  
ASP OXT HXT  sing N N 69  
CYS N   CA   sing N N 70  
CYS N   H    sing N N 71  
CYS N   H2   sing N N 72  
CYS CA  C    sing N N 73  
CYS CA  CB   sing N N 74  
CYS CA  HA   sing N N 75  
CYS C   O    doub N N 76  
CYS C   OXT  sing N N 77  
CYS CB  SG   sing N N 78  
CYS CB  HB2  sing N N 79  
CYS CB  HB3  sing N N 80  
CYS SG  HG   sing N N 81  
CYS OXT HXT  sing N N 82  
GLN N   CA   sing N N 83  
GLN N   H    sing N N 84  
GLN N   H2   sing N N 85  
GLN CA  C    sing N N 86  
GLN CA  CB   sing N N 87  
GLN CA  HA   sing N N 88  
GLN C   O    doub N N 89  
GLN C   OXT  sing N N 90  
GLN CB  CG   sing N N 91  
GLN CB  HB2  sing N N 92  
GLN CB  HB3  sing N N 93  
GLN CG  CD   sing N N 94  
GLN CG  HG2  sing N N 95  
GLN CG  HG3  sing N N 96  
GLN CD  OE1  doub N N 97  
GLN CD  NE2  sing N N 98  
GLN NE2 HE21 sing N N 99  
GLN NE2 HE22 sing N N 100 
GLN OXT HXT  sing N N 101 
GLU N   CA   sing N N 102 
GLU N   H    sing N N 103 
GLU N   H2   sing N N 104 
GLU CA  C    sing N N 105 
GLU CA  CB   sing N N 106 
GLU CA  HA   sing N N 107 
GLU C   O    doub N N 108 
GLU C   OXT  sing N N 109 
GLU CB  CG   sing N N 110 
GLU CB  HB2  sing N N 111 
GLU CB  HB3  sing N N 112 
GLU CG  CD   sing N N 113 
GLU CG  HG2  sing N N 114 
GLU CG  HG3  sing N N 115 
GLU CD  OE1  doub N N 116 
GLU CD  OE2  sing N N 117 
GLU OE2 HE2  sing N N 118 
GLU OXT HXT  sing N N 119 
GLY N   CA   sing N N 120 
GLY N   H    sing N N 121 
GLY N   H2   sing N N 122 
GLY CA  C    sing N N 123 
GLY CA  HA2  sing N N 124 
GLY CA  HA3  sing N N 125 
GLY C   O    doub N N 126 
GLY C   OXT  sing N N 127 
GLY OXT HXT  sing N N 128 
HIS N   CA   sing N N 129 
HIS N   H    sing N N 130 
HIS N   H2   sing N N 131 
HIS CA  C    sing N N 132 
HIS CA  CB   sing N N 133 
HIS CA  HA   sing N N 134 
HIS C   O    doub N N 135 
HIS C   OXT  sing N N 136 
HIS CB  CG   sing N N 137 
HIS CB  HB2  sing N N 138 
HIS CB  HB3  sing N N 139 
HIS CG  ND1  sing Y N 140 
HIS CG  CD2  doub Y N 141 
HIS ND1 CE1  doub Y N 142 
HIS ND1 HD1  sing N N 143 
HIS CD2 NE2  sing Y N 144 
HIS CD2 HD2  sing N N 145 
HIS CE1 NE2  sing Y N 146 
HIS CE1 HE1  sing N N 147 
HIS NE2 HE2  sing N N 148 
HIS OXT HXT  sing N N 149 
HOH O   H1   sing N N 150 
HOH O   H2   sing N N 151 
ILE N   CA   sing N N 152 
ILE N   H    sing N N 153 
ILE N   H2   sing N N 154 
ILE CA  C    sing N N 155 
ILE CA  CB   sing N N 156 
ILE CA  HA   sing N N 157 
ILE C   O    doub N N 158 
ILE C   OXT  sing N N 159 
ILE CB  CG1  sing N N 160 
ILE CB  CG2  sing N N 161 
ILE CB  HB   sing N N 162 
ILE CG1 CD1  sing N N 163 
ILE CG1 HG12 sing N N 164 
ILE CG1 HG13 sing N N 165 
ILE CG2 HG21 sing N N 166 
ILE CG2 HG22 sing N N 167 
ILE CG2 HG23 sing N N 168 
ILE CD1 HD11 sing N N 169 
ILE CD1 HD12 sing N N 170 
ILE CD1 HD13 sing N N 171 
ILE OXT HXT  sing N N 172 
LEU N   CA   sing N N 173 
LEU N   H    sing N N 174 
LEU N   H2   sing N N 175 
LEU CA  C    sing N N 176 
LEU CA  CB   sing N N 177 
LEU CA  HA   sing N N 178 
LEU C   O    doub N N 179 
LEU C   OXT  sing N N 180 
LEU CB  CG   sing N N 181 
LEU CB  HB2  sing N N 182 
LEU CB  HB3  sing N N 183 
LEU CG  CD1  sing N N 184 
LEU CG  CD2  sing N N 185 
LEU CG  HG   sing N N 186 
LEU CD1 HD11 sing N N 187 
LEU CD1 HD12 sing N N 188 
LEU CD1 HD13 sing N N 189 
LEU CD2 HD21 sing N N 190 
LEU CD2 HD22 sing N N 191 
LEU CD2 HD23 sing N N 192 
LEU OXT HXT  sing N N 193 
LYS N   CA   sing N N 194 
LYS N   H    sing N N 195 
LYS N   H2   sing N N 196 
LYS CA  C    sing N N 197 
LYS CA  CB   sing N N 198 
LYS CA  HA   sing N N 199 
LYS C   O    doub N N 200 
LYS C   OXT  sing N N 201 
LYS CB  CG   sing N N 202 
LYS CB  HB2  sing N N 203 
LYS CB  HB3  sing N N 204 
LYS CG  CD   sing N N 205 
LYS CG  HG2  sing N N 206 
LYS CG  HG3  sing N N 207 
LYS CD  CE   sing N N 208 
LYS CD  HD2  sing N N 209 
LYS CD  HD3  sing N N 210 
LYS CE  NZ   sing N N 211 
LYS CE  HE2  sing N N 212 
LYS CE  HE3  sing N N 213 
LYS NZ  HZ1  sing N N 214 
LYS NZ  HZ2  sing N N 215 
LYS NZ  HZ3  sing N N 216 
LYS OXT HXT  sing N N 217 
MET N   CA   sing N N 218 
MET N   H    sing N N 219 
MET N   H2   sing N N 220 
MET CA  C    sing N N 221 
MET CA  CB   sing N N 222 
MET CA  HA   sing N N 223 
MET C   O    doub N N 224 
MET C   OXT  sing N N 225 
MET CB  CG   sing N N 226 
MET CB  HB2  sing N N 227 
MET CB  HB3  sing N N 228 
MET CG  SD   sing N N 229 
MET CG  HG2  sing N N 230 
MET CG  HG3  sing N N 231 
MET SD  CE   sing N N 232 
MET CE  HE1  sing N N 233 
MET CE  HE2  sing N N 234 
MET CE  HE3  sing N N 235 
MET OXT HXT  sing N N 236 
PHE N   CA   sing N N 237 
PHE N   H    sing N N 238 
PHE N   H2   sing N N 239 
PHE CA  C    sing N N 240 
PHE CA  CB   sing N N 241 
PHE CA  HA   sing N N 242 
PHE C   O    doub N N 243 
PHE C   OXT  sing N N 244 
PHE CB  CG   sing N N 245 
PHE CB  HB2  sing N N 246 
PHE CB  HB3  sing N N 247 
PHE CG  CD1  doub Y N 248 
PHE CG  CD2  sing Y N 249 
PHE CD1 CE1  sing Y N 250 
PHE CD1 HD1  sing N N 251 
PHE CD2 CE2  doub Y N 252 
PHE CD2 HD2  sing N N 253 
PHE CE1 CZ   doub Y N 254 
PHE CE1 HE1  sing N N 255 
PHE CE2 CZ   sing Y N 256 
PHE CE2 HE2  sing N N 257 
PHE CZ  HZ   sing N N 258 
PHE OXT HXT  sing N N 259 
PRO N   CA   sing N N 260 
PRO N   CD   sing N N 261 
PRO N   H    sing N N 262 
PRO CA  C    sing N N 263 
PRO CA  CB   sing N N 264 
PRO CA  HA   sing N N 265 
PRO C   O    doub N N 266 
PRO C   OXT  sing N N 267 
PRO CB  CG   sing N N 268 
PRO CB  HB2  sing N N 269 
PRO CB  HB3  sing N N 270 
PRO CG  CD   sing N N 271 
PRO CG  HG2  sing N N 272 
PRO CG  HG3  sing N N 273 
PRO CD  HD2  sing N N 274 
PRO CD  HD3  sing N N 275 
PRO OXT HXT  sing N N 276 
SER N   CA   sing N N 277 
SER N   H    sing N N 278 
SER N   H2   sing N N 279 
SER CA  C    sing N N 280 
SER CA  CB   sing N N 281 
SER CA  HA   sing N N 282 
SER C   O    doub N N 283 
SER C   OXT  sing N N 284 
SER CB  OG   sing N N 285 
SER CB  HB2  sing N N 286 
SER CB  HB3  sing N N 287 
SER OG  HG   sing N N 288 
SER OXT HXT  sing N N 289 
THR N   CA   sing N N 290 
THR N   H    sing N N 291 
THR N   H2   sing N N 292 
THR CA  C    sing N N 293 
THR CA  CB   sing N N 294 
THR CA  HA   sing N N 295 
THR C   O    doub N N 296 
THR C   OXT  sing N N 297 
THR CB  OG1  sing N N 298 
THR CB  CG2  sing N N 299 
THR CB  HB   sing N N 300 
THR OG1 HG1  sing N N 301 
THR CG2 HG21 sing N N 302 
THR CG2 HG22 sing N N 303 
THR CG2 HG23 sing N N 304 
THR OXT HXT  sing N N 305 
TYR N   CA   sing N N 306 
TYR N   H    sing N N 307 
TYR N   H2   sing N N 308 
TYR CA  C    sing N N 309 
TYR CA  CB   sing N N 310 
TYR CA  HA   sing N N 311 
TYR C   O    doub N N 312 
TYR C   OXT  sing N N 313 
TYR CB  CG   sing N N 314 
TYR CB  HB2  sing N N 315 
TYR CB  HB3  sing N N 316 
TYR CG  CD1  doub Y N 317 
TYR CG  CD2  sing Y N 318 
TYR CD1 CE1  sing Y N 319 
TYR CD1 HD1  sing N N 320 
TYR CD2 CE2  doub Y N 321 
TYR CD2 HD2  sing N N 322 
TYR CE1 CZ   doub Y N 323 
TYR CE1 HE1  sing N N 324 
TYR CE2 CZ   sing Y N 325 
TYR CE2 HE2  sing N N 326 
TYR CZ  OH   sing N N 327 
TYR OH  HH   sing N N 328 
TYR OXT HXT  sing N N 329 
VAL N   CA   sing N N 330 
VAL N   H    sing N N 331 
VAL N   H2   sing N N 332 
VAL CA  C    sing N N 333 
VAL CA  CB   sing N N 334 
VAL CA  HA   sing N N 335 
VAL C   O    doub N N 336 
VAL C   OXT  sing N N 337 
VAL CB  CG1  sing N N 338 
VAL CB  CG2  sing N N 339 
VAL CB  HB   sing N N 340 
VAL CG1 HG11 sing N N 341 
VAL CG1 HG12 sing N N 342 
VAL CG1 HG13 sing N N 343 
VAL CG2 HG21 sing N N 344 
VAL CG2 HG22 sing N N 345 
VAL CG2 HG23 sing N N 346 
VAL OXT HXT  sing N N 347 
# 
_atom_sites.entry_id                    1IO0 
_atom_sites.fract_transf_matrix[1][1]   0.00121978 
_atom_sites.fract_transf_matrix[1][2]   -0.01633128 
_atom_sites.fract_transf_matrix[1][3]   0.00307853 
_atom_sites.fract_transf_matrix[2][1]   -0.00547435 
_atom_sites.fract_transf_matrix[2][2]   -0.00618218 
_atom_sites.fract_transf_matrix[2][3]   0.01447415 
_atom_sites.fract_transf_matrix[3][1]   -0.00892886 
_atom_sites.fract_transf_matrix[3][2]   -0.00141762 
_atom_sites.fract_transf_matrix[3][3]   -0.00398253 
_atom_sites.fract_transf_vector[1]      0.125706 
_atom_sites.fract_transf_vector[2]      0.291587 
_atom_sites.fract_transf_vector[3]      0.867079 
# 
loop_
_atom_type.symbol 
C  
N  
O  
S  
ZN 
# 
loop_
_atom_site.group_PDB 
_atom_site.id 
_atom_site.type_symbol 
_atom_site.label_atom_id 
_atom_site.label_alt_id 
_atom_site.label_comp_id 
_atom_site.label_asym_id 
_atom_site.label_entity_id 
_atom_site.label_seq_id 
_atom_site.pdbx_PDB_ins_code 
_atom_site.Cartn_x 
_atom_site.Cartn_y 
_atom_site.Cartn_z 
_atom_site.occupancy 
_atom_site.B_iso_or_equiv 
_atom_site.pdbx_formal_charge 
_atom_site.auth_seq_id 
_atom_site.auth_comp_id 
_atom_site.auth_asym_id 
_atom_site.auth_atom_id 
_atom_site.pdbx_PDB_model_num 
ATOM   1    N  N   . ASN A 1 20  ? -1.522  18.839  8.905   1.00 32.29 ? 179  ASN A N   1 
ATOM   2    C  CA  . ASN A 1 20  ? -0.404  17.871  9.108   1.00 31.78 ? 179  ASN A CA  1 
ATOM   3    C  C   . ASN A 1 20  ? 0.911   18.609  9.318   1.00 31.39 ? 179  ASN A C   1 
ATOM   4    O  O   . ASN A 1 20  ? 1.481   19.154  8.373   1.00 31.50 ? 179  ASN A O   1 
ATOM   5    C  CB  . ASN A 1 20  ? -0.282  16.940  7.899   1.00 31.00 ? 179  ASN A CB  1 
ATOM   6    C  CG  . ASN A 1 20  ? 0.537   15.697  8.199   1.00 31.31 ? 179  ASN A CG  1 
ATOM   7    O  OD1 . ASN A 1 20  ? 1.287   15.651  9.177   1.00 29.53 ? 179  ASN A OD1 1 
ATOM   8    N  ND2 . ASN A 1 20  ? 0.397   14.680  7.357   1.00 28.79 ? 179  ASN A ND2 1 
ATOM   9    N  N   . SER A 1 21  ? 1.390   18.614  10.560  1.00 31.39 ? 180  SER A N   1 
ATOM   10   C  CA  . SER A 1 21  ? 2.635   19.295  10.909  1.00 30.97 ? 180  SER A CA  1 
ATOM   11   C  C   . SER A 1 21  ? 3.838   18.355  10.935  1.00 29.91 ? 180  SER A C   1 
ATOM   12   O  O   . SER A 1 21  ? 4.882   18.689  11.503  1.00 30.89 ? 180  SER A O   1 
ATOM   13   C  CB  . SER A 1 21  ? 2.491   19.977  12.273  1.00 30.84 ? 180  SER A CB  1 
ATOM   14   O  OG  . SER A 1 21  ? 2.225   19.026  13.290  1.00 32.64 ? 180  SER A OG  1 
ATOM   15   N  N   . THR A 1 22  ? 3.694   17.183  10.324  1.00 27.59 ? 181  THR A N   1 
ATOM   16   C  CA  . THR A 1 22  ? 4.780   16.211  10.286  1.00 25.03 ? 181  THR A CA  1 
ATOM   17   C  C   . THR A 1 22  ? 6.014   16.783  9.605   1.00 24.28 ? 181  THR A C   1 
ATOM   18   O  O   . THR A 1 22  ? 5.921   17.391  8.539   1.00 25.02 ? 181  THR A O   1 
ATOM   19   C  CB  . THR A 1 22  ? 4.374   14.935  9.521   1.00 23.82 ? 181  THR A CB  1 
ATOM   20   O  OG1 . THR A 1 22  ? 3.287   14.295  10.196  1.00 22.64 ? 181  THR A OG1 1 
ATOM   21   C  CG2 . THR A 1 22  ? 5.554   13.967  9.431   1.00 22.76 ? 181  THR A CG2 1 
ATOM   22   N  N   . ASP A 1 23  ? 7.169   16.590  10.232  1.00 22.64 ? 182  ASP A N   1 
ATOM   23   C  CA  . ASP A 1 23  ? 8.429   17.053  9.667   1.00 21.94 ? 182  ASP A CA  1 
ATOM   24   C  C   . ASP A 1 23  ? 8.833   15.964  8.680   1.00 21.19 ? 182  ASP A C   1 
ATOM   25   O  O   . ASP A 1 23  ? 9.322   14.904  9.072   1.00 20.85 ? 182  ASP A O   1 
ATOM   26   C  CB  . ASP A 1 23  ? 9.481   17.192  10.766  1.00 22.96 ? 182  ASP A CB  1 
ATOM   27   C  CG  . ASP A 1 23  ? 10.774  17.793  10.266  1.00 23.90 ? 182  ASP A CG  1 
ATOM   28   O  OD1 . ASP A 1 23  ? 11.153  17.535  9.102   1.00 23.38 ? 182  ASP A OD1 1 
ATOM   29   O  OD2 . ASP A 1 23  ? 11.422  18.527  11.044  1.00 27.96 ? 182  ASP A OD2 1 
ATOM   30   N  N   . VAL A 1 24  ? 8.618   16.228  7.400   1.00 19.65 ? 183  VAL A N   1 
ATOM   31   C  CA  . VAL A 1 24  ? 8.919   15.257  6.361   1.00 18.48 ? 183  VAL A CA  1 
ATOM   32   C  C   . VAL A 1 24  ? 10.378  14.818  6.281   1.00 18.29 ? 183  VAL A C   1 
ATOM   33   O  O   . VAL A 1 24  ? 10.664  13.622  6.198   1.00 16.37 ? 183  VAL A O   1 
ATOM   34   C  CB  . VAL A 1 24  ? 8.476   15.792  4.989   1.00 19.02 ? 183  VAL A CB  1 
ATOM   35   C  CG1 . VAL A 1 24  ? 8.741   14.756  3.906   1.00 18.48 ? 183  VAL A CG1 1 
ATOM   36   C  CG2 . VAL A 1 24  ? 6.998   16.152  5.039   1.00 19.53 ? 183  VAL A CG2 1 
ATOM   37   N  N   . GLU A 1 25  ? 11.297  15.777  6.297   1.00 18.53 ? 184  GLU A N   1 
ATOM   38   C  CA  . GLU A 1 25  ? 12.716  15.448  6.210   1.00 20.13 ? 184  GLU A CA  1 
ATOM   39   C  C   . GLU A 1 25  ? 13.173  14.648  7.422   1.00 19.32 ? 184  GLU A C   1 
ATOM   40   O  O   . GLU A 1 25  ? 13.922  13.678  7.291   1.00 18.32 ? 184  GLU A O   1 
ATOM   41   C  CB  . GLU A 1 25  ? 13.557  16.720  6.088   1.00 24.17 ? 184  GLU A CB  1 
ATOM   42   C  CG  . GLU A 1 25  ? 13.680  17.265  4.664   1.00 30.65 ? 184  GLU A CG  1 
ATOM   43   C  CD  . GLU A 1 25  ? 13.954  16.186  3.623   1.00 34.54 ? 184  GLU A CD  1 
ATOM   44   O  OE1 . GLU A 1 25  ? 14.952  15.442  3.762   1.00 36.36 ? 184  GLU A OE1 1 
ATOM   45   O  OE2 . GLU A 1 25  ? 13.166  16.084  2.654   1.00 36.83 ? 184  GLU A OE2 1 
ATOM   46   N  N   . GLU A 1 26  ? 12.720  15.052  8.603   1.00 19.07 ? 185  GLU A N   1 
ATOM   47   C  CA  . GLU A 1 26  ? 13.094  14.349  9.824   1.00 19.55 ? 185  GLU A CA  1 
ATOM   48   C  C   . GLU A 1 26  ? 12.510  12.946  9.804   1.00 17.80 ? 185  GLU A C   1 
ATOM   49   O  O   . GLU A 1 26  ? 13.145  11.987  10.241  1.00 17.24 ? 185  GLU A O   1 
ATOM   50   C  CB  . GLU A 1 26  ? 12.580  15.100  11.046  1.00 22.80 ? 185  GLU A CB  1 
ATOM   51   C  CG  . GLU A 1 26  ? 13.445  14.912  12.277  1.00 28.80 ? 185  GLU A CG  1 
ATOM   52   C  CD  . GLU A 1 26  ? 12.634  14.873  13.558  1.00 31.46 ? 185  GLU A CD  1 
ATOM   53   O  OE1 . GLU A 1 26  ? 11.388  14.828  13.474  1.00 33.22 ? 185  GLU A OE1 1 
ATOM   54   O  OE2 . GLU A 1 26  ? 13.243  14.888  14.651  1.00 34.21 ? 185  GLU A OE2 1 
ATOM   55   N  N   . THR A 1 27  ? 11.288  12.836  9.297   1.00 16.39 ? 186  THR A N   1 
ATOM   56   C  CA  . THR A 1 27  ? 10.615  11.549  9.207   1.00 14.52 ? 186  THR A CA  1 
ATOM   57   C  C   . THR A 1 27  ? 11.401  10.630  8.268   1.00 13.21 ? 186  THR A C   1 
ATOM   58   O  O   . THR A 1 27  ? 11.590  9.452   8.559   1.00 12.75 ? 186  THR A O   1 
ATOM   59   C  CB  . THR A 1 27  ? 9.166   11.714  8.685   1.00 14.09 ? 186  THR A CB  1 
ATOM   60   O  OG1 . THR A 1 27  ? 8.384   12.411  9.666   1.00 14.85 ? 186  THR A OG1 1 
ATOM   61   C  CG2 . THR A 1 27  ? 8.532   10.361  8.418   1.00 14.24 ? 186  THR A CG2 1 
ATOM   62   N  N   . LEU A 1 28  ? 11.860  11.171  7.144   1.00 12.41 ? 187  LEU A N   1 
ATOM   63   C  CA  . LEU A 1 28  ? 12.629  10.380  6.195   1.00 11.97 ? 187  LEU A CA  1 
ATOM   64   C  C   . LEU A 1 28  ? 13.890  9.858   6.874   1.00 12.57 ? 187  LEU A C   1 
ATOM   65   O  O   . LEU A 1 28  ? 14.242  8.686   6.734   1.00 12.00 ? 187  LEU A O   1 
ATOM   66   C  CB  . LEU A 1 28  ? 13.011  11.225  4.978   1.00 11.80 ? 187  LEU A CB  1 
ATOM   67   C  CG  . LEU A 1 28  ? 14.051  10.584  4.055   1.00 12.88 ? 187  LEU A CG  1 
ATOM   68   C  CD1 . LEU A 1 28  ? 13.583  9.195   3.629   1.00 12.09 ? 187  LEU A CD1 1 
ATOM   69   C  CD2 . LEU A 1 28  ? 14.279  11.476  2.843   1.00 12.57 ? 187  LEU A CD2 1 
ATOM   70   N  N   . LYS A 1 29  ? 14.563  10.736  7.610   1.00 13.17 ? 188  LYS A N   1 
ATOM   71   C  CA  . LYS A 1 29  ? 15.786  10.374  8.320   1.00 14.63 ? 188  LYS A CA  1 
ATOM   72   C  C   . LYS A 1 29  ? 15.540  9.232   9.299   1.00 12.23 ? 188  LYS A C   1 
ATOM   73   O  O   . LYS A 1 29  ? 16.324  8.285   9.373   1.00 11.41 ? 188  LYS A O   1 
ATOM   74   C  CB  . LYS A 1 29  ? 16.327  11.587  9.077   1.00 18.32 ? 188  LYS A CB  1 
ATOM   75   C  CG  . LYS A 1 29  ? 17.036  12.596  8.189   1.00 25.88 ? 188  LYS A CG  1 
ATOM   76   C  CD  . LYS A 1 29  ? 17.764  13.646  9.017   1.00 30.75 ? 188  LYS A CD  1 
ATOM   77   C  CE  . LYS A 1 29  ? 18.356  14.732  8.130   1.00 33.72 ? 188  LYS A CE  1 
ATOM   78   N  NZ  . LYS A 1 29  ? 17.294  15.599  7.539   1.00 34.93 ? 188  LYS A NZ  1 
ATOM   79   N  N   . ARG A 1 30  ? 14.449  9.330   10.051  1.00 11.62 ? 189  ARG A N   1 
ATOM   80   C  CA  . ARG A 1 30  ? 14.094  8.300   11.020  1.00 10.56 ? 189  ARG A CA  1 
ATOM   81   C  C   . ARG A 1 30  ? 13.827  6.959   10.335  1.00 10.39 ? 189  ARG A C   1 
ATOM   82   O  O   . ARG A 1 30  ? 14.214  5.909   10.848  1.00 11.08 ? 189  ARG A O   1 
ATOM   83   C  CB  . ARG A 1 30  ? 12.871  8.739   11.829  1.00 11.44 ? 189  ARG A CB  1 
ATOM   84   C  CG  . ARG A 1 30  ? 13.164  9.900   12.772  1.00 12.96 ? 189  ARG A CG  1 
ATOM   85   C  CD  . ARG A 1 30  ? 11.890  10.499  13.330  1.00 13.30 ? 189  ARG A CD  1 
ATOM   86   N  NE  . ARG A 1 30  ? 11.194  9.568   14.210  1.00 14.15 ? 189  ARG A NE  1 
ATOM   87   C  CZ  . ARG A 1 30  ? 9.927   9.707   14.585  1.00 13.74 ? 189  ARG A CZ  1 
ATOM   88   N  NH1 . ARG A 1 30  ? 9.224   10.747  14.153  1.00 16.24 ? 189  ARG A NH1 1 
ATOM   89   N  NH2 . ARG A 1 30  ? 9.365   8.816   15.388  1.00 13.54 ? 189  ARG A NH2 1 
ATOM   90   N  N   . ILE A 1 31  ? 13.170  6.985   9.176   1.00 10.02 ? 190  ILE A N   1 
ATOM   91   C  CA  . ILE A 1 31  ? 12.906  5.739   8.459   1.00 9.32  ? 190  ILE A CA  1 
ATOM   92   C  C   . ILE A 1 31  ? 14.240  5.133   8.019   1.00 9.65  ? 190  ILE A C   1 
ATOM   93   O  O   . ILE A 1 31  ? 14.470  3.934   8.173   1.00 9.06  ? 190  ILE A O   1 
ATOM   94   C  CB  . ILE A 1 31  ? 12.035  5.950   7.193   1.00 10.16 ? 190  ILE A CB  1 
ATOM   95   C  CG1 . ILE A 1 31  ? 10.669  6.538   7.570   1.00 10.15 ? 190  ILE A CG1 1 
ATOM   96   C  CG2 . ILE A 1 31  ? 11.838  4.614   6.484   1.00 8.89  ? 190  ILE A CG2 1 
ATOM   97   C  CD1 . ILE A 1 31  ? 9.837   6.989   6.364   1.00 12.18 ? 190  ILE A CD1 1 
ATOM   98   N  N   . GLN A 1 32  ? 15.113  5.977   7.476   1.00 9.51  ? 191  GLN A N   1 
ATOM   99   C  CA  . GLN A 1 32  ? 16.422  5.540   7.010   1.00 10.55 ? 191  GLN A CA  1 
ATOM   100  C  C   . GLN A 1 32  ? 17.272  4.955   8.134   1.00 10.19 ? 191  GLN A C   1 
ATOM   101  O  O   . GLN A 1 32  ? 17.972  3.965   7.932   1.00 10.92 ? 191  GLN A O   1 
ATOM   102  C  CB  . GLN A 1 32  ? 17.167  6.712   6.370   1.00 11.59 ? 191  GLN A CB  1 
ATOM   103  C  CG  . GLN A 1 32  ? 16.635  7.093   4.998   1.00 12.45 ? 191  GLN A CG  1 
ATOM   104  C  CD  . GLN A 1 32  ? 17.241  8.375   4.467   1.00 14.89 ? 191  GLN A CD  1 
ATOM   105  O  OE1 . GLN A 1 32  ? 17.687  9.230   5.232   1.00 15.48 ? 191  GLN A OE1 1 
ATOM   106  N  NE2 . GLN A 1 32  ? 17.254  8.519   3.147   1.00 14.08 ? 191  GLN A NE2 1 
ATOM   107  N  N   . ASN A 1 33  ? 17.200  5.564   9.315   1.00 10.88 ? 192  ASN A N   1 
ATOM   108  C  CA  . ASN A 1 33  ? 17.977  5.112   10.467  1.00 12.05 ? 192  ASN A CA  1 
ATOM   109  C  C   . ASN A 1 33  ? 17.306  3.976   11.222  1.00 11.96 ? 192  ASN A C   1 
ATOM   110  O  O   . ASN A 1 33  ? 17.846  3.485   12.212  1.00 12.43 ? 192  ASN A O   1 
ATOM   111  C  CB  . ASN A 1 33  ? 18.210  6.271   11.441  1.00 14.35 ? 192  ASN A CB  1 
ATOM   112  C  CG  . ASN A 1 33  ? 19.172  7.311   10.899  1.00 17.19 ? 192  ASN A CG  1 
ATOM   113  O  OD1 . ASN A 1 33  ? 19.947  7.043   9.982   1.00 20.18 ? 192  ASN A OD1 1 
ATOM   114  N  ND2 . ASN A 1 33  ? 19.125  8.509   11.467  1.00 21.72 ? 192  ASN A ND2 1 
ATOM   115  N  N   . ASN A 1 34  ? 16.131  3.563   10.763  1.00 10.36 ? 193  ASN A N   1 
ATOM   116  C  CA  . ASN A 1 34  ? 15.387  2.497   11.420  1.00 9.98  ? 193  ASN A CA  1 
ATOM   117  C  C   . ASN A 1 34  ? 15.079  2.863   12.870  1.00 10.26 ? 193  ASN A C   1 
ATOM   118  O  O   . ASN A 1 34  ? 15.212  2.039   13.775  1.00 10.38 ? 193  ASN A O   1 
ATOM   119  C  CB  . ASN A 1 34  ? 16.163  1.176   11.368  1.00 10.97 ? 193  ASN A CB  1 
ATOM   120  C  CG  . ASN A 1 34  ? 15.249  -0.039  11.441  1.00 12.81 ? 193  ASN A CG  1 
ATOM   121  O  OD1 . ASN A 1 34  ? 14.107  0.006   10.981  1.00 11.85 ? 193  ASN A OD1 1 
ATOM   122  N  ND2 . ASN A 1 34  ? 15.746  -1.128  12.023  1.00 13.54 ? 193  ASN A ND2 1 
ATOM   123  N  N   . ASP A 1 35  ? 14.670  4.111   13.083  1.00 10.57 ? 194  ASP A N   1 
ATOM   124  C  CA  . ASP A 1 35  ? 14.319  4.596   14.412  1.00 10.92 ? 194  ASP A CA  1 
ATOM   125  C  C   . ASP A 1 35  ? 13.219  3.699   14.989  1.00 11.28 ? 194  ASP A C   1 
ATOM   126  O  O   . ASP A 1 35  ? 12.122  3.624   14.440  1.00 10.73 ? 194  ASP A O   1 
ATOM   127  C  CB  . ASP A 1 35  ? 13.819  6.035   14.310  1.00 11.29 ? 194  ASP A CB  1 
ATOM   128  C  CG  . ASP A 1 35  ? 13.726  6.715   15.656  1.00 12.74 ? 194  ASP A CG  1 
ATOM   129  O  OD1 . ASP A 1 35  ? 13.904  6.026   16.680  1.00 12.00 ? 194  ASP A OD1 1 
ATOM   130  O  OD2 . ASP A 1 35  ? 13.470  7.938   15.689  1.00 14.51 ? 194  ASP A OD2 1 
ATOM   131  N  N   . PRO A 1 36  ? 13.492  3.015   16.113  1.00 11.42 ? 195  PRO A N   1 
ATOM   132  C  CA  . PRO A 1 36  ? 12.457  2.142   16.680  1.00 11.05 ? 195  PRO A CA  1 
ATOM   133  C  C   . PRO A 1 36  ? 11.188  2.826   17.175  1.00 10.38 ? 195  PRO A C   1 
ATOM   134  O  O   . PRO A 1 36  ? 10.150  2.177   17.301  1.00 11.68 ? 195  PRO A O   1 
ATOM   135  C  CB  . PRO A 1 36  ? 13.183  1.397   17.809  1.00 11.33 ? 195  PRO A CB  1 
ATOM   136  C  CG  . PRO A 1 36  ? 14.646  1.637   17.564  1.00 11.35 ? 195  PRO A CG  1 
ATOM   137  C  CD  . PRO A 1 36  ? 14.727  2.980   16.913  1.00 10.80 ? 195  PRO A CD  1 
ATOM   138  N  N   . ASP A 1 37  ? 11.249  4.124   17.455  1.00 9.56  ? 196  ASP A N   1 
ATOM   139  C  CA  . ASP A 1 37  ? 10.066  4.817   17.950  1.00 9.96  ? 196  ASP A CA  1 
ATOM   140  C  C   . ASP A 1 37  ? 9.135   5.297   16.844  1.00 9.34  ? 196  ASP A C   1 
ATOM   141  O  O   . ASP A 1 37  ? 8.063   5.825   17.123  1.00 10.55 ? 196  ASP A O   1 
ATOM   142  C  CB  . ASP A 1 37  ? 10.459  5.995   18.854  1.00 11.00 ? 196  ASP A CB  1 
ATOM   143  C  CG  . ASP A 1 37  ? 11.175  7.105   18.104  1.00 12.04 ? 196  ASP A CG  1 
ATOM   144  O  OD1 . ASP A 1 37  ? 10.926  7.279   16.894  1.00 13.76 ? 196  ASP A OD1 1 
ATOM   145  O  OD2 . ASP A 1 37  ? 11.988  7.815   18.735  1.00 13.17 ? 196  ASP A OD2 1 
ATOM   146  N  N   . LEU A 1 38  ? 9.544   5.115   15.592  1.00 10.42 ? 197  LEU A N   1 
ATOM   147  C  CA  . LEU A 1 38  ? 8.707   5.519   14.463  1.00 10.79 ? 197  LEU A CA  1 
ATOM   148  C  C   . LEU A 1 38  ? 7.943   4.297   13.958  1.00 10.10 ? 197  LEU A C   1 
ATOM   149  O  O   . LEU A 1 38  ? 8.446   3.526   13.141  1.00 9.74  ? 197  LEU A O   1 
ATOM   150  C  CB  . LEU A 1 38  ? 9.557   6.104   13.331  1.00 11.52 ? 197  LEU A CB  1 
ATOM   151  C  CG  . LEU A 1 38  ? 8.756   6.565   12.105  1.00 12.56 ? 197  LEU A CG  1 
ATOM   152  C  CD1 . LEU A 1 38  ? 7.833   7.717   12.487  1.00 12.70 ? 197  LEU A CD1 1 
ATOM   153  C  CD2 . LEU A 1 38  ? 9.708   6.981   10.995  1.00 14.00 ? 197  LEU A CD2 1 
ATOM   154  N  N   . GLU A 1 39  ? 6.726   4.125   14.461  1.00 11.53 ? 198  GLU A N   1 
ATOM   155  C  CA  . GLU A 1 39  ? 5.897   2.994   14.076  1.00 11.85 ? 198  GLU A CA  1 
ATOM   156  C  C   . GLU A 1 39  ? 4.851   3.386   13.047  1.00 11.31 ? 198  GLU A C   1 
ATOM   157  O  O   . GLU A 1 39  ? 4.352   2.542   12.312  1.00 11.27 ? 198  GLU A O   1 
ATOM   158  C  CB  . GLU A 1 39  ? 5.214   2.402   15.307  1.00 13.05 ? 198  GLU A CB  1 
ATOM   159  C  CG  . GLU A 1 39  ? 6.192   1.777   16.287  1.00 17.69 ? 198  GLU A CG  1 
ATOM   160  C  CD  . GLU A 1 39  ? 5.510   1.110   17.464  1.00 20.87 ? 198  GLU A CD  1 
ATOM   161  O  OE1 . GLU A 1 39  ? 4.260   1.083   17.498  1.00 21.31 ? 198  GLU A OE1 1 
ATOM   162  O  OE2 . GLU A 1 39  ? 6.230   0.611   18.357  1.00 22.92 ? 198  GLU A OE2 1 
ATOM   163  N  N   . GLU A 1 40  ? 4.525   4.668   12.995  1.00 12.09 ? 199  GLU A N   1 
ATOM   164  C  CA  . GLU A 1 40  ? 3.530   5.134   12.047  1.00 14.31 ? 199  GLU A CA  1 
ATOM   165  C  C   . GLU A 1 40  ? 3.948   6.413   11.355  1.00 14.64 ? 199  GLU A C   1 
ATOM   166  O  O   . GLU A 1 40  ? 4.308   7.400   12.005  1.00 14.39 ? 199  GLU A O   1 
ATOM   167  C  CB  . GLU A 1 40  ? 2.196   5.354   12.755  1.00 18.71 ? 199  GLU A CB  1 
ATOM   168  C  CG  . GLU A 1 40  ? 1.589   4.079   13.301  1.00 25.43 ? 199  GLU A CG  1 
ATOM   169  C  CD  . GLU A 1 40  ? 0.256   4.314   13.982  1.00 29.64 ? 199  GLU A CD  1 
ATOM   170  O  OE1 . GLU A 1 40  ? -0.342  5.392   13.759  1.00 29.58 ? 199  GLU A OE1 1 
ATOM   171  O  OE2 . GLU A 1 40  ? -0.191  3.419   14.736  1.00 32.27 ? 199  GLU A OE2 1 
ATOM   172  N  N   . VAL A 1 41  ? 3.902   6.384   10.027  1.00 13.44 ? 200  VAL A N   1 
ATOM   173  C  CA  . VAL A 1 41  ? 4.246   7.547   9.228   1.00 12.91 ? 200  VAL A CA  1 
ATOM   174  C  C   . VAL A 1 41  ? 2.971   8.048   8.556   1.00 12.77 ? 200  VAL A C   1 
ATOM   175  O  O   . VAL A 1 41  ? 2.323   7.314   7.810   1.00 12.54 ? 200  VAL A O   1 
ATOM   176  C  CB  . VAL A 1 41  ? 5.288   7.201   8.142   1.00 12.54 ? 200  VAL A CB  1 
ATOM   177  C  CG1 . VAL A 1 41  ? 5.492   8.396   7.217   1.00 12.35 ? 200  VAL A CG1 1 
ATOM   178  C  CG2 . VAL A 1 41  ? 6.604   6.804   8.790   1.00 12.48 ? 200  VAL A CG2 1 
ATOM   179  N  N   . ASN A 1 42  ? 2.606   9.292   8.842   1.00 12.77 ? 201  ASN A N   1 
ATOM   180  C  CA  . ASN A 1 42  ? 1.411   9.883   8.256   1.00 13.58 ? 201  ASN A CA  1 
ATOM   181  C  C   . ASN A 1 42  ? 1.770   11.197  7.580   1.00 13.72 ? 201  ASN A C   1 
ATOM   182  O  O   . ASN A 1 42  ? 1.942   12.224  8.239   1.00 13.24 ? 201  ASN A O   1 
ATOM   183  C  CB  . ASN A 1 42  ? 0.348   10.130  9.331   1.00 16.12 ? 201  ASN A CB  1 
ATOM   184  C  CG  . ASN A 1 42  ? -0.933  10.720  8.759   1.00 18.17 ? 201  ASN A CG  1 
ATOM   185  O  OD1 . ASN A 1 42  ? -0.957  11.196  7.624   1.00 18.13 ? 201  ASN A OD1 1 
ATOM   186  N  ND2 . ASN A 1 42  ? -2.004  10.688  9.545   1.00 20.22 ? 201  ASN A ND2 1 
ATOM   187  N  N   . LEU A 1 43  ? 1.889   11.154  6.259   1.00 11.75 ? 202  LEU A N   1 
ATOM   188  C  CA  . LEU A 1 43  ? 2.222   12.338  5.483   1.00 12.85 ? 202  LEU A CA  1 
ATOM   189  C  C   . LEU A 1 43  ? 0.977   12.840  4.760   1.00 12.45 ? 202  LEU A C   1 
ATOM   190  O  O   . LEU A 1 43  ? 1.061   13.636  3.828   1.00 14.13 ? 202  LEU A O   1 
ATOM   191  C  CB  . LEU A 1 43  ? 3.321   12.005  4.472   1.00 12.11 ? 202  LEU A CB  1 
ATOM   192  C  CG  . LEU A 1 43  ? 4.574   11.385  5.096   1.00 12.34 ? 202  LEU A CG  1 
ATOM   193  C  CD1 . LEU A 1 43  ? 5.554   10.984  4.007   1.00 13.49 ? 202  LEU A CD1 1 
ATOM   194  C  CD2 . LEU A 1 43  ? 5.214   12.386  6.048   1.00 13.77 ? 202  LEU A CD2 1 
ATOM   195  N  N   . ASN A 1 44  ? -0.177  12.364  5.212   1.00 13.08 ? 203  ASN A N   1 
ATOM   196  C  CA  . ASN A 1 44  ? -1.457  12.724  4.617   1.00 13.89 ? 203  ASN A CA  1 
ATOM   197  C  C   . ASN A 1 44  ? -1.685  14.218  4.454   1.00 15.09 ? 203  ASN A C   1 
ATOM   198  O  O   . ASN A 1 44  ? -1.464  15.007  5.374   1.00 14.76 ? 203  ASN A O   1 
ATOM   199  C  CB  . ASN A 1 44  ? -2.610  12.144  5.441   1.00 12.34 ? 203  ASN A CB  1 
ATOM   200  C  CG  . ASN A 1 44  ? -2.691  10.635  5.351   1.00 12.81 ? 203  ASN A CG  1 
ATOM   201  O  OD1 . ASN A 1 44  ? -1.900  9.998   4.655   1.00 11.75 ? 203  ASN A OD1 1 
ATOM   202  N  ND2 . ASN A 1 44  ? -3.651  10.051  6.059   1.00 15.22 ? 203  ASN A ND2 1 
ATOM   203  N  N   . ASN A 1 45  ? -2.124  14.584  3.254   1.00 16.00 ? 204  ASN A N   1 
ATOM   204  C  CA  . ASN A 1 45  ? -2.455  15.958  2.906   1.00 18.54 ? 204  ASN A CA  1 
ATOM   205  C  C   . ASN A 1 45  ? -1.343  16.995  2.912   1.00 19.01 ? 204  ASN A C   1 
ATOM   206  O  O   . ASN A 1 45  ? -1.609  18.199  2.949   1.00 20.10 ? 204  ASN A O   1 
ATOM   207  C  CB  . ASN A 1 45  ? -3.622  16.414  3.776   1.00 20.12 ? 204  ASN A CB  1 
ATOM   208  C  CG  . ASN A 1 45  ? -4.832  15.515  3.618   1.00 21.43 ? 204  ASN A CG  1 
ATOM   209  O  OD1 . ASN A 1 45  ? -5.277  15.253  2.498   1.00 22.98 ? 204  ASN A OD1 1 
ATOM   210  N  ND2 . ASN A 1 45  ? -5.360  15.023  4.734   1.00 23.64 ? 204  ASN A ND2 1 
ATOM   211  N  N   . ILE A 1 46  ? -0.099  16.533  2.887   1.00 19.51 ? 205  ILE A N   1 
ATOM   212  C  CA  . ILE A 1 46  ? 1.031   17.447  2.793   1.00 19.45 ? 205  ILE A CA  1 
ATOM   213  C  C   . ILE A 1 46  ? 1.224   17.452  1.281   1.00 21.03 ? 205  ILE A C   1 
ATOM   214  O  O   . ILE A 1 46  ? 1.663   16.457  0.704   1.00 22.20 ? 205  ILE A O   1 
ATOM   215  C  CB  . ILE A 1 46  ? 2.280   16.890  3.502   1.00 18.39 ? 205  ILE A CB  1 
ATOM   216  C  CG1 . ILE A 1 46  ? 1.978   16.693  4.987   1.00 17.48 ? 205  ILE A CG1 1 
ATOM   217  C  CG2 . ILE A 1 46  ? 3.458   17.854  3.315   1.00 16.73 ? 205  ILE A CG2 1 
ATOM   218  C  CD1 . ILE A 1 46  ? 3.095   16.047  5.781   1.00 16.94 ? 205  ILE A CD1 1 
ATOM   219  N  N   . MET A 1 47  ? 0.884   18.566  0.644   1.00 22.06 ? 206  MET A N   1 
ATOM   220  C  CA  . MET A 1 47  ? 0.922   18.651  -0.810  1.00 24.35 ? 206  MET A CA  1 
ATOM   221  C  C   . MET A 1 47  ? 2.175   19.191  -1.496  1.00 23.22 ? 206  MET A C   1 
ATOM   222  O  O   . MET A 1 47  ? 2.198   19.315  -2.717  1.00 23.71 ? 206  MET A O   1 
ATOM   223  C  CB  . MET A 1 47  ? -0.295  19.453  -1.289  1.00 29.50 ? 206  MET A CB  1 
ATOM   224  C  CG  . MET A 1 47  ? -1.530  19.206  -0.452  1.00 35.19 ? 206  MET A CG  1 
ATOM   225  S  SD  . MET A 1 47  ? -2.982  20.015  -1.066  1.00 44.26 ? 206  MET A SD  1 
ATOM   226  C  CE  . MET A 1 47  ? -4.182  18.651  -1.010  1.00 42.41 ? 206  MET A CE  1 
ATOM   227  N  N   . ASN A 1 48  ? 3.219   19.508  -0.741  1.00 21.66 ? 207  ASN A N   1 
ATOM   228  C  CA  . ASN A 1 48  ? 4.442   20.020  -1.360  1.00 21.94 ? 207  ASN A CA  1 
ATOM   229  C  C   . ASN A 1 48  ? 5.650   19.089  -1.197  1.00 19.86 ? 207  ASN A C   1 
ATOM   230  O  O   . ASN A 1 48  ? 6.802   19.534  -1.237  1.00 20.29 ? 207  ASN A O   1 
ATOM   231  C  CB  . ASN A 1 48  ? 4.782   21.392  -0.785  1.00 24.15 ? 207  ASN A CB  1 
ATOM   232  C  CG  . ASN A 1 48  ? 5.078   21.346  0.701   1.00 26.67 ? 207  ASN A CG  1 
ATOM   233  O  OD1 . ASN A 1 48  ? 4.487   20.550  1.436   1.00 25.94 ? 207  ASN A OD1 1 
ATOM   234  N  ND2 . ASN A 1 48  ? 5.999   22.187  1.150   1.00 28.44 ? 207  ASN A ND2 1 
ATOM   235  N  N   . ILE A 1 49  ? 5.394   17.799  -0.999  1.00 17.03 ? 208  ILE A N   1 
ATOM   236  C  CA  . ILE A 1 49  ? 6.491   16.845  -0.849  1.00 14.64 ? 208  ILE A CA  1 
ATOM   237  C  C   . ILE A 1 49  ? 7.029   16.436  -2.213  1.00 14.67 ? 208  ILE A C   1 
ATOM   238  O  O   . ILE A 1 49  ? 6.295   15.916  -3.050  1.00 14.55 ? 208  ILE A O   1 
ATOM   239  C  CB  . ILE A 1 49  ? 6.046   15.568  -0.110  1.00 13.98 ? 208  ILE A CB  1 
ATOM   240  C  CG1 . ILE A 1 49  ? 5.342   15.930  1.201   1.00 13.49 ? 208  ILE A CG1 1 
ATOM   241  C  CG2 . ILE A 1 49  ? 7.257   14.669  0.155   1.00 12.14 ? 208  ILE A CG2 1 
ATOM   242  C  CD1 . ILE A 1 49  ? 4.607   14.776  1.861   1.00 15.17 ? 208  ILE A CD1 1 
ATOM   243  N  N   . PRO A 1 50  ? 8.329   16.677  -2.459  1.00 13.79 ? 209  PRO A N   1 
ATOM   244  C  CA  . PRO A 1 50  ? 8.903   16.303  -3.756  1.00 14.20 ? 209  PRO A CA  1 
ATOM   245  C  C   . PRO A 1 50  ? 8.846   14.791  -3.961  1.00 13.96 ? 209  PRO A C   1 
ATOM   246  O  O   . PRO A 1 50  ? 9.037   14.022  -3.016  1.00 13.17 ? 209  PRO A O   1 
ATOM   247  C  CB  . PRO A 1 50  ? 10.345  16.811  -3.680  1.00 14.03 ? 209  PRO A CB  1 
ATOM   248  C  CG  . PRO A 1 50  ? 10.353  17.800  -2.556  1.00 14.06 ? 209  PRO A CG  1 
ATOM   249  C  CD  . PRO A 1 50  ? 9.324   17.319  -1.583  1.00 13.85 ? 209  PRO A CD  1 
ATOM   250  N  N   . VAL A 1 51  ? 8.576   14.362  -5.188  1.00 13.71 ? 210  VAL A N   1 
ATOM   251  C  CA  . VAL A 1 51  ? 8.507   12.937  -5.487  1.00 13.33 ? 210  VAL A CA  1 
ATOM   252  C  C   . VAL A 1 51  ? 9.806   12.247  -5.065  1.00 13.31 ? 210  VAL A C   1 
ATOM   253  O  O   . VAL A 1 51  ? 9.778   11.143  -4.522  1.00 12.90 ? 210  VAL A O   1 
ATOM   254  C  CB  . VAL A 1 51  ? 8.220   12.695  -6.994  1.00 13.30 ? 210  VAL A CB  1 
ATOM   255  C  CG1 . VAL A 1 51  ? 8.549   11.254  -7.378  1.00 12.16 ? 210  VAL A CG1 1 
ATOM   256  C  CG2 . VAL A 1 51  ? 6.754   12.994  -7.278  1.00 14.32 ? 210  VAL A CG2 1 
ATOM   257  N  N   . PRO A 1 52  ? 10.965  12.875  -5.329  1.00 13.74 ? 211  PRO A N   1 
ATOM   258  C  CA  . PRO A 1 52  ? 12.227  12.244  -4.925  1.00 14.08 ? 211  PRO A CA  1 
ATOM   259  C  C   . PRO A 1 52  ? 12.254  11.905  -3.430  1.00 13.95 ? 211  PRO A C   1 
ATOM   260  O  O   . PRO A 1 52  ? 12.850  10.902  -3.029  1.00 13.43 ? 211  PRO A O   1 
ATOM   261  C  CB  . PRO A 1 52  ? 13.284  13.284  -5.300  1.00 14.71 ? 211  PRO A CB  1 
ATOM   262  C  CG  . PRO A 1 52  ? 12.656  14.057  -6.408  1.00 15.49 ? 211  PRO A CG  1 
ATOM   263  C  CD  . PRO A 1 52  ? 11.197  14.136  -6.055  1.00 14.49 ? 211  PRO A CD  1 
ATOM   264  N  N   . THR A 1 53  ? 11.609  12.740  -2.614  1.00 12.84 ? 212  THR A N   1 
ATOM   265  C  CA  . THR A 1 53  ? 11.558  12.506  -1.168  1.00 13.10 ? 212  THR A CA  1 
ATOM   266  C  C   . THR A 1 53  ? 10.642  11.326  -0.848  1.00 12.86 ? 212  THR A C   1 
ATOM   267  O  O   . THR A 1 53  ? 10.939  10.522  0.037   1.00 12.21 ? 212  THR A O   1 
ATOM   268  C  CB  . THR A 1 53  ? 11.048  13.748  -0.402  1.00 14.04 ? 212  THR A CB  1 
ATOM   269  O  OG1 . THR A 1 53  ? 11.940  14.843  -0.627  1.00 14.76 ? 212  THR A OG1 1 
ATOM   270  C  CG2 . THR A 1 53  ? 10.980  13.465  1.096   1.00 12.84 ? 212  THR A CG2 1 
ATOM   271  N  N   . LEU A 1 54  ? 9.523   11.228  -1.562  1.00 11.14 ? 213  LEU A N   1 
ATOM   272  C  CA  . LEU A 1 54  ? 8.598   10.120  -1.350  1.00 11.01 ? 213  LEU A CA  1 
ATOM   273  C  C   . LEU A 1 54  ? 9.284   8.839   -1.825  1.00 9.91  ? 213  LEU A C   1 
ATOM   274  O  O   . LEU A 1 54  ? 9.136   7.782   -1.213  1.00 10.65 ? 213  LEU A O   1 
ATOM   275  C  CB  . LEU A 1 54  ? 7.293   10.351  -2.122  1.00 11.66 ? 213  LEU A CB  1 
ATOM   276  C  CG  . LEU A 1 54  ? 6.389   11.428  -1.516  1.00 12.64 ? 213  LEU A CG  1 
ATOM   277  C  CD1 . LEU A 1 54  ? 5.353   11.877  -2.533  1.00 14.75 ? 213  LEU A CD1 1 
ATOM   278  C  CD2 . LEU A 1 54  ? 5.717   10.880  -0.263  1.00 15.99 ? 213  LEU A CD2 1 
ATOM   279  N  N   . LYS A 1 55  ? 10.040  8.945   -2.915  1.00 10.26 ? 214  LYS A N   1 
ATOM   280  C  CA  . LYS A 1 55  ? 10.773  7.804   -3.453  1.00 10.98 ? 214  LYS A CA  1 
ATOM   281  C  C   . LYS A 1 55  ? 11.814  7.362   -2.423  1.00 10.51 ? 214  LYS A C   1 
ATOM   282  O  O   . LYS A 1 55  ? 12.054  6.169   -2.237  1.00 10.73 ? 214  LYS A O   1 
ATOM   283  C  CB  . LYS A 1 55  ? 11.483  8.192   -4.748  1.00 12.62 ? 214  LYS A CB  1 
ATOM   284  C  CG  . LYS A 1 55  ? 10.637  8.074   -6.003  1.00 16.72 ? 214  LYS A CG  1 
ATOM   285  C  CD  . LYS A 1 55  ? 11.508  8.317   -7.230  1.00 17.61 ? 214  LYS A CD  1 
ATOM   286  C  CE  . LYS A 1 55  ? 10.675  8.495   -8.480  1.00 22.02 ? 214  LYS A CE  1 
ATOM   287  N  NZ  . LYS A 1 55  ? 11.534  8.712   -9.680  1.00 23.91 ? 214  LYS A NZ  1 
ATOM   288  N  N   . ALA A 1 56  ? 12.423  8.338   -1.754  1.00 10.66 ? 215  ALA A N   1 
ATOM   289  C  CA  . ALA A 1 56  ? 13.431  8.059   -0.734  1.00 10.65 ? 215  ALA A CA  1 
ATOM   290  C  C   . ALA A 1 56  ? 12.803  7.334   0.456   1.00 10.10 ? 215  ALA A C   1 
ATOM   291  O  O   . ALA A 1 56  ? 13.423  6.453   1.052   1.00 10.58 ? 215  ALA A O   1 
ATOM   292  C  CB  . ALA A 1 56  ? 14.087  9.358   -0.281  1.00 10.38 ? 215  ALA A CB  1 
ATOM   293  N  N   . CYS A 1 57  ? 11.575  7.706   0.803   1.00 9.26  ? 216  CYS A N   1 
ATOM   294  C  CA  . CYS A 1 57  ? 10.873  7.054   1.906   1.00 9.44  ? 216  CYS A CA  1 
ATOM   295  C  C   . CYS A 1 57  ? 10.637  5.591   1.545   1.00 9.03  ? 216  CYS A C   1 
ATOM   296  O  O   . CYS A 1 57  ? 10.808  4.703   2.377   1.00 9.41  ? 216  CYS A O   1 
ATOM   297  C  CB  . CYS A 1 57  ? 9.525   7.729   2.161   1.00 11.10 ? 216  CYS A CB  1 
ATOM   298  S  SG  . CYS A 1 57  ? 9.634   9.348   2.937   1.00 10.90 ? 216  CYS A SG  1 
ATOM   299  N  N   . ALA A 1 58  ? 10.237  5.348   0.297   1.00 8.76  ? 217  ALA A N   1 
ATOM   300  C  CA  . ALA A 1 58  ? 9.988   3.989   -0.175  1.00 8.07  ? 217  ALA A CA  1 
ATOM   301  C  C   . ALA A 1 58  ? 11.273  3.163   -0.113  1.00 8.68  ? 217  ALA A C   1 
ATOM   302  O  O   . ALA A 1 58  ? 11.266  2.023   0.349   1.00 9.34  ? 217  ALA A O   1 
ATOM   303  C  CB  . ALA A 1 58  ? 9.453   4.021   -1.610  1.00 8.48  ? 217  ALA A CB  1 
ATOM   304  N  N   . GLU A 1 59  ? 12.373  3.746   -0.582  1.00 9.55  ? 218  GLU A N   1 
ATOM   305  C  CA  . GLU A 1 59  ? 13.660  3.058   -0.578  1.00 11.29 ? 218  GLU A CA  1 
ATOM   306  C  C   . GLU A 1 59  ? 14.090  2.736   0.850   1.00 10.50 ? 218  GLU A C   1 
ATOM   307  O  O   . GLU A 1 59  ? 14.538  1.628   1.137   1.00 10.64 ? 218  GLU A O   1 
ATOM   308  C  CB  . GLU A 1 59  ? 14.729  3.920   -1.261  1.00 13.99 ? 218  GLU A CB  1 
ATOM   309  C  CG  . GLU A 1 59  ? 16.094  3.242   -1.376  1.00 19.21 ? 218  GLU A CG  1 
ATOM   310  C  CD  . GLU A 1 59  ? 16.072  2.012   -2.274  1.00 22.71 ? 218  GLU A CD  1 
ATOM   311  O  OE1 . GLU A 1 59  ? 15.159  1.909   -3.123  1.00 23.79 ? 218  GLU A OE1 1 
ATOM   312  O  OE2 . GLU A 1 59  ? 16.968  1.148   -2.133  1.00 25.15 ? 218  GLU A OE2 1 
ATOM   313  N  N   . ALA A 1 60  ? 13.940  3.715   1.737   1.00 11.17 ? 219  ALA A N   1 
ATOM   314  C  CA  . ALA A 1 60  ? 14.306  3.553   3.141   1.00 10.65 ? 219  ALA A CA  1 
ATOM   315  C  C   . ALA A 1 60  ? 13.485  2.448   3.806   1.00 10.40 ? 219  ALA A C   1 
ATOM   316  O  O   . ALA A 1 60  ? 13.991  1.714   4.660   1.00 10.20 ? 219  ALA A O   1 
ATOM   317  C  CB  . ALA A 1 60  ? 14.114  4.871   3.883   1.00 9.80  ? 219  ALA A CB  1 
ATOM   318  N  N   . LEU A 1 61  ? 12.221  2.321   3.413   1.00 8.67  ? 220  LEU A N   1 
ATOM   319  C  CA  . LEU A 1 61  ? 11.360  1.300   3.993   1.00 8.86  ? 220  LEU A CA  1 
ATOM   320  C  C   . LEU A 1 61  ? 11.810  -0.116  3.639   1.00 8.77  ? 220  LEU A C   1 
ATOM   321  O  O   . LEU A 1 61  ? 11.457  -1.075  4.326   1.00 10.41 ? 220  LEU A O   1 
ATOM   322  C  CB  . LEU A 1 61  ? 9.909   1.517   3.550   1.00 8.47  ? 220  LEU A CB  1 
ATOM   323  C  CG  . LEU A 1 61  ? 9.134   2.604   4.307   1.00 8.61  ? 220  LEU A CG  1 
ATOM   324  C  CD1 . LEU A 1 61  ? 7.821   2.866   3.587   1.00 9.44  ? 220  LEU A CD1 1 
ATOM   325  C  CD2 . LEU A 1 61  ? 8.876   2.179   5.743   1.00 7.35  ? 220  LEU A CD2 1 
ATOM   326  N  N   . LYS A 1 62  ? 12.596  -0.256  2.578   1.00 10.04 ? 221  LYS A N   1 
ATOM   327  C  CA  . LYS A 1 62  ? 13.069  -1.575  2.160   1.00 11.26 ? 221  LYS A CA  1 
ATOM   328  C  C   . LYS A 1 62  ? 13.869  -2.249  3.264   1.00 12.20 ? 221  LYS A C   1 
ATOM   329  O  O   . LYS A 1 62  ? 13.804  -3.463  3.440   1.00 12.85 ? 221  LYS A O   1 
ATOM   330  C  CB  . LYS A 1 62  ? 13.935  -1.454  0.904   1.00 10.93 ? 221  LYS A CB  1 
ATOM   331  C  CG  . LYS A 1 62  ? 13.142  -1.122  -0.341  1.00 10.05 ? 221  LYS A CG  1 
ATOM   332  C  CD  . LYS A 1 62  ? 14.016  -1.177  -1.574  1.00 9.95  ? 221  LYS A CD  1 
ATOM   333  C  CE  . LYS A 1 62  ? 13.225  -0.774  -2.805  1.00 12.33 ? 221  LYS A CE  1 
ATOM   334  N  NZ  . LYS A 1 62  ? 14.075  -0.771  -4.029  1.00 13.29 ? 221  LYS A NZ  1 
ATOM   335  N  N   . THR A 1 63  ? 14.624  -1.447  4.016   1.00 12.75 ? 222  THR A N   1 
ATOM   336  C  CA  . THR A 1 63  ? 15.446  -1.970  5.100   1.00 14.53 ? 222  THR A CA  1 
ATOM   337  C  C   . THR A 1 63  ? 14.921  -1.607  6.491   1.00 13.96 ? 222  THR A C   1 
ATOM   338  O  O   . THR A 1 63  ? 15.480  -2.033  7.500   1.00 15.31 ? 222  THR A O   1 
ATOM   339  C  CB  . THR A 1 63  ? 16.915  -1.485  4.972   1.00 15.23 ? 222  THR A CB  1 
ATOM   340  O  OG1 . THR A 1 63  ? 16.958  -0.058  4.899   1.00 16.28 ? 222  THR A OG1 1 
ATOM   341  C  CG2 . THR A 1 63  ? 17.555  -2.074  3.723   1.00 16.09 ? 222  THR A CG2 1 
ATOM   342  N  N   . ASN A 1 64  ? 13.844  -0.834  6.546   1.00 11.58 ? 223  ASN A N   1 
ATOM   343  C  CA  . ASN A 1 64  ? 13.263  -0.445  7.822   1.00 11.31 ? 223  ASN A CA  1 
ATOM   344  C  C   . ASN A 1 64  ? 12.407  -1.589  8.373   1.00 11.77 ? 223  ASN A C   1 
ATOM   345  O  O   . ASN A 1 64  ? 11.651  -2.219  7.637   1.00 11.59 ? 223  ASN A O   1 
ATOM   346  C  CB  . ASN A 1 64  ? 12.426  0.827   7.639   1.00 10.61 ? 223  ASN A CB  1 
ATOM   347  C  CG  . ASN A 1 64  ? 11.730  1.252   8.910   1.00 10.35 ? 223  ASN A CG  1 
ATOM   348  O  OD1 . ASN A 1 64  ? 10.766  0.617   9.344   1.00 9.00  ? 223  ASN A OD1 1 
ATOM   349  N  ND2 . ASN A 1 64  ? 12.204  2.343   9.514   1.00 9.39  ? 223  ASN A ND2 1 
ATOM   350  N  N   . THR A 1 65  ? 12.517  -1.845  9.673   1.00 11.67 ? 224  THR A N   1 
ATOM   351  C  CA  . THR A 1 65  ? 11.761  -2.927  10.295  1.00 12.37 ? 224  THR A CA  1 
ATOM   352  C  C   . THR A 1 65  ? 10.805  -2.496  11.411  1.00 11.43 ? 224  THR A C   1 
ATOM   353  O  O   . THR A 1 65  ? 10.175  -3.344  12.038  1.00 14.85 ? 224  THR A O   1 
ATOM   354  C  CB  . THR A 1 65  ? 12.710  -4.002  10.871  1.00 13.98 ? 224  THR A CB  1 
ATOM   355  O  OG1 . THR A 1 65  ? 13.503  -3.435  11.920  1.00 15.38 ? 224  THR A OG1 1 
ATOM   356  C  CG2 . THR A 1 65  ? 13.618  -4.541  9.785   1.00 13.80 ? 224  THR A CG2 1 
ATOM   357  N  N   . TYR A 1 66  ? 10.689  -1.196  11.657  1.00 9.84  ? 225  TYR A N   1 
ATOM   358  C  CA  . TYR A 1 66  ? 9.824   -0.723  12.725  1.00 9.94  ? 225  TYR A CA  1 
ATOM   359  C  C   . TYR A 1 66  ? 8.541   -0.015  12.283  1.00 10.09 ? 225  TYR A C   1 
ATOM   360  O  O   . TYR A 1 66  ? 7.543   -0.033  13.009  1.00 11.44 ? 225  TYR A O   1 
ATOM   361  C  CB  . TYR A 1 66  ? 10.618  0.186   13.665  1.00 10.22 ? 225  TYR A CB  1 
ATOM   362  C  CG  . TYR A 1 66  ? 11.605  -0.577  14.534  1.00 9.89  ? 225  TYR A CG  1 
ATOM   363  C  CD1 . TYR A 1 66  ? 11.160  -1.445  15.531  1.00 9.31  ? 225  TYR A CD1 1 
ATOM   364  C  CD2 . TYR A 1 66  ? 12.978  -0.437  14.342  1.00 11.30 ? 225  TYR A CD2 1 
ATOM   365  C  CE1 . TYR A 1 66  ? 12.060  -2.161  16.320  1.00 9.53  ? 225  TYR A CE1 1 
ATOM   366  C  CE2 . TYR A 1 66  ? 13.890  -1.145  15.121  1.00 10.09 ? 225  TYR A CE2 1 
ATOM   367  C  CZ  . TYR A 1 66  ? 13.425  -2.005  16.106  1.00 10.76 ? 225  TYR A CZ  1 
ATOM   368  O  OH  . TYR A 1 66  ? 14.327  -2.706  16.872  1.00 12.45 ? 225  TYR A OH  1 
ATOM   369  N  N   . VAL A 1 67  ? 8.555   0.618   11.111  1.00 10.00 ? 226  VAL A N   1 
ATOM   370  C  CA  . VAL A 1 67  ? 7.358   1.300   10.626  1.00 8.84  ? 226  VAL A CA  1 
ATOM   371  C  C   . VAL A 1 67  ? 6.289   0.254   10.314  1.00 8.91  ? 226  VAL A C   1 
ATOM   372  O  O   . VAL A 1 67  ? 6.510   -0.648  9.504   1.00 9.13  ? 226  VAL A O   1 
ATOM   373  C  CB  . VAL A 1 67  ? 7.649   2.113   9.340   1.00 8.17  ? 226  VAL A CB  1 
ATOM   374  C  CG1 . VAL A 1 67  ? 6.350   2.685   8.786   1.00 8.53  ? 226  VAL A CG1 1 
ATOM   375  C  CG2 . VAL A 1 67  ? 8.631   3.236   9.633   1.00 8.53  ? 226  VAL A CG2 1 
ATOM   376  N  N   . LYS A 1 68  ? 5.133   0.387   10.953  1.00 9.38  ? 227  LYS A N   1 
ATOM   377  C  CA  . LYS A 1 68  ? 4.040   -0.554  10.740  1.00 10.72 ? 227  LYS A CA  1 
ATOM   378  C  C   . LYS A 1 68  ? 2.953   0.024   9.844   1.00 9.94  ? 227  LYS A C   1 
ATOM   379  O  O   . LYS A 1 68  ? 2.236   -0.716  9.172   1.00 10.22 ? 227  LYS A O   1 
ATOM   380  C  CB  . LYS A 1 68  ? 3.423   -0.953  12.086  1.00 13.46 ? 227  LYS A CB  1 
ATOM   381  C  CG  . LYS A 1 68  ? 4.370   -1.705  13.013  1.00 17.72 ? 227  LYS A CG  1 
ATOM   382  C  CD  . LYS A 1 68  ? 3.710   -2.001  14.354  1.00 24.09 ? 227  LYS A CD  1 
ATOM   383  C  CE  . LYS A 1 68  ? 3.582   -0.741  15.203  1.00 28.84 ? 227  LYS A CE  1 
ATOM   384  N  NZ  . LYS A 1 68  ? 2.554   -0.872  16.280  1.00 31.82 ? 227  LYS A NZ  1 
ATOM   385  N  N   . LYS A 1 69  ? 2.841   1.347   9.839   1.00 9.58  ? 228  LYS A N   1 
ATOM   386  C  CA  . LYS A 1 69  ? 1.830   2.028   9.041   1.00 10.41 ? 228  LYS A CA  1 
ATOM   387  C  C   . LYS A 1 69  ? 2.450   3.188   8.268   1.00 9.91  ? 228  LYS A C   1 
ATOM   388  O  O   . LYS A 1 69  ? 3.156   4.022   8.837   1.00 9.14  ? 228  LYS A O   1 
ATOM   389  C  CB  . LYS A 1 69  ? 0.716   2.539   9.960   1.00 13.54 ? 228  LYS A CB  1 
ATOM   390  C  CG  . LYS A 1 69  ? -0.545  2.996   9.243   1.00 17.83 ? 228  LYS A CG  1 
ATOM   391  C  CD  . LYS A 1 69  ? -1.730  3.044   10.204  1.00 21.66 ? 228  LYS A CD  1 
ATOM   392  C  CE  . LYS A 1 69  ? -2.874  3.871   9.630   1.00 24.28 ? 228  LYS A CE  1 
ATOM   393  N  NZ  . LYS A 1 69  ? -3.754  4.435   10.695  1.00 25.73 ? 228  LYS A NZ  1 
ATOM   394  N  N   . PHE A 1 70  ? 2.183   3.232   6.966   1.00 9.26  ? 229  PHE A N   1 
ATOM   395  C  CA  . PHE A 1 70  ? 2.712   4.284   6.103   1.00 9.73  ? 229  PHE A CA  1 
ATOM   396  C  C   . PHE A 1 70  ? 1.566   4.845   5.268   1.00 10.12 ? 229  PHE A C   1 
ATOM   397  O  O   . PHE A 1 70  ? 0.935   4.115   4.504   1.00 9.82  ? 229  PHE A O   1 
ATOM   398  C  CB  . PHE A 1 70  ? 3.802   3.714   5.192   1.00 9.04  ? 229  PHE A CB  1 
ATOM   399  C  CG  . PHE A 1 70  ? 4.514   4.752   4.371   1.00 9.16  ? 229  PHE A CG  1 
ATOM   400  C  CD1 . PHE A 1 70  ? 5.553   5.502   4.921   1.00 10.43 ? 229  PHE A CD1 1 
ATOM   401  C  CD2 . PHE A 1 70  ? 4.157   4.975   3.043   1.00 8.38  ? 229  PHE A CD2 1 
ATOM   402  C  CE1 . PHE A 1 70  ? 6.228   6.461   4.160   1.00 11.04 ? 229  PHE A CE1 1 
ATOM   403  C  CE2 . PHE A 1 70  ? 4.826   5.931   2.271   1.00 9.90  ? 229  PHE A CE2 1 
ATOM   404  C  CZ  . PHE A 1 70  ? 5.864   6.676   2.831   1.00 9.81  ? 229  PHE A CZ  1 
ATOM   405  N  N   . SER A 1 71  ? 1.311   6.142   5.415   1.00 10.76 ? 230  SER A N   1 
ATOM   406  C  CA  . SER A 1 71  ? 0.216   6.796   4.708   1.00 11.42 ? 230  SER A CA  1 
ATOM   407  C  C   . SER A 1 71  ? 0.631   8.068   3.975   1.00 10.87 ? 230  SER A C   1 
ATOM   408  O  O   . SER A 1 71  ? 1.286   8.941   4.547   1.00 11.12 ? 230  SER A O   1 
ATOM   409  C  CB  . SER A 1 71  ? -0.897  7.128   5.707   1.00 12.56 ? 230  SER A CB  1 
ATOM   410  O  OG  . SER A 1 71  ? -2.126  7.362   5.049   1.00 19.20 ? 230  SER A OG  1 
ATOM   411  N  N   . ILE A 1 72  ? 0.241   8.167   2.706   1.00 9.29  ? 231  ILE A N   1 
ATOM   412  C  CA  . ILE A 1 72  ? 0.551   9.341   1.901   1.00 9.79  ? 231  ILE A CA  1 
ATOM   413  C  C   . ILE A 1 72  ? -0.675  9.771   1.098   1.00 9.55  ? 231  ILE A C   1 
ATOM   414  O  O   . ILE A 1 72  ? -0.598  10.042  -0.100  1.00 9.74  ? 231  ILE A O   1 
ATOM   415  C  CB  . ILE A 1 72  ? 1.739   9.084   0.945   1.00 10.09 ? 231  ILE A CB  1 
ATOM   416  C  CG1 . ILE A 1 72  ? 1.532   7.778   0.169   1.00 11.12 ? 231  ILE A CG1 1 
ATOM   417  C  CG2 . ILE A 1 72  ? 3.031   9.029   1.741   1.00 11.39 ? 231  ILE A CG2 1 
ATOM   418  C  CD1 . ILE A 1 72  ? 2.405   7.667   -1.072  1.00 9.46  ? 231  ILE A CD1 1 
ATOM   419  N  N   . VAL A 1 73  ? -1.809  9.827   1.782   1.00 9.48  ? 232  VAL A N   1 
ATOM   420  C  CA  . VAL A 1 73  ? -3.066  10.235  1.169   1.00 10.21 ? 232  VAL A CA  1 
ATOM   421  C  C   . VAL A 1 73  ? -2.951  11.687  0.706   1.00 9.77  ? 232  VAL A C   1 
ATOM   422  O  O   . VAL A 1 73  ? -2.395  12.524  1.413   1.00 10.67 ? 232  VAL A O   1 
ATOM   423  C  CB  . VAL A 1 73  ? -4.230  10.137  2.190   1.00 10.53 ? 232  VAL A CB  1 
ATOM   424  C  CG1 . VAL A 1 73  ? -5.500  10.743  1.599   1.00 10.61 ? 232  VAL A CG1 1 
ATOM   425  C  CG2 . VAL A 1 73  ? -4.457  8.686   2.586   1.00 11.15 ? 232  VAL A CG2 1 
ATOM   426  N  N   . GLY A 1 74  ? -3.474  11.977  -0.481  1.00 10.28 ? 233  GLY A N   1 
ATOM   427  C  CA  . GLY A 1 74  ? -3.449  13.336  -1.000  1.00 10.74 ? 233  GLY A CA  1 
ATOM   428  C  C   . GLY A 1 74  ? -2.110  14.050  -1.012  1.00 10.41 ? 233  GLY A C   1 
ATOM   429  O  O   . GLY A 1 74  ? -2.026  15.222  -0.638  1.00 11.76 ? 233  GLY A O   1 
ATOM   430  N  N   . THR A 1 75  ? -1.064  13.353  -1.449  1.00 10.32 ? 234  THR A N   1 
ATOM   431  C  CA  . THR A 1 75  ? 0.275   13.932  -1.517  1.00 10.31 ? 234  THR A CA  1 
ATOM   432  C  C   . THR A 1 75  ? 0.677   14.201  -2.966  1.00 10.39 ? 234  THR A C   1 
ATOM   433  O  O   . THR A 1 75  ? 1.849   14.444  -3.257  1.00 10.36 ? 234  THR A O   1 
ATOM   434  C  CB  . THR A 1 75  ? 1.334   12.991  -0.878  1.00 10.19 ? 234  THR A CB  1 
ATOM   435  O  OG1 . THR A 1 75  ? 1.239   11.691  -1.476  1.00 9.62  ? 234  THR A OG1 1 
ATOM   436  C  CG2 . THR A 1 75  ? 1.113   12.874  0.632   1.00 8.53  ? 234  THR A CG2 1 
ATOM   437  N  N   . ARG A 1 76  ? -0.303  14.154  -3.868  1.00 10.86 ? 235  ARG A N   1 
ATOM   438  C  CA  . ARG A 1 76  ? -0.075  14.389  -5.291  1.00 10.61 ? 235  ARG A CA  1 
ATOM   439  C  C   . ARG A 1 76  ? 0.900   13.366  -5.862  1.00 10.63 ? 235  ARG A C   1 
ATOM   440  O  O   . ARG A 1 76  ? 1.636   13.646  -6.811  1.00 10.59 ? 235  ARG A O   1 
ATOM   441  C  CB  . ARG A 1 76  ? 0.455   15.809  -5.516  1.00 12.71 ? 235  ARG A CB  1 
ATOM   442  C  CG  . ARG A 1 76  ? -0.459  16.901  -4.976  1.00 15.50 ? 235  ARG A CG  1 
ATOM   443  C  CD  . ARG A 1 76  ? 0.283   18.224  -4.849  1.00 22.65 ? 235  ARG A CD  1 
ATOM   444  N  NE  . ARG A 1 76  ? 0.518   18.852  -6.149  1.00 25.56 ? 235  ARG A NE  1 
ATOM   445  C  CZ  . ARG A 1 76  ? 1.235   19.957  -6.335  1.00 26.31 ? 235  ARG A CZ  1 
ATOM   446  N  NH1 . ARG A 1 76  ? 1.797   20.569  -5.303  1.00 27.23 ? 235  ARG A NH1 1 
ATOM   447  N  NH2 . ARG A 1 76  ? 1.389   20.452  -7.557  1.00 27.39 ? 235  ARG A NH2 1 
ATOM   448  N  N   . SER A 1 77  ? 0.899   12.174  -5.272  1.00 10.68 ? 236  SER A N   1 
ATOM   449  C  CA  . SER A 1 77  ? 1.777   11.095  -5.716  1.00 10.83 ? 236  SER A CA  1 
ATOM   450  C  C   . SER A 1 77  ? 1.330   10.557  -7.069  1.00 12.74 ? 236  SER A C   1 
ATOM   451  O  O   . SER A 1 77  ? 0.148   10.624  -7.421  1.00 11.59 ? 236  SER A O   1 
ATOM   452  C  CB  . SER A 1 77  ? 1.785   9.967   -4.689  1.00 10.09 ? 236  SER A CB  1 
ATOM   453  O  OG  . SER A 1 77  ? 2.484   10.357  -3.518  1.00 11.09 ? 236  SER A OG  1 
ATOM   454  N  N   . ASN A 1 78  ? 2.280   10.013  -7.816  1.00 12.64 ? 237  ASN A N   1 
ATOM   455  C  CA  . ASN A 1 78  ? 2.000   9.479   -9.141  1.00 12.74 ? 237  ASN A CA  1 
ATOM   456  C  C   . ASN A 1 78  ? 2.635   8.095   -9.312  1.00 11.82 ? 237  ASN A C   1 
ATOM   457  O  O   . ASN A 1 78  ? 3.127   7.510   -8.357  1.00 11.51 ? 237  ASN A O   1 
ATOM   458  C  CB  . ASN A 1 78  ? 2.540   10.435  -10.206 1.00 16.65 ? 237  ASN A CB  1 
ATOM   459  C  CG  . ASN A 1 78  ? 3.917   10.977  -9.860  1.00 19.87 ? 237  ASN A CG  1 
ATOM   460  O  OD1 . ASN A 1 78  ? 4.693   10.328  -9.151  1.00 23.45 ? 237  ASN A OD1 1 
ATOM   461  N  ND2 . ASN A 1 78  ? 4.227   12.166  -10.362 1.00 22.32 ? 237  ASN A ND2 1 
ATOM   462  N  N   . ASP A 1 79  ? 2.624   7.593   -10.538 1.00 10.34 ? 238  ASP A N   1 
ATOM   463  C  CA  . ASP A 1 79  ? 3.166   6.277   -10.816 1.00 10.48 ? 238  ASP A CA  1 
ATOM   464  C  C   . ASP A 1 79  ? 4.596   6.037   -10.308 1.00 9.33  ? 238  ASP A C   1 
ATOM   465  O  O   . ASP A 1 79  ? 4.872   4.980   -9.747  1.00 9.14  ? 238  ASP A O   1 
ATOM   466  C  CB  . ASP A 1 79  ? 3.074   5.972   -12.313 1.00 11.50 ? 238  ASP A CB  1 
ATOM   467  C  CG  . ASP A 1 79  ? 1.678   5.583   -12.716 1.00 12.29 ? 238  ASP A CG  1 
ATOM   468  O  OD1 . ASP A 1 79  ? 0.872   5.254   -11.809 1.00 13.13 ? 238  ASP A OD1 1 
ATOM   469  O  OD2 . ASP A 1 79  ? 1.365   5.590   -13.925 1.00 13.45 ? 238  ASP A OD2 1 
ATOM   470  N  N   . PRO A 1 80  ? 5.515   6.986   -10.519 1.00 9.78  ? 239  PRO A N   1 
ATOM   471  C  CA  . PRO A 1 80  ? 6.881   6.778   -10.028 1.00 9.46  ? 239  PRO A CA  1 
ATOM   472  C  C   . PRO A 1 80  ? 6.890   6.422   -8.537  1.00 8.55  ? 239  PRO A C   1 
ATOM   473  O  O   . PRO A 1 80  ? 7.665   5.573   -8.099  1.00 8.31  ? 239  PRO A O   1 
ATOM   474  C  CB  . PRO A 1 80  ? 7.571   8.102   -10.315 1.00 10.48 ? 239  PRO A CB  1 
ATOM   475  C  CG  . PRO A 1 80  ? 6.830   8.651   -11.487 1.00 11.42 ? 239  PRO A CG  1 
ATOM   476  C  CD  . PRO A 1 80  ? 5.388   8.261   -11.252 1.00 11.74 ? 239  PRO A CD  1 
ATOM   477  N  N   . VAL A 1 81  ? 6.033   7.073   -7.754  1.00 8.41  ? 240  VAL A N   1 
ATOM   478  C  CA  . VAL A 1 81  ? 5.962   6.792   -6.322  1.00 7.96  ? 240  VAL A CA  1 
ATOM   479  C  C   . VAL A 1 81  ? 5.356   5.405   -6.089  1.00 8.04  ? 240  VAL A C   1 
ATOM   480  O  O   . VAL A 1 81  ? 5.837   4.638   -5.254  1.00 7.73  ? 240  VAL A O   1 
ATOM   481  C  CB  . VAL A 1 81  ? 5.120   7.851   -5.575  1.00 9.00  ? 240  VAL A CB  1 
ATOM   482  C  CG1 . VAL A 1 81  ? 4.921   7.438   -4.119  1.00 8.42  ? 240  VAL A CG1 1 
ATOM   483  C  CG2 . VAL A 1 81  ? 5.813   9.199   -5.642  1.00 9.61  ? 240  VAL A CG2 1 
ATOM   484  N  N   . ALA A 1 82  ? 4.303   5.080   -6.834  1.00 7.35  ? 241  ALA A N   1 
ATOM   485  C  CA  . ALA A 1 82  ? 3.660   3.776   -6.696  1.00 7.72  ? 241  ALA A CA  1 
ATOM   486  C  C   . ALA A 1 82  ? 4.631   2.645   -7.033  1.00 6.50  ? 241  ALA A C   1 
ATOM   487  O  O   . ALA A 1 82  ? 4.679   1.633   -6.339  1.00 7.68  ? 241  ALA A O   1 
ATOM   488  C  CB  . ALA A 1 82  ? 2.429   3.693   -7.602  1.00 7.74  ? 241  ALA A CB  1 
ATOM   489  N  N   . PHE A 1 83  ? 5.403   2.813   -8.101  1.00 6.76  ? 242  PHE A N   1 
ATOM   490  C  CA  . PHE A 1 83  ? 6.358   1.784   -8.497  1.00 6.41  ? 242  PHE A CA  1 
ATOM   491  C  C   . PHE A 1 83  ? 7.438   1.614   -7.427  1.00 6.22  ? 242  PHE A C   1 
ATOM   492  O  O   . PHE A 1 83  ? 7.877   0.498   -7.156  1.00 7.37  ? 242  PHE A O   1 
ATOM   493  C  CB  . PHE A 1 83  ? 7.005   2.139   -9.846  1.00 7.32  ? 242  PHE A CB  1 
ATOM   494  C  CG  . PHE A 1 83  ? 6.110   1.896   -11.039 1.00 8.10  ? 242  PHE A CG  1 
ATOM   495  C  CD1 . PHE A 1 83  ? 5.577   0.634   -11.286 1.00 8.59  ? 242  PHE A CD1 1 
ATOM   496  C  CD2 . PHE A 1 83  ? 5.809   2.935   -11.919 1.00 9.28  ? 242  PHE A CD2 1 
ATOM   497  C  CE1 . PHE A 1 83  ? 4.752   0.405   -12.396 1.00 9.16  ? 242  PHE A CE1 1 
ATOM   498  C  CE2 . PHE A 1 83  ? 4.986   2.716   -13.031 1.00 9.78  ? 242  PHE A CE2 1 
ATOM   499  C  CZ  . PHE A 1 83  ? 4.458   1.450   -13.267 1.00 9.34  ? 242  PHE A CZ  1 
ATOM   500  N  N   . ALA A 1 84  ? 7.858   2.721   -6.821  1.00 6.91  ? 243  ALA A N   1 
ATOM   501  C  CA  . ALA A 1 84  ? 8.879   2.669   -5.779  1.00 6.93  ? 243  ALA A CA  1 
ATOM   502  C  C   . ALA A 1 84  ? 8.340   1.909   -4.574  1.00 7.53  ? 243  ALA A C   1 
ATOM   503  O  O   . ALA A 1 84  ? 9.037   1.080   -3.986  1.00 7.14  ? 243  ALA A O   1 
ATOM   504  C  CB  . ALA A 1 84  ? 9.286   4.075   -5.373  1.00 8.49  ? 243  ALA A CB  1 
ATOM   505  N  N   . LEU A 1 85  ? 7.093   2.187   -4.213  1.00 6.61  ? 244  LEU A N   1 
ATOM   506  C  CA  . LEU A 1 85  ? 6.474   1.508   -3.083  1.00 6.99  ? 244  LEU A CA  1 
ATOM   507  C  C   . LEU A 1 85  ? 6.244   0.027   -3.396  1.00 7.32  ? 244  LEU A C   1 
ATOM   508  O  O   . LEU A 1 85  ? 6.326   -0.817  -2.505  1.00 7.84  ? 244  LEU A O   1 
ATOM   509  C  CB  . LEU A 1 85  ? 5.155   2.194   -2.713  1.00 7.36  ? 244  LEU A CB  1 
ATOM   510  C  CG  . LEU A 1 85  ? 5.310   3.556   -2.025  1.00 7.08  ? 244  LEU A CG  1 
ATOM   511  C  CD1 . LEU A 1 85  ? 3.958   4.254   -1.962  1.00 8.93  ? 244  LEU A CD1 1 
ATOM   512  C  CD2 . LEU A 1 85  ? 5.879   3.372   -0.622  1.00 7.54  ? 244  LEU A CD2 1 
ATOM   513  N  N   . ALA A 1 86  ? 5.970   -0.291  -4.661  1.00 7.33  ? 245  ALA A N   1 
ATOM   514  C  CA  . ALA A 1 86  ? 5.762   -1.681  -5.068  1.00 7.09  ? 245  ALA A CA  1 
ATOM   515  C  C   . ALA A 1 86  ? 7.061   -2.468  -4.873  1.00 7.72  ? 245  ALA A C   1 
ATOM   516  O  O   . ALA A 1 86  ? 7.038   -3.606  -4.409  1.00 8.35  ? 245  ALA A O   1 
ATOM   517  C  CB  . ALA A 1 86  ? 5.316   -1.751  -6.530  1.00 7.41  ? 245  ALA A CB  1 
ATOM   518  N  N   . GLU A 1 87  ? 8.187   -1.854  -5.235  1.00 8.36  ? 246  GLU A N   1 
ATOM   519  C  CA  . GLU A 1 87  ? 9.496   -2.491  -5.071  1.00 9.49  ? 246  GLU A CA  1 
ATOM   520  C  C   . GLU A 1 87  ? 9.706   -2.757  -3.580  1.00 8.78  ? 246  GLU A C   1 
ATOM   521  O  O   . GLU A 1 87  ? 10.174  -3.820  -3.178  1.00 8.85  ? 246  GLU A O   1 
ATOM   522  C  CB  . GLU A 1 87  ? 10.622  -1.566  -5.548  1.00 12.19 ? 246  GLU A CB  1 
ATOM   523  C  CG  . GLU A 1 87  ? 10.758  -1.386  -7.046  1.00 15.06 ? 246  GLU A CG  1 
ATOM   524  C  CD  . GLU A 1 87  ? 11.881  -0.415  -7.405  1.00 18.07 ? 246  GLU A CD  1 
ATOM   525  O  OE1 . GLU A 1 87  ? 12.657  -0.031  -6.499  1.00 17.70 ? 246  GLU A OE1 1 
ATOM   526  O  OE2 . GLU A 1 87  ? 11.993  -0.029  -8.587  1.00 19.33 ? 246  GLU A OE2 1 
ATOM   527  N  N   . MET A 1 88  ? 9.361   -1.770  -2.765  1.00 8.22  ? 247  MET A N   1 
ATOM   528  C  CA  . MET A 1 88  ? 9.517   -1.880  -1.325  1.00 7.87  ? 247  MET A CA  1 
ATOM   529  C  C   . MET A 1 88  ? 8.714   -3.039  -0.743  1.00 8.97  ? 247  MET A C   1 
ATOM   530  O  O   . MET A 1 88  ? 9.217   -3.785  0.095   1.00 8.83  ? 247  MET A O   1 
ATOM   531  C  CB  . MET A 1 88  ? 9.104   -0.565  -0.658  1.00 7.92  ? 247  MET A CB  1 
ATOM   532  C  CG  . MET A 1 88  ? 9.131   -0.601  0.860   1.00 9.30  ? 247  MET A CG  1 
ATOM   533  S  SD  . MET A 1 88  ? 7.588   -1.198  1.582   1.00 8.00  ? 247  MET A SD  1 
ATOM   534  C  CE  . MET A 1 88  ? 6.404   0.060   1.021   1.00 8.43  ? 247  MET A CE  1 
ATOM   535  N  N   . LEU A 1 89  ? 7.470   -3.196  -1.190  1.00 8.45  ? 248  LEU A N   1 
ATOM   536  C  CA  . LEU A 1 89  ? 6.605   -4.266  -0.697  1.00 9.23  ? 248  LEU A CA  1 
ATOM   537  C  C   . LEU A 1 89  ? 7.171   -5.659  -0.933  1.00 9.62  ? 248  LEU A C   1 
ATOM   538  O  O   . LEU A 1 89  ? 6.859   -6.599  -0.193  1.00 10.45 ? 248  LEU A O   1 
ATOM   539  C  CB  . LEU A 1 89  ? 5.222   -4.161  -1.346  1.00 8.56  ? 248  LEU A CB  1 
ATOM   540  C  CG  . LEU A 1 89  ? 4.326   -3.056  -0.794  1.00 8.33  ? 248  LEU A CG  1 
ATOM   541  C  CD1 . LEU A 1 89  ? 2.994   -3.066  -1.544  1.00 8.74  ? 248  LEU A CD1 1 
ATOM   542  C  CD2 . LEU A 1 89  ? 4.111   -3.250  0.713   1.00 9.49  ? 248  LEU A CD2 1 
ATOM   543  N  N   . LYS A 1 90  ? 7.979   -5.801  -1.978  1.00 10.40 ? 249  LYS A N   1 
ATOM   544  C  CA  . LYS A 1 90  ? 8.572   -7.099  -2.295  1.00 12.32 ? 249  LYS A CA  1 
ATOM   545  C  C   . LYS A 1 90  ? 9.785   -7.422  -1.418  1.00 13.29 ? 249  LYS A C   1 
ATOM   546  O  O   . LYS A 1 90  ? 10.234  -8.565  -1.361  1.00 14.22 ? 249  LYS A O   1 
ATOM   547  C  CB  . LYS A 1 90  ? 8.968   -7.146  -3.771  1.00 12.79 ? 249  LYS A CB  1 
ATOM   548  C  CG  . LYS A 1 90  ? 7.799   -6.991  -4.722  1.00 13.74 ? 249  LYS A CG  1 
ATOM   549  C  CD  . LYS A 1 90  ? 8.246   -7.160  -6.161  1.00 18.39 ? 249  LYS A CD  1 
ATOM   550  C  CE  . LYS A 1 90  ? 7.069   -7.441  -7.078  1.00 21.15 ? 249  LYS A CE  1 
ATOM   551  N  NZ  . LYS A 1 90  ? 7.449   -8.297  -8.234  1.00 22.26 ? 249  LYS A NZ  1 
ATOM   552  N  N   . VAL A 1 91  ? 10.302  -6.404  -0.735  1.00 13.69 ? 250  VAL A N   1 
ATOM   553  C  CA  . VAL A 1 91  ? 11.457  -6.544  0.145   1.00 14.95 ? 250  VAL A CA  1 
ATOM   554  C  C   . VAL A 1 91  ? 11.105  -6.406  1.626   1.00 13.77 ? 250  VAL A C   1 
ATOM   555  O  O   . VAL A 1 91  ? 11.586  -7.173  2.466   1.00 13.40 ? 250  VAL A O   1 
ATOM   556  C  CB  . VAL A 1 91  ? 12.534  -5.491  -0.191  1.00 15.78 ? 250  VAL A CB  1 
ATOM   557  C  CG1 . VAL A 1 91  ? 13.707  -5.611  0.792   1.00 19.23 ? 250  VAL A CG1 1 
ATOM   558  C  CG2 . VAL A 1 91  ? 12.984  -5.667  -1.623  1.00 19.34 ? 250  VAL A CG2 1 
ATOM   559  N  N   . ASN A 1 92  ? 10.283  -5.418  1.950   1.00 13.01 ? 251  ASN A N   1 
ATOM   560  C  CA  . ASN A 1 92  ? 9.877   -5.184  3.329   1.00 11.79 ? 251  ASN A CA  1 
ATOM   561  C  C   . ASN A 1 92  ? 8.939   -6.278  3.851   1.00 13.15 ? 251  ASN A C   1 
ATOM   562  O  O   . ASN A 1 92  ? 7.974   -6.666  3.186   1.00 13.84 ? 251  ASN A O   1 
ATOM   563  C  CB  . ASN A 1 92  ? 9.211   -3.805  3.420   1.00 10.84 ? 251  ASN A CB  1 
ATOM   564  C  CG  . ASN A 1 92  ? 8.682   -3.502  4.799   1.00 10.18 ? 251  ASN A CG  1 
ATOM   565  O  OD1 . ASN A 1 92  ? 7.758   -4.164  5.274   1.00 10.54 ? 251  ASN A OD1 1 
ATOM   566  N  ND2 . ASN A 1 92  ? 9.257   -2.494  5.452   1.00 8.95  ? 251  ASN A ND2 1 
ATOM   567  N  N   . ASN A 1 93  ? 9.226   -6.768  5.052   1.00 13.16 ? 252  ASN A N   1 
ATOM   568  C  CA  . ASN A 1 93  ? 8.431   -7.829  5.667   1.00 14.93 ? 252  ASN A CA  1 
ATOM   569  C  C   . ASN A 1 93  ? 7.915   -7.412  7.047   1.00 14.47 ? 252  ASN A C   1 
ATOM   570  O  O   . ASN A 1 93  ? 7.632   -8.258  7.902   1.00 14.85 ? 252  ASN A O   1 
ATOM   571  C  CB  . ASN A 1 93  ? 9.297   -9.094  5.783   1.00 18.12 ? 252  ASN A CB  1 
ATOM   572  C  CG  . ASN A 1 93  ? 8.498   -10.322 6.172   1.00 22.74 ? 252  ASN A CG  1 
ATOM   573  O  OD1 . ASN A 1 93  ? 7.449   -10.610 5.592   1.00 23.95 ? 252  ASN A OD1 1 
ATOM   574  N  ND2 . ASN A 1 93  ? 8.999   -11.062 7.164   1.00 24.45 ? 252  ASN A ND2 1 
ATOM   575  N  N   . THR A 1 94  ? 7.788   -6.106  7.261   1.00 12.58 ? 253  THR A N   1 
ATOM   576  C  CA  . THR A 1 94  ? 7.321   -5.607  8.554   1.00 12.48 ? 253  THR A CA  1 
ATOM   577  C  C   . THR A 1 94  ? 6.165   -4.601  8.457   1.00 11.85 ? 253  THR A C   1 
ATOM   578  O  O   . THR A 1 94  ? 5.354   -4.496  9.384   1.00 11.26 ? 253  THR A O   1 
ATOM   579  C  CB  . THR A 1 94  ? 8.484   -4.954  9.327   1.00 13.91 ? 253  THR A CB  1 
ATOM   580  O  OG1 . THR A 1 94  ? 7.966   -4.079  10.338  1.00 22.47 ? 253  THR A OG1 1 
ATOM   581  C  CG2 . THR A 1 94  ? 9.358   -4.147  8.398   1.00 10.62 ? 253  THR A CG2 1 
ATOM   582  N  N   . LEU A 1 95  ? 6.081   -3.857  7.352   1.00 10.66 ? 254  LEU A N   1 
ATOM   583  C  CA  . LEU A 1 95  ? 4.999   -2.885  7.173   1.00 9.62  ? 254  LEU A CA  1 
ATOM   584  C  C   . LEU A 1 95  ? 3.666   -3.628  7.147   1.00 9.19  ? 254  LEU A C   1 
ATOM   585  O  O   . LEU A 1 95  ? 3.521   -4.622  6.437   1.00 9.96  ? 254  LEU A O   1 
ATOM   586  C  CB  . LEU A 1 95  ? 5.193   -2.114  5.870   1.00 8.44  ? 254  LEU A CB  1 
ATOM   587  C  CG  . LEU A 1 95  ? 4.230   -0.944  5.652   1.00 7.32  ? 254  LEU A CG  1 
ATOM   588  C  CD1 . LEU A 1 95  ? 4.527   0.169   6.650   1.00 8.35  ? 254  LEU A CD1 1 
ATOM   589  C  CD2 . LEU A 1 95  ? 4.362   -0.433  4.223   1.00 7.60  ? 254  LEU A CD2 1 
ATOM   590  N  N   . LYS A 1 96  ? 2.698   -3.132  7.914   1.00 9.12  ? 255  LYS A N   1 
ATOM   591  C  CA  . LYS A 1 96  ? 1.385   -3.772  7.990   1.00 9.40  ? 255  LYS A CA  1 
ATOM   592  C  C   . LYS A 1 96  ? 0.297   -3.063  7.195   1.00 9.26  ? 255  LYS A C   1 
ATOM   593  O  O   . LYS A 1 96  ? -0.628  -3.707  6.700   1.00 9.18  ? 255  LYS A O   1 
ATOM   594  C  CB  . LYS A 1 96  ? 0.933   -3.884  9.453   1.00 10.66 ? 255  LYS A CB  1 
ATOM   595  C  CG  . LYS A 1 96  ? 1.928   -4.573  10.385  1.00 12.11 ? 255  LYS A CG  1 
ATOM   596  C  CD  . LYS A 1 96  ? 2.334   -5.944  9.870   1.00 15.68 ? 255  LYS A CD  1 
ATOM   597  C  CE  . LYS A 1 96  ? 1.276   -6.997  10.170  1.00 18.95 ? 255  LYS A CE  1 
ATOM   598  N  NZ  . LYS A 1 96  ? 1.646   -8.347  9.626   1.00 19.77 ? 255  LYS A NZ  1 
ATOM   599  N  N   . SER A 1 97  ? 0.404   -1.743  7.073   1.00 9.15  ? 256  SER A N   1 
ATOM   600  C  CA  . SER A 1 97  ? -0.604  -0.979  6.344   1.00 9.27  ? 256  SER A CA  1 
ATOM   601  C  C   . SER A 1 97  ? 0.000   0.101   5.454   1.00 8.79  ? 256  SER A C   1 
ATOM   602  O  O   . SER A 1 97  ? 0.848   0.877   5.890   1.00 9.83  ? 256  SER A O   1 
ATOM   603  C  CB  . SER A 1 97  ? -1.584  -0.342  7.338   1.00 9.39  ? 256  SER A CB  1 
ATOM   604  O  OG  . SER A 1 97  ? -2.416  0.613   6.706   1.00 11.63 ? 256  SER A OG  1 
ATOM   605  N  N   . LEU A 1 98  ? -0.443  0.132   4.200   1.00 8.05  ? 257  LEU A N   1 
ATOM   606  C  CA  . LEU A 1 98  ? 0.024   1.120   3.231   1.00 8.33  ? 257  LEU A CA  1 
ATOM   607  C  C   . LEU A 1 98  ? -1.204  1.811   2.643   1.00 7.27  ? 257  LEU A C   1 
ATOM   608  O  O   . LEU A 1 98  ? -2.119  1.142   2.164   1.00 8.22  ? 257  LEU A O   1 
ATOM   609  C  CB  . LEU A 1 98  ? 0.829   0.451   2.112   1.00 8.00  ? 257  LEU A CB  1 
ATOM   610  C  CG  . LEU A 1 98  ? 1.279   1.376   0.975   1.00 8.51  ? 257  LEU A CG  1 
ATOM   611  C  CD1 . LEU A 1 98  ? 2.195   2.456   1.525   1.00 8.30  ? 257  LEU A CD1 1 
ATOM   612  C  CD2 . LEU A 1 98  ? 1.986   0.575   -0.106  1.00 7.66  ? 257  LEU A CD2 1 
ATOM   613  N  N   . ASN A 1 99  ? -1.217  3.139   2.682   1.00 7.73  ? 258  ASN A N   1 
ATOM   614  C  CA  . ASN A 1 99  ? -2.348  3.920   2.176   1.00 7.89  ? 258  ASN A CA  1 
ATOM   615  C  C   . ASN A 1 99  ? -1.885  4.963   1.174   1.00 6.99  ? 258  ASN A C   1 
ATOM   616  O  O   . ASN A 1 99  ? -1.164  5.896   1.518   1.00 7.77  ? 258  ASN A O   1 
ATOM   617  C  CB  . ASN A 1 99  ? -3.066  4.597   3.354   1.00 9.27  ? 258  ASN A CB  1 
ATOM   618  C  CG  . ASN A 1 99  ? -4.336  5.329   2.939   1.00 11.20 ? 258  ASN A CG  1 
ATOM   619  O  OD1 . ASN A 1 99  ? -4.583  5.569   1.756   1.00 10.94 ? 258  ASN A OD1 1 
ATOM   620  N  ND2 . ASN A 1 99  ? -5.148  5.694   3.931   1.00 10.85 ? 258  ASN A ND2 1 
ATOM   621  N  N   . VAL A 1 100 ? -2.317  4.806   -0.074  1.00 7.53  ? 259  VAL A N   1 
ATOM   622  C  CA  . VAL A 1 100 ? -1.947  5.741   -1.128  1.00 7.79  ? 259  VAL A CA  1 
ATOM   623  C  C   . VAL A 1 100 ? -3.196  6.378   -1.761  1.00 9.10  ? 259  VAL A C   1 
ATOM   624  O  O   . VAL A 1 100 ? -3.169  6.816   -2.909  1.00 9.54  ? 259  VAL A O   1 
ATOM   625  C  CB  . VAL A 1 100 ? -1.122  5.024   -2.219  1.00 8.54  ? 259  VAL A CB  1 
ATOM   626  C  CG1 . VAL A 1 100 ? 0.149   4.441   -1.597  1.00 8.42  ? 259  VAL A CG1 1 
ATOM   627  C  CG2 . VAL A 1 100 ? -1.964  3.917   -2.888  1.00 7.10  ? 259  VAL A CG2 1 
ATOM   628  N  N   . GLU A 1 101 ? -4.281  6.429   -0.999  1.00 8.31  ? 260  GLU A N   1 
ATOM   629  C  CA  . GLU A 1 101 ? -5.528  6.997   -1.489  1.00 9.41  ? 260  GLU A CA  1 
ATOM   630  C  C   . GLU A 1 101 ? -5.423  8.457   -1.917  1.00 9.25  ? 260  GLU A C   1 
ATOM   631  O  O   . GLU A 1 101 ? -4.549  9.194   -1.479  1.00 9.01  ? 260  GLU A O   1 
ATOM   632  C  CB  . GLU A 1 101 ? -6.608  6.881   -0.421  1.00 10.19 ? 260  GLU A CB  1 
ATOM   633  C  CG  . GLU A 1 101 ? -7.042  5.458   -0.133  1.00 13.97 ? 260  GLU A CG  1 
ATOM   634  C  CD  . GLU A 1 101 ? -8.171  5.386   0.860   1.00 18.21 ? 260  GLU A CD  1 
ATOM   635  O  OE1 . GLU A 1 101 ? -8.586  6.449   1.384   1.00 21.37 ? 260  GLU A OE1 1 
ATOM   636  O  OE2 . GLU A 1 101 ? -8.659  4.260   1.133   1.00 22.18 ? 260  GLU A OE2 1 
ATOM   637  N  N   . SER A 1 102 ? -6.343  8.861   -2.782  1.00 9.67  ? 261  SER A N   1 
ATOM   638  C  CA  . SER A 1 102 ? -6.441  10.236  -3.266  1.00 9.39  ? 261  SER A CA  1 
ATOM   639  C  C   . SER A 1 102 ? -5.173  10.821  -3.867  1.00 9.11  ? 261  SER A C   1 
ATOM   640  O  O   . SER A 1 102 ? -4.710  11.890  -3.464  1.00 10.51 ? 261  SER A O   1 
ATOM   641  C  CB  . SER A 1 102 ? -6.925  11.135  -2.133  1.00 10.49 ? 261  SER A CB  1 
ATOM   642  O  OG  . SER A 1 102 ? -8.137  10.620  -1.582  1.00 13.37 ? 261  SER A OG  1 
ATOM   643  N  N   . ASN A 1 103 ? -4.617  10.118  -4.842  1.00 8.86  ? 262  ASN A N   1 
ATOM   644  C  CA  . ASN A 1 103 ? -3.425  10.582  -5.515  1.00 9.47  ? 262  ASN A CA  1 
ATOM   645  C  C   . ASN A 1 103 ? -3.666  10.515  -7.019  1.00 10.31 ? 262  ASN A C   1 
ATOM   646  O  O   . ASN A 1 103 ? -4.821  10.462  -7.464  1.00 9.39  ? 262  ASN A O   1 
ATOM   647  C  CB  . ASN A 1 103 ? -2.225  9.734   -5.085  1.00 8.94  ? 262  ASN A CB  1 
ATOM   648  C  CG  . ASN A 1 103 ? -1.725  10.123  -3.704  1.00 9.35  ? 262  ASN A CG  1 
ATOM   649  O  OD1 . ASN A 1 103 ? -1.306  11.264  -3.491  1.00 10.33 ? 262  ASN A OD1 1 
ATOM   650  N  ND2 . ASN A 1 103 ? -1.766  9.182   -2.758  1.00 8.89  ? 262  ASN A ND2 1 
ATOM   651  N  N   . PHE A 1 104 ? -2.597  10.515  -7.801  1.00 9.64  ? 263  PHE A N   1 
ATOM   652  C  CA  . PHE A 1 104 ? -2.731  10.464  -9.251  1.00 9.89  ? 263  PHE A CA  1 
ATOM   653  C  C   . PHE A 1 104 ? -2.078  9.216   -9.828  1.00 10.03 ? 263  PHE A C   1 
ATOM   654  O  O   . PHE A 1 104 ? -1.496  9.255   -10.912 1.00 10.99 ? 263  PHE A O   1 
ATOM   655  C  CB  . PHE A 1 104 ? -2.120  11.717  -9.876  1.00 10.98 ? 263  PHE A CB  1 
ATOM   656  C  CG  . PHE A 1 104 ? -2.852  12.979  -9.521  1.00 11.57 ? 263  PHE A CG  1 
ATOM   657  C  CD1 . PHE A 1 104 ? -2.625  13.612  -8.305  1.00 12.09 ? 263  PHE A CD1 1 
ATOM   658  C  CD2 . PHE A 1 104 ? -3.797  13.522  -10.391 1.00 12.34 ? 263  PHE A CD2 1 
ATOM   659  C  CE1 . PHE A 1 104 ? -3.330  14.758  -7.952  1.00 13.54 ? 263  PHE A CE1 1 
ATOM   660  C  CE2 . PHE A 1 104 ? -4.505  14.667  -10.047 1.00 12.15 ? 263  PHE A CE2 1 
ATOM   661  C  CZ  . PHE A 1 104 ? -4.275  15.286  -8.823  1.00 11.99 ? 263  PHE A CZ  1 
ATOM   662  N  N   . ILE A 1 105 ? -2.183  8.108   -9.101  1.00 8.78  ? 264  ILE A N   1 
ATOM   663  C  CA  . ILE A 1 105 ? -1.608  6.854   -9.561  1.00 9.38  ? 264  ILE A CA  1 
ATOM   664  C  C   . ILE A 1 105 ? -2.520  6.212   -10.604 1.00 10.56 ? 264  ILE A C   1 
ATOM   665  O  O   . ILE A 1 105 ? -3.732  6.099   -10.401 1.00 11.59 ? 264  ILE A O   1 
ATOM   666  C  CB  . ILE A 1 105 ? -1.394  5.887   -8.377  1.00 8.12  ? 264  ILE A CB  1 
ATOM   667  C  CG1 . ILE A 1 105 ? -0.480  6.552   -7.335  1.00 7.95  ? 264  ILE A CG1 1 
ATOM   668  C  CG2 . ILE A 1 105 ? -0.785  4.582   -8.865  1.00 8.53  ? 264  ILE A CG2 1 
ATOM   669  C  CD1 . ILE A 1 105 ? -0.565  5.926   -5.958  1.00 8.24  ? 264  ILE A CD1 1 
ATOM   670  N  N   . SER A 1 106 ? -1.933  5.795   -11.720 1.00 9.90  ? 265  SER A N   1 
ATOM   671  C  CA  . SER A 1 106 ? -2.696  5.172   -12.801 1.00 11.20 ? 265  SER A CA  1 
ATOM   672  C  C   . SER A 1 106 ? -2.885  3.677   -12.552 1.00 11.14 ? 265  SER A C   1 
ATOM   673  O  O   . SER A 1 106 ? -2.375  3.134   -11.569 1.00 11.08 ? 265  SER A O   1 
ATOM   674  C  CB  . SER A 1 106 ? -1.984  5.392   -14.141 1.00 11.09 ? 265  SER A CB  1 
ATOM   675  O  OG  . SER A 1 106 ? -0.955  4.438   -14.347 1.00 13.28 ? 265  SER A OG  1 
ATOM   676  N  N   . GLY A 1 107 ? -3.623  3.018   -13.442 1.00 10.99 ? 266  GLY A N   1 
ATOM   677  C  CA  . GLY A 1 107 ? -3.862  1.594   -13.301 1.00 10.28 ? 266  GLY A CA  1 
ATOM   678  C  C   . GLY A 1 107 ? -2.569  0.803   -13.285 1.00 10.44 ? 266  GLY A C   1 
ATOM   679  O  O   . GLY A 1 107 ? -2.478  -0.241  -12.640 1.00 11.64 ? 266  GLY A O   1 
ATOM   680  N  N   . SER A 1 108 ? -1.560  1.300   -13.993 1.00 11.46 ? 267  SER A N   1 
ATOM   681  C  CA  . SER A 1 108 ? -0.266  0.627   -14.043 1.00 11.70 ? 267  SER A CA  1 
ATOM   682  C  C   . SER A 1 108 ? 0.401   0.668   -12.674 1.00 10.64 ? 267  SER A C   1 
ATOM   683  O  O   . SER A 1 108 ? 0.921   -0.341  -12.198 1.00 10.27 ? 267  SER A O   1 
ATOM   684  C  CB  . SER A 1 108 ? 0.642   1.293   -15.077 1.00 13.81 ? 267  SER A CB  1 
ATOM   685  O  OG  . SER A 1 108 ? 0.225   0.963   -16.390 1.00 20.84 ? 267  SER A OG  1 
ATOM   686  N  N   . GLY A 1 109 ? 0.382   1.841   -12.049 1.00 10.44 ? 268  GLY A N   1 
ATOM   687  C  CA  . GLY A 1 109 ? 0.981   1.987   -10.736 1.00 10.87 ? 268  GLY A CA  1 
ATOM   688  C  C   . GLY A 1 109 ? 0.237   1.182   -9.687  1.00 11.41 ? 268  GLY A C   1 
ATOM   689  O  O   . GLY A 1 109 ? 0.847   0.557   -8.818  1.00 11.34 ? 268  GLY A O   1 
ATOM   690  N  N   . ILE A 1 110 ? -1.090  1.193   -9.765  1.00 11.56 ? 269  ILE A N   1 
ATOM   691  C  CA  . ILE A 1 110 ? -1.907  0.449   -8.814  1.00 11.13 ? 269  ILE A CA  1 
ATOM   692  C  C   . ILE A 1 110 ? -1.684  -1.052  -8.988  1.00 10.43 ? 269  ILE A C   1 
ATOM   693  O  O   . ILE A 1 110 ? -1.552  -1.788  -8.006  1.00 11.31 ? 269  ILE A O   1 
ATOM   694  C  CB  . ILE A 1 110 ? -3.411  0.777   -9.000  1.00 10.91 ? 269  ILE A CB  1 
ATOM   695  C  CG1 . ILE A 1 110 ? -3.676  2.241   -8.626  1.00 12.05 ? 269  ILE A CG1 1 
ATOM   696  C  CG2 . ILE A 1 110 ? -4.262  -0.157  -8.155  1.00 11.36 ? 269  ILE A CG2 1 
ATOM   697  C  CD1 . ILE A 1 110 ? -3.221  2.631   -7.217  1.00 12.66 ? 269  ILE A CD1 1 
ATOM   698  N  N   . LEU A 1 111 ? -1.631  -1.513  -10.234 1.00 10.58 ? 270  LEU A N   1 
ATOM   699  C  CA  . LEU A 1 111 ? -1.421  -2.931  -10.490 1.00 11.21 ? 270  LEU A CA  1 
ATOM   700  C  C   . LEU A 1 111 ? -0.073  -3.386  -9.935  1.00 10.62 ? 270  LEU A C   1 
ATOM   701  O  O   . LEU A 1 111 ? 0.057   -4.501  -9.434  1.00 11.05 ? 270  LEU A O   1 
ATOM   702  C  CB  . LEU A 1 111 ? -1.491  -3.219  -11.991 1.00 13.87 ? 270  LEU A CB  1 
ATOM   703  C  CG  . LEU A 1 111 ? -1.769  -4.666  -12.411 1.00 16.67 ? 270  LEU A CG  1 
ATOM   704  C  CD1 . LEU A 1 111 ? -2.945  -5.240  -11.624 1.00 16.34 ? 270  LEU A CD1 1 
ATOM   705  C  CD2 . LEU A 1 111 ? -2.058  -4.697  -13.907 1.00 18.10 ? 270  LEU A CD2 1 
ATOM   706  N  N   . ALA A 1 112 ? 0.928   -2.515  -10.026 1.00 11.03 ? 271  ALA A N   1 
ATOM   707  C  CA  . ALA A 1 112 ? 2.261   -2.834  -9.526  1.00 10.34 ? 271  ALA A CA  1 
ATOM   708  C  C   . ALA A 1 112 ? 2.191   -3.075  -8.025  1.00 9.82  ? 271  ALA A C   1 
ATOM   709  O  O   . ALA A 1 112 ? 2.787   -4.020  -7.507  1.00 10.04 ? 271  ALA A O   1 
ATOM   710  C  CB  . ALA A 1 112 ? 3.223   -1.691  -9.827  1.00 10.69 ? 271  ALA A CB  1 
ATOM   711  N  N   . LEU A 1 113 ? 1.454   -2.217  -7.330  1.00 8.92  ? 272  LEU A N   1 
ATOM   712  C  CA  . LEU A 1 113 ? 1.312   -2.344  -5.888  1.00 9.36  ? 272  LEU A CA  1 
ATOM   713  C  C   . LEU A 1 113 ? 0.632   -3.652  -5.518  1.00 9.41  ? 272  LEU A C   1 
ATOM   714  O  O   . LEU A 1 113 ? 1.067   -4.345  -4.600  1.00 9.54  ? 272  LEU A O   1 
ATOM   715  C  CB  . LEU A 1 113 ? 0.502   -1.174  -5.328  1.00 9.92  ? 272  LEU A CB  1 
ATOM   716  C  CG  . LEU A 1 113 ? 1.224   0.173   -5.254  1.00 10.45 ? 272  LEU A CG  1 
ATOM   717  C  CD1 . LEU A 1 113 ? 0.210   1.269   -4.969  1.00 10.31 ? 272  LEU A CD1 1 
ATOM   718  C  CD2 . LEU A 1 113 ? 2.294   0.131   -4.170  1.00 9.44  ? 272  LEU A CD2 1 
ATOM   719  N  N   . VAL A 1 114 ? -0.436  -3.993  -6.232  1.00 9.88  ? 273  VAL A N   1 
ATOM   720  C  CA  . VAL A 1 114 ? -1.155  -5.224  -5.938  1.00 10.18 ? 273  VAL A CA  1 
ATOM   721  C  C   . VAL A 1 114 ? -0.332  -6.446  -6.319  1.00 10.15 ? 273  VAL A C   1 
ATOM   722  O  O   . VAL A 1 114 ? -0.335  -7.448  -5.609  1.00 10.71 ? 273  VAL A O   1 
ATOM   723  C  CB  . VAL A 1 114 ? -2.515  -5.274  -6.669  1.00 10.17 ? 273  VAL A CB  1 
ATOM   724  C  CG1 . VAL A 1 114 ? -3.264  -6.539  -6.283  1.00 11.00 ? 273  VAL A CG1 1 
ATOM   725  C  CG2 . VAL A 1 114 ? -3.336  -4.047  -6.315  1.00 10.29 ? 273  VAL A CG2 1 
ATOM   726  N  N   . GLU A 1 115 ? 0.380   -6.359  -7.436  1.00 11.13 ? 274  GLU A N   1 
ATOM   727  C  CA  . GLU A 1 115 ? 1.204   -7.469  -7.890  1.00 11.74 ? 274  GLU A CA  1 
ATOM   728  C  C   . GLU A 1 115 ? 2.282   -7.794  -6.862  1.00 11.45 ? 274  GLU A C   1 
ATOM   729  O  O   . GLU A 1 115 ? 2.668   -8.953  -6.698  1.00 12.39 ? 274  GLU A O   1 
ATOM   730  C  CB  . GLU A 1 115 ? 1.857   -7.139  -9.234  1.00 13.16 ? 274  GLU A CB  1 
ATOM   731  C  CG  . GLU A 1 115 ? 2.463   -8.347  -9.939  1.00 16.16 ? 274  GLU A CG  1 
ATOM   732  C  CD  . GLU A 1 115 ? 3.842   -8.710  -9.410  1.00 17.50 ? 274  GLU A CD  1 
ATOM   733  O  OE1 . GLU A 1 115 ? 4.665   -7.790  -9.217  1.00 19.85 ? 274  GLU A OE1 1 
ATOM   734  O  OE2 . GLU A 1 115 ? 4.102   -9.911  -9.190  1.00 17.99 ? 274  GLU A OE2 1 
ATOM   735  N  N   . ALA A 1 116 ? 2.764   -6.768  -6.167  1.00 11.30 ? 275  ALA A N   1 
ATOM   736  C  CA  . ALA A 1 116 ? 3.798   -6.961  -5.156  1.00 11.26 ? 275  ALA A CA  1 
ATOM   737  C  C   . ALA A 1 116 ? 3.319   -7.903  -4.058  1.00 12.42 ? 275  ALA A C   1 
ATOM   738  O  O   . ALA A 1 116 ? 4.127   -8.543  -3.385  1.00 13.72 ? 275  ALA A O   1 
ATOM   739  C  CB  . ALA A 1 116 ? 4.194   -5.625  -4.557  1.00 9.62  ? 275  ALA A CB  1 
ATOM   740  N  N   . LEU A 1 117 ? 2.002   -7.987  -3.883  1.00 13.71 ? 276  LEU A N   1 
ATOM   741  C  CA  . LEU A 1 117 ? 1.418   -8.849  -2.859  1.00 15.48 ? 276  LEU A CA  1 
ATOM   742  C  C   . LEU A 1 117 ? 1.677   -10.322 -3.125  1.00 17.41 ? 276  LEU A C   1 
ATOM   743  O  O   . LEU A 1 117 ? 1.539   -11.152 -2.230  1.00 18.71 ? 276  LEU A O   1 
ATOM   744  C  CB  . LEU A 1 117 ? -0.087  -8.615  -2.764  1.00 14.15 ? 276  LEU A CB  1 
ATOM   745  C  CG  . LEU A 1 117 ? -0.524  -7.230  -2.292  1.00 14.47 ? 276  LEU A CG  1 
ATOM   746  C  CD1 . LEU A 1 117 ? -2.022  -7.246  -2.067  1.00 15.13 ? 276  LEU A CD1 1 
ATOM   747  C  CD2 . LEU A 1 117 ? 0.208   -6.847  -1.011  1.00 14.48 ? 276  LEU A CD2 1 
ATOM   748  N  N   . GLN A 1 118 ? 2.050   -10.651 -4.358  1.00 19.29 ? 277  GLN A N   1 
ATOM   749  C  CA  . GLN A 1 118 ? 2.339   -12.037 -4.703  1.00 22.76 ? 277  GLN A CA  1 
ATOM   750  C  C   . GLN A 1 118 ? 3.564   -12.503 -3.923  1.00 23.31 ? 277  GLN A C   1 
ATOM   751  O  O   . GLN A 1 118 ? 3.745   -13.696 -3.697  1.00 26.75 ? 277  GLN A O   1 
ATOM   752  C  CB  . GLN A 1 118 ? 2.618   -12.172 -6.198  1.00 24.96 ? 277  GLN A CB  1 
ATOM   753  C  CG  . GLN A 1 118 ? 1.378   -12.218 -7.061  1.00 30.64 ? 277  GLN A CG  1 
ATOM   754  C  CD  . GLN A 1 118 ? 1.636   -12.881 -8.397  1.00 34.48 ? 277  GLN A CD  1 
ATOM   755  O  OE1 . GLN A 1 118 ? 1.257   -14.032 -8.611  1.00 36.81 ? 277  GLN A OE1 1 
ATOM   756  N  NE2 . GLN A 1 118 ? 2.289   -12.156 -9.305  1.00 35.13 ? 277  GLN A NE2 1 
ATOM   757  N  N   . SER A 1 119 ? 4.401   -11.550 -3.517  1.00 23.17 ? 278  SER A N   1 
ATOM   758  C  CA  . SER A 1 119 ? 5.613   -11.860 -2.779  1.00 23.91 ? 278  SER A CA  1 
ATOM   759  C  C   . SER A 1 119 ? 5.755   -11.016 -1.510  1.00 23.63 ? 278  SER A C   1 
ATOM   760  O  O   . SER A 1 119 ? 6.827   -10.465 -1.220  1.00 24.83 ? 278  SER A O   1 
ATOM   761  C  CB  . SER A 1 119 ? 6.841   -11.662 -3.672  1.00 25.13 ? 278  SER A CB  1 
ATOM   762  O  OG  . SER A 1 119 ? 7.020   -10.296 -3.998  1.00 27.56 ? 278  SER A OG  1 
ATOM   763  N  N   . ASN A 1 120 ? 4.657   -10.911 -0.765  1.00 19.54 ? 279  ASN A N   1 
ATOM   764  C  CA  . ASN A 1 120 ? 4.636   -10.171 0.485   1.00 16.61 ? 279  ASN A CA  1 
ATOM   765  C  C   . ASN A 1 120 ? 3.633   -10.897 1.362   1.00 16.48 ? 279  ASN A C   1 
ATOM   766  O  O   . ASN A 1 120 ? 2.519   -11.199 0.921   1.00 15.99 ? 279  ASN A O   1 
ATOM   767  C  CB  . ASN A 1 120 ? 4.192   -8.718  0.267   1.00 14.09 ? 279  ASN A CB  1 
ATOM   768  C  CG  . ASN A 1 120 ? 4.068   -7.950  1.567   1.00 12.57 ? 279  ASN A CG  1 
ATOM   769  O  OD1 . ASN A 1 120 ? 3.179   -8.214  2.373   1.00 12.34 ? 279  ASN A OD1 1 
ATOM   770  N  ND2 . ASN A 1 120 ? 4.969   -6.993  1.783   1.00 11.11 ? 279  ASN A ND2 1 
ATOM   771  N  N   . THR A 1 121 ? 4.025   -11.180 2.599   1.00 16.21 ? 280  THR A N   1 
ATOM   772  C  CA  . THR A 1 121 ? 3.153   -11.887 3.533   1.00 17.04 ? 280  THR A CA  1 
ATOM   773  C  C   . THR A 1 121 ? 2.949   -11.091 4.823   1.00 16.89 ? 280  THR A C   1 
ATOM   774  O  O   . THR A 1 121 ? 2.292   -11.557 5.755   1.00 19.44 ? 280  THR A O   1 
ATOM   775  C  CB  . THR A 1 121 ? 3.733   -13.276 3.894   1.00 17.97 ? 280  THR A CB  1 
ATOM   776  O  OG1 . THR A 1 121 ? 5.065   -13.128 4.405   1.00 19.53 ? 280  THR A OG1 1 
ATOM   777  C  CG2 . THR A 1 121 ? 3.768   -14.167 2.669   1.00 17.73 ? 280  THR A CG2 1 
ATOM   778  N  N   . SER A 1 122 ? 3.505   -9.887  4.864   1.00 15.33 ? 281  SER A N   1 
ATOM   779  C  CA  . SER A 1 122 ? 3.406   -9.048  6.046   1.00 13.75 ? 281  SER A CA  1 
ATOM   780  C  C   . SER A 1 122 ? 2.301   -7.999  5.984   1.00 12.11 ? 281  SER A C   1 
ATOM   781  O  O   . SER A 1 122 ? 1.620   -7.752  6.977   1.00 11.50 ? 281  SER A O   1 
ATOM   782  C  CB  . SER A 1 122 ? 4.745   -8.350  6.294   1.00 15.35 ? 281  SER A CB  1 
ATOM   783  O  OG  . SER A 1 122 ? 4.621   -7.352  7.288   1.00 18.95 ? 281  SER A OG  1 
ATOM   784  N  N   . LEU A 1 123 ? 2.132   -7.374  4.821   1.00 12.03 ? 282  LEU A N   1 
ATOM   785  C  CA  . LEU A 1 123 ? 1.114   -6.337  4.659   1.00 10.64 ? 282  LEU A CA  1 
ATOM   786  C  C   . LEU A 1 123 ? -0.293  -6.890  4.847   1.00 10.43 ? 282  LEU A C   1 
ATOM   787  O  O   . LEU A 1 123 ? -0.683  -7.859  4.201   1.00 10.73 ? 282  LEU A O   1 
ATOM   788  C  CB  . LEU A 1 123 ? 1.235   -5.682  3.280   1.00 9.08  ? 282  LEU A CB  1 
ATOM   789  C  CG  . LEU A 1 123 ? 0.556   -4.312  3.152   1.00 8.69  ? 282  LEU A CG  1 
ATOM   790  C  CD1 . LEU A 1 123 ? 1.430   -3.238  3.785   1.00 8.36  ? 282  LEU A CD1 1 
ATOM   791  C  CD2 . LEU A 1 123 ? 0.294   -3.999  1.689   1.00 8.31  ? 282  LEU A CD2 1 
ATOM   792  N  N   . ILE A 1 124 ? -1.057  -6.273  5.740   1.00 10.46 ? 283  ILE A N   1 
ATOM   793  C  CA  . ILE A 1 124 ? -2.416  -6.736  5.965   1.00 12.08 ? 283  ILE A CA  1 
ATOM   794  C  C   . ILE A 1 124 ? -3.444  -5.726  5.474   1.00 11.10 ? 283  ILE A C   1 
ATOM   795  O  O   . ILE A 1 124 ? -4.626  -6.044  5.369   1.00 11.23 ? 283  ILE A O   1 
ATOM   796  C  CB  . ILE A 1 124 ? -2.668  -7.044  7.452   1.00 14.52 ? 283  ILE A CB  1 
ATOM   797  C  CG1 . ILE A 1 124 ? -2.327  -5.828  8.298   1.00 16.08 ? 283  ILE A CG1 1 
ATOM   798  C  CG2 . ILE A 1 124 ? -1.834  -8.251  7.885   1.00 15.45 ? 283  ILE A CG2 1 
ATOM   799  C  CD1 . ILE A 1 124 ? -2.906  -5.912  9.662   1.00 21.71 ? 283  ILE A CD1 1 
ATOM   800  N  N   . GLU A 1 125 ? -2.998  -4.512  5.170   1.00 10.13 ? 284  GLU A N   1 
ATOM   801  C  CA  . GLU A 1 125 ? -3.913  -3.502  4.660   1.00 9.75  ? 284  GLU A CA  1 
ATOM   802  C  C   . GLU A 1 125 ? -3.301  -2.670  3.537   1.00 9.60  ? 284  GLU A C   1 
ATOM   803  O  O   . GLU A 1 125 ? -2.211  -2.110  3.682   1.00 8.12  ? 284  GLU A O   1 
ATOM   804  C  CB  . GLU A 1 125 ? -4.377  -2.568  5.773   1.00 11.37 ? 284  GLU A CB  1 
ATOM   805  C  CG  . GLU A 1 125 ? -5.165  -1.387  5.240   1.00 14.76 ? 284  GLU A CG  1 
ATOM   806  C  CD  . GLU A 1 125 ? -5.754  -0.533  6.335   1.00 19.70 ? 284  GLU A CD  1 
ATOM   807  O  OE1 . GLU A 1 125 ? -4.979  -0.004  7.165   1.00 20.75 ? 284  GLU A OE1 1 
ATOM   808  O  OE2 . GLU A 1 125 ? -6.997  -0.389  6.354   1.00 20.62 ? 284  GLU A OE2 1 
ATOM   809  N  N   . LEU A 1 126 ? -4.012  -2.601  2.416   1.00 8.82  ? 285  LEU A N   1 
ATOM   810  C  CA  . LEU A 1 126 ? -3.568  -1.815  1.270   1.00 8.22  ? 285  LEU A CA  1 
ATOM   811  C  C   . LEU A 1 126 ? -4.758  -0.987  0.801   1.00 8.37  ? 285  LEU A C   1 
ATOM   812  O  O   . LEU A 1 126 ? -5.781  -1.540  0.402   1.00 8.02  ? 285  LEU A O   1 
ATOM   813  C  CB  . LEU A 1 126 ? -3.087  -2.725  0.135   1.00 8.13  ? 285  LEU A CB  1 
ATOM   814  C  CG  . LEU A 1 126 ? -2.688  -2.028  -1.174  1.00 8.17  ? 285  LEU A CG  1 
ATOM   815  C  CD1 . LEU A 1 126 ? -1.552  -1.042  -0.924  1.00 7.44  ? 285  LEU A CD1 1 
ATOM   816  C  CD2 . LEU A 1 126 ? -2.278  -3.071  -2.201  1.00 8.81  ? 285  LEU A CD2 1 
ATOM   817  N  N   . ARG A 1 127 ? -4.622  0.334   0.878   1.00 8.23  ? 286  ARG A N   1 
ATOM   818  C  CA  . ARG A 1 127 ? -5.681  1.246   0.464   1.00 8.51  ? 286  ARG A CA  1 
ATOM   819  C  C   . ARG A 1 127 ? -5.233  2.010   -0.772  1.00 8.53  ? 286  ARG A C   1 
ATOM   820  O  O   . ARG A 1 127 ? -4.251  2.754   -0.734  1.00 7.93  ? 286  ARG A O   1 
ATOM   821  C  CB  . ARG A 1 127 ? -6.016  2.210   1.601   1.00 10.08 ? 286  ARG A CB  1 
ATOM   822  C  CG  . ARG A 1 127 ? -6.523  1.495   2.840   1.00 12.69 ? 286  ARG A CG  1 
ATOM   823  C  CD  . ARG A 1 127 ? -6.785  2.458   3.971   1.00 17.35 ? 286  ARG A CD  1 
ATOM   824  N  NE  . ARG A 1 127 ? -7.943  3.304   3.704   1.00 21.91 ? 286  ARG A NE  1 
ATOM   825  C  CZ  . ARG A 1 127 ? -8.503  4.107   4.604   1.00 26.48 ? 286  ARG A CZ  1 
ATOM   826  N  NH1 . ARG A 1 127 ? -8.012  4.175   5.838   1.00 27.37 ? 286  ARG A NH1 1 
ATOM   827  N  NH2 . ARG A 1 127 ? -9.552  4.847   4.271   1.00 26.13 ? 286  ARG A NH2 1 
ATOM   828  N  N   . ILE A 1 128 ? -5.968  1.824   -1.863  1.00 8.22  ? 287  ILE A N   1 
ATOM   829  C  CA  . ILE A 1 128 ? -5.639  2.454   -3.137  1.00 9.36  ? 287  ILE A CA  1 
ATOM   830  C  C   . ILE A 1 128 ? -6.766  3.333   -3.659  1.00 10.08 ? 287  ILE A C   1 
ATOM   831  O  O   . ILE A 1 128 ? -6.645  3.957   -4.712  1.00 9.82  ? 287  ILE A O   1 
ATOM   832  C  CB  . ILE A 1 128 ? -5.349  1.384   -4.201  1.00 9.10  ? 287  ILE A CB  1 
ATOM   833  C  CG1 . ILE A 1 128 ? -6.565  0.457   -4.345  1.00 9.98  ? 287  ILE A CG1 1 
ATOM   834  C  CG2 . ILE A 1 128 ? -4.117  0.581   -3.805  1.00 9.09  ? 287  ILE A CG2 1 
ATOM   835  C  CD1 . ILE A 1 128 ? -6.742  -0.149  -5.728  1.00 10.13 ? 287  ILE A CD1 1 
ATOM   836  N  N   . ASP A 1 129 ? -7.854  3.381   -2.904  1.00 10.08 ? 288  ASP A N   1 
ATOM   837  C  CA  . ASP A 1 129 ? -9.036  4.131   -3.287  1.00 10.52 ? 288  ASP A CA  1 
ATOM   838  C  C   . ASP A 1 129 ? -8.910  5.586   -3.717  1.00 10.73 ? 288  ASP A C   1 
ATOM   839  O  O   . ASP A 1 129 ? -8.035  6.328   -3.271  1.00 10.16 ? 288  ASP A O   1 
ATOM   840  C  CB  . ASP A 1 129 ? -10.067 4.071   -2.157  1.00 10.64 ? 288  ASP A CB  1 
ATOM   841  C  CG  . ASP A 1 129 ? -11.476 4.318   -2.653  1.00 12.51 ? 288  ASP A CG  1 
ATOM   842  O  OD1 . ASP A 1 129 ? -11.838 3.708   -3.678  1.00 10.46 ? 288  ASP A OD1 1 
ATOM   843  O  OD2 . ASP A 1 129 ? -12.211 5.114   -2.027  1.00 12.13 ? 288  ASP A OD2 1 
ATOM   844  N  N   . ASN A 1 130 ? -9.822  5.972   -4.605  1.00 10.50 ? 289  ASN A N   1 
ATOM   845  C  CA  . ASN A 1 130 ? -9.947  7.343   -5.072  1.00 10.21 ? 289  ASN A CA  1 
ATOM   846  C  C   . ASN A 1 130 ? -8.763  8.049   -5.728  1.00 9.30  ? 289  ASN A C   1 
ATOM   847  O  O   . ASN A 1 130 ? -8.356  9.124   -5.280  1.00 8.72  ? 289  ASN A O   1 
ATOM   848  C  CB  . ASN A 1 130 ? -10.461 8.205   -3.909  1.00 10.33 ? 289  ASN A CB  1 
ATOM   849  C  CG  . ASN A 1 130 ? -11.522 9.200   -4.340  1.00 11.61 ? 289  ASN A CG  1 
ATOM   850  O  OD1 . ASN A 1 130 ? -12.671 9.128   -3.898  1.00 14.06 ? 289  ASN A OD1 1 
ATOM   851  N  ND2 . ASN A 1 130 ? -11.145 10.131  -5.202  1.00 10.05 ? 289  ASN A ND2 1 
ATOM   852  N  N   . GLN A 1 131 ? -8.206  7.462   -6.781  1.00 9.45  ? 290  GLN A N   1 
ATOM   853  C  CA  . GLN A 1 131 ? -7.129  8.130   -7.497  1.00 8.88  ? 290  GLN A CA  1 
ATOM   854  C  C   . GLN A 1 131 ? -7.858  9.122   -8.407  1.00 10.08 ? 290  GLN A C   1 
ATOM   855  O  O   . GLN A 1 131 ? -9.094  9.180   -8.410  1.00 10.33 ? 290  GLN A O   1 
ATOM   856  C  CB  . GLN A 1 131 ? -6.333  7.143   -8.353  1.00 7.56  ? 290  GLN A CB  1 
ATOM   857  C  CG  . GLN A 1 131 ? -5.587  6.086   -7.563  1.00 8.07  ? 290  GLN A CG  1 
ATOM   858  C  CD  . GLN A 1 131 ? -4.710  6.678   -6.478  1.00 7.47  ? 290  GLN A CD  1 
ATOM   859  O  OE1 . GLN A 1 131 ? -3.939  7.610   -6.720  1.00 8.00  ? 290  GLN A OE1 1 
ATOM   860  N  NE2 . GLN A 1 131 ? -4.822  6.138   -5.270  1.00 8.49  ? 290  GLN A NE2 1 
ATOM   861  N  N   . SER A 1 132 ? -7.105  9.895   -9.177  1.00 8.94  ? 291  SER A N   1 
ATOM   862  C  CA  . SER A 1 132 ? -7.713  10.858  -10.085 1.00 9.46  ? 291  SER A CA  1 
ATOM   863  C  C   . SER A 1 132 ? -8.465  10.143  -11.206 1.00 9.70  ? 291  SER A C   1 
ATOM   864  O  O   . SER A 1 132 ? -9.555  10.562  -11.599 1.00 10.16 ? 291  SER A O   1 
ATOM   865  C  CB  . SER A 1 132 ? -6.633  11.756  -10.694 1.00 10.18 ? 291  SER A CB  1 
ATOM   866  O  OG  . SER A 1 132 ? -7.095  12.392  -11.878 1.00 12.59 ? 291  SER A OG  1 
ATOM   867  N  N   . GLN A 1 133 ? -7.878  9.058   -11.705 1.00 8.08  ? 292  GLN A N   1 
ATOM   868  C  CA  . GLN A 1 133 ? -8.448  8.288   -12.807 1.00 8.14  ? 292  GLN A CA  1 
ATOM   869  C  C   . GLN A 1 133 ? -8.933  6.896   -12.420 1.00 8.49  ? 292  GLN A C   1 
ATOM   870  O  O   . GLN A 1 133 ? -8.450  6.301   -11.457 1.00 8.20  ? 292  GLN A O   1 
ATOM   871  C  CB  . GLN A 1 133 ? -7.411  8.159   -13.928 1.00 8.62  ? 292  GLN A CB  1 
ATOM   872  C  CG  . GLN A 1 133 ? -6.841  9.488   -14.387 1.00 9.02  ? 292  GLN A CG  1 
ATOM   873  C  CD  . GLN A 1 133 ? -7.853  10.308  -15.157 1.00 9.21  ? 292  GLN A CD  1 
ATOM   874  O  OE1 . GLN A 1 133 ? -8.444  9.830   -16.122 1.00 10.90 ? 292  GLN A OE1 1 
ATOM   875  N  NE2 . GLN A 1 133 ? -8.063  11.545  -14.731 1.00 10.15 ? 292  GLN A NE2 1 
ATOM   876  N  N   . PRO A 1 134 ? -9.896  6.351   -13.183 1.00 9.62  ? 293  PRO A N   1 
ATOM   877  C  CA  . PRO A 1 134 ? -10.421 5.014   -12.888 1.00 10.33 ? 293  PRO A CA  1 
ATOM   878  C  C   . PRO A 1 134 ? -9.439  3.929   -13.323 1.00 10.10 ? 293  PRO A C   1 
ATOM   879  O  O   . PRO A 1 134 ? -8.595  4.153   -14.194 1.00 10.88 ? 293  PRO A O   1 
ATOM   880  C  CB  . PRO A 1 134 ? -11.734 4.956   -13.671 1.00 10.43 ? 293  PRO A CB  1 
ATOM   881  C  CG  . PRO A 1 134 ? -11.544 5.908   -14.797 1.00 10.52 ? 293  PRO A CG  1 
ATOM   882  C  CD  . PRO A 1 134 ? -10.540 6.955   -14.364 1.00 10.15 ? 293  PRO A CD  1 
ATOM   883  N  N   . LEU A 1 135 ? -9.551  2.756   -12.710 1.00 10.79 ? 294  LEU A N   1 
ATOM   884  C  CA  . LEU A 1 135 ? -8.667  1.645   -13.025 1.00 11.99 ? 294  LEU A CA  1 
ATOM   885  C  C   . LEU A 1 135 ? -9.056  0.932   -14.313 1.00 13.53 ? 294  LEU A C   1 
ATOM   886  O  O   . LEU A 1 135 ? -8.197  0.595   -15.127 1.00 13.98 ? 294  LEU A O   1 
ATOM   887  C  CB  . LEU A 1 135 ? -8.667  0.634   -11.874 1.00 12.48 ? 294  LEU A CB  1 
ATOM   888  C  CG  . LEU A 1 135 ? -8.231  1.145   -10.500 1.00 11.08 ? 294  LEU A CG  1 
ATOM   889  C  CD1 . LEU A 1 135 ? -8.028  -0.040  -9.571  1.00 10.39 ? 294  LEU A CD1 1 
ATOM   890  C  CD2 . LEU A 1 135 ? -6.947  1.963   -10.628 1.00 11.64 ? 294  LEU A CD2 1 
ATOM   891  N  N   . GLY A 1 136 ? -10.352 0.704   -14.491 1.00 14.61 ? 295  GLY A N   1 
ATOM   892  C  CA  . GLY A 1 136 ? -10.819 0.007   -15.677 1.00 14.94 ? 295  GLY A CA  1 
ATOM   893  C  C   . GLY A 1 136 ? -11.071 -1.454  -15.348 1.00 13.88 ? 295  GLY A C   1 
ATOM   894  O  O   . GLY A 1 136 ? -10.452 -2.009  -14.443 1.00 13.11 ? 295  GLY A O   1 
ATOM   895  N  N   . ASN A 1 137 ? -11.974 -2.085  -16.090 1.00 14.24 ? 296  ASN A N   1 
ATOM   896  C  CA  . ASN A 1 137 ? -12.318 -3.482  -15.847 1.00 13.83 ? 296  ASN A CA  1 
ATOM   897  C  C   . ASN A 1 137 ? -11.149 -4.456  -15.931 1.00 11.20 ? 296  ASN A C   1 
ATOM   898  O  O   . ASN A 1 137 ? -11.051 -5.371  -15.121 1.00 11.57 ? 296  ASN A O   1 
ATOM   899  C  CB  . ASN A 1 137 ? -13.415 -3.936  -16.815 1.00 17.26 ? 296  ASN A CB  1 
ATOM   900  C  CG  . ASN A 1 137 ? -13.852 -5.373  -16.571 1.00 21.75 ? 296  ASN A CG  1 
ATOM   901  O  OD1 . ASN A 1 137 ? -14.498 -5.683  -15.561 1.00 22.93 ? 296  ASN A OD1 1 
ATOM   902  N  ND2 . ASN A 1 137 ? -13.499 -6.262  -17.496 1.00 24.13 ? 296  ASN A ND2 1 
ATOM   903  N  N   . ASN A 1 138 ? -10.267 -4.273  -16.908 1.00 11.17 ? 297  ASN A N   1 
ATOM   904  C  CA  . ASN A 1 138 ? -9.138  -5.183  -17.057 1.00 11.60 ? 297  ASN A CA  1 
ATOM   905  C  C   . ASN A 1 138 ? -8.202  -5.158  -15.845 1.00 11.45 ? 297  ASN A C   1 
ATOM   906  O  O   . ASN A 1 138 ? -7.695  -6.198  -15.424 1.00 10.59 ? 297  ASN A O   1 
ATOM   907  C  CB  . ASN A 1 138 ? -8.373  -4.859  -18.340 1.00 12.68 ? 297  ASN A CB  1 
ATOM   908  C  CG  . ASN A 1 138 ? -9.118  -5.304  -19.588 1.00 11.97 ? 297  ASN A CG  1 
ATOM   909  O  OD1 . ASN A 1 138 ? -8.963  -4.720  -20.659 1.00 13.98 ? 297  ASN A OD1 1 
ATOM   910  N  ND2 . ASN A 1 138 ? -9.934  -6.344  -19.452 1.00 12.68 ? 297  ASN A ND2 1 
ATOM   911  N  N   . VAL A 1 139 ? -7.979  -3.975  -15.283 1.00 11.73 ? 298  VAL A N   1 
ATOM   912  C  CA  . VAL A 1 139 ? -7.124  -3.855  -14.106 1.00 11.65 ? 298  VAL A CA  1 
ATOM   913  C  C   . VAL A 1 139 ? -7.853  -4.458  -12.903 1.00 11.21 ? 298  VAL A C   1 
ATOM   914  O  O   . VAL A 1 139 ? -7.260  -5.189  -12.113 1.00 10.74 ? 298  VAL A O   1 
ATOM   915  C  CB  . VAL A 1 139 ? -6.770  -2.374  -13.811 1.00 11.99 ? 298  VAL A CB  1 
ATOM   916  C  CG1 . VAL A 1 139 ? -6.092  -2.253  -12.445 1.00 11.66 ? 298  VAL A CG1 1 
ATOM   917  C  CG2 . VAL A 1 139 ? -5.847  -1.837  -14.900 1.00 12.40 ? 298  VAL A CG2 1 
ATOM   918  N  N   . GLU A 1 140 ? -9.145  -4.161  -12.778 1.00 11.08 ? 299  GLU A N   1 
ATOM   919  C  CA  . GLU A 1 140 ? -9.950  -4.690  -11.678 1.00 10.98 ? 299  GLU A CA  1 
ATOM   920  C  C   . GLU A 1 140 ? -9.942  -6.220  -11.658 1.00 11.82 ? 299  GLU A C   1 
ATOM   921  O  O   . GLU A 1 140 ? -9.838  -6.838  -10.597 1.00 11.11 ? 299  GLU A O   1 
ATOM   922  C  CB  . GLU A 1 140 ? -11.398 -4.200  -11.794 1.00 12.34 ? 299  GLU A CB  1 
ATOM   923  C  CG  . GLU A 1 140 ? -11.614 -2.765  -11.339 1.00 12.03 ? 299  GLU A CG  1 
ATOM   924  C  CD  . GLU A 1 140 ? -13.064 -2.474  -10.976 1.00 12.32 ? 299  GLU A CD  1 
ATOM   925  O  OE1 . GLU A 1 140 ? -13.353 -1.341  -10.547 1.00 12.90 ? 299  GLU A OE1 1 
ATOM   926  O  OE2 . GLU A 1 140 ? -13.911 -3.378  -11.121 1.00 15.03 ? 299  GLU A OE2 1 
ATOM   927  N  N   . MET A 1 141 ? -10.052 -6.831  -12.833 1.00 12.26 ? 300  MET A N   1 
ATOM   928  C  CA  . MET A 1 141 ? -10.063 -8.281  -12.914 1.00 14.03 ? 300  MET A CA  1 
ATOM   929  C  C   . MET A 1 141 ? -8.720  -8.865  -12.498 1.00 12.98 ? 300  MET A C   1 
ATOM   930  O  O   . MET A 1 141 ? -8.677  -9.863  -11.784 1.00 12.93 ? 300  MET A O   1 
ATOM   931  C  CB  . MET A 1 141 ? -10.439 -8.731  -14.328 1.00 18.76 ? 300  MET A CB  1 
ATOM   932  C  CG  . MET A 1 141 ? -11.932 -8.603  -14.600 1.00 24.39 ? 300  MET A CG  1 
ATOM   933  S  SD  . MET A 1 141 ? -12.556 -9.769  -15.812 1.00 35.94 ? 300  MET A SD  1 
ATOM   934  C  CE  . MET A 1 141 ? -11.863 -9.103  -17.320 1.00 32.91 ? 300  MET A CE  1 
ATOM   935  N  N   . GLU A 1 142 ? -7.628  -8.238  -12.925 1.00 12.89 ? 301  GLU A N   1 
ATOM   936  C  CA  . GLU A 1 142 ? -6.300  -8.729  -12.563 1.00 13.22 ? 301  GLU A CA  1 
ATOM   937  C  C   . GLU A 1 142 ? -6.092  -8.589  -11.055 1.00 11.54 ? 301  GLU A C   1 
ATOM   938  O  O   . GLU A 1 142 ? -5.514  -9.465  -10.413 1.00 12.41 ? 301  GLU A O   1 
ATOM   939  C  CB  . GLU A 1 142 ? -5.213  -7.958  -13.320 1.00 14.08 ? 301  GLU A CB  1 
ATOM   940  C  CG  . GLU A 1 142 ? -3.802  -8.507  -13.112 1.00 18.05 ? 301  GLU A CG  1 
ATOM   941  C  CD  . GLU A 1 142 ? -3.606  -9.899  -13.706 1.00 22.13 ? 301  GLU A CD  1 
ATOM   942  O  OE1 . GLU A 1 142 ? -4.071  -10.888 -13.095 1.00 23.48 ? 301  GLU A OE1 1 
ATOM   943  O  OE2 . GLU A 1 142 ? -2.980  -10.006 -14.785 1.00 23.12 ? 301  GLU A OE2 1 
ATOM   944  N  N   . ILE A 1 143 ? -6.576  -7.487  -10.493 1.00 11.51 ? 302  ILE A N   1 
ATOM   945  C  CA  . ILE A 1 143 ? -6.456  -7.242  -9.061  1.00 11.17 ? 302  ILE A CA  1 
ATOM   946  C  C   . ILE A 1 143 ? -7.171  -8.342  -8.279  1.00 12.31 ? 302  ILE A C   1 
ATOM   947  O  O   . ILE A 1 143 ? -6.628  -8.881  -7.315  1.00 11.90 ? 302  ILE A O   1 
ATOM   948  C  CB  . ILE A 1 143 ? -7.066  -5.875  -8.682  1.00 11.94 ? 302  ILE A CB  1 
ATOM   949  C  CG1 . ILE A 1 143 ? -6.116  -4.749  -9.096  1.00 11.67 ? 302  ILE A CG1 1 
ATOM   950  C  CG2 . ILE A 1 143 ? -7.336  -5.814  -7.183  1.00 12.46 ? 302  ILE A CG2 1 
ATOM   951  C  CD1 . ILE A 1 143 ? -6.690  -3.361  -8.901  1.00 10.85 ? 302  ILE A CD1 1 
ATOM   952  N  N   . ALA A 1 144 ? -8.393  -8.672  -8.692  1.00 12.48 ? 303  ALA A N   1 
ATOM   953  C  CA  . ALA A 1 144 ? -9.166  -9.716  -8.020  1.00 13.61 ? 303  ALA A CA  1 
ATOM   954  C  C   . ALA A 1 144 ? -8.386  -11.025 -8.033  1.00 14.23 ? 303  ALA A C   1 
ATOM   955  O  O   . ALA A 1 144 ? -8.347  -11.752 -7.040  1.00 14.74 ? 303  ALA A O   1 
ATOM   956  C  CB  . ALA A 1 144 ? -10.511 -9.907  -8.713  1.00 12.88 ? 303  ALA A CB  1 
ATOM   957  N  N   . ASN A 1 145 ? -7.766  -11.317 -9.170  1.00 15.15 ? 304  ASN A N   1 
ATOM   958  C  CA  . ASN A 1 145 ? -6.980  -12.530 -9.325  1.00 17.90 ? 304  ASN A CA  1 
ATOM   959  C  C   . ASN A 1 145 ? -5.814  -12.529 -8.338  1.00 17.95 ? 304  ASN A C   1 
ATOM   960  O  O   . ASN A 1 145 ? -5.534  -13.539 -7.689  1.00 17.61 ? 304  ASN A O   1 
ATOM   961  C  CB  . ASN A 1 145 ? -6.460  -12.625 -10.761 1.00 21.71 ? 304  ASN A CB  1 
ATOM   962  C  CG  . ASN A 1 145 ? -5.300  -13.588 -10.898 1.00 26.87 ? 304  ASN A CG  1 
ATOM   963  O  OD1 . ASN A 1 145 ? -5.436  -14.782 -10.626 1.00 30.26 ? 304  ASN A OD1 1 
ATOM   964  N  ND2 . ASN A 1 145 ? -4.149  -13.073 -11.320 1.00 29.77 ? 304  ASN A ND2 1 
ATOM   965  N  N   . MET A 1 146 ? -5.149  -11.384 -8.222  1.00 17.96 ? 305  MET A N   1 
ATOM   966  C  CA  . MET A 1 146 ? -4.010  -11.231 -7.322  1.00 18.28 ? 305  MET A CA  1 
ATOM   967  C  C   . MET A 1 146 ? -4.397  -11.374 -5.860  1.00 17.30 ? 305  MET A C   1 
ATOM   968  O  O   . MET A 1 146 ? -3.664  -11.965 -5.072  1.00 17.35 ? 305  MET A O   1 
ATOM   969  C  CB  . MET A 1 146 ? -3.366  -9.865  -7.521  1.00 21.52 ? 305  MET A CB  1 
ATOM   970  C  CG  . MET A 1 146 ? -2.945  -9.591  -8.937  1.00 26.35 ? 305  MET A CG  1 
ATOM   971  S  SD  . MET A 1 146 ? -1.259  -10.092 -9.221  1.00 34.70 ? 305  MET A SD  1 
ATOM   972  C  CE  . MET A 1 146 ? -0.896  -9.121  -10.619 1.00 29.58 ? 305  MET A CE  1 
ATOM   973  N  N   . LEU A 1 147 ? -5.543  -10.811 -5.495  1.00 16.61 ? 306  LEU A N   1 
ATOM   974  C  CA  . LEU A 1 147 ? -6.013  -10.884 -4.119  1.00 18.46 ? 306  LEU A CA  1 
ATOM   975  C  C   . LEU A 1 147 ? -6.314  -12.329 -3.744  1.00 21.30 ? 306  LEU A C   1 
ATOM   976  O  O   . LEU A 1 147 ? -6.295  -12.696 -2.567  1.00 21.39 ? 306  LEU A O   1 
ATOM   977  C  CB  . LEU A 1 147 ? -7.269  -10.026 -3.943  1.00 16.86 ? 306  LEU A CB  1 
ATOM   978  C  CG  . LEU A 1 147 ? -7.061  -8.510  -4.000  1.00 16.21 ? 306  LEU A CG  1 
ATOM   979  C  CD1 . LEU A 1 147 ? -8.402  -7.810  -3.840  1.00 15.04 ? 306  LEU A CD1 1 
ATOM   980  C  CD2 . LEU A 1 147 ? -6.086  -8.072  -2.910  1.00 14.53 ? 306  LEU A CD2 1 
ATOM   981  N  N   . GLU A 1 148 ? -6.591  -13.147 -4.756  1.00 22.38 ? 307  GLU A N   1 
ATOM   982  C  CA  . GLU A 1 148 ? -6.894  -14.554 -4.536  1.00 24.83 ? 307  GLU A CA  1 
ATOM   983  C  C   . GLU A 1 148 ? -5.611  -15.363 -4.362  1.00 25.17 ? 307  GLU A C   1 
ATOM   984  O  O   . GLU A 1 148 ? -5.629  -16.450 -3.787  1.00 27.99 ? 307  GLU A O   1 
ATOM   985  C  CB  . GLU A 1 148 ? -7.708  -15.107 -5.715  1.00 25.28 ? 307  GLU A CB  1 
ATOM   986  C  CG  . GLU A 1 148 ? -9.174  -14.690 -5.699  1.00 28.06 ? 307  GLU A CG  1 
ATOM   987  C  CD  . GLU A 1 148 ? -9.900  -14.974 -7.012  1.00 30.00 ? 307  GLU A CD  1 
ATOM   988  O  OE1 . GLU A 1 148 ? -9.257  -15.441 -7.978  1.00 28.41 ? 307  GLU A OE1 1 
ATOM   989  O  OE2 . GLU A 1 148 ? -11.124 -14.725 -7.073  1.00 31.95 ? 307  GLU A OE2 1 
ATOM   990  N  N   . LYS A 1 149 ? -4.497  -14.827 -4.850  1.00 24.56 ? 308  LYS A N   1 
ATOM   991  C  CA  . LYS A 1 149 ? -3.212  -15.512 -4.755  1.00 25.21 ? 308  LYS A CA  1 
ATOM   992  C  C   . LYS A 1 149 ? -2.440  -15.176 -3.474  1.00 24.65 ? 308  LYS A C   1 
ATOM   993  O  O   . LYS A 1 149 ? -1.468  -15.850 -3.130  1.00 27.84 ? 308  LYS A O   1 
ATOM   994  C  CB  . LYS A 1 149 ? -2.355  -15.185 -5.979  1.00 26.34 ? 308  LYS A CB  1 
ATOM   995  C  CG  . LYS A 1 149 ? -3.116  -15.240 -7.294  1.00 30.12 ? 308  LYS A CG  1 
ATOM   996  C  CD  . LYS A 1 149 ? -2.295  -15.900 -8.392  1.00 33.20 ? 308  LYS A CD  1 
ATOM   997  C  CE  . LYS A 1 149 ? -1.688  -14.866 -9.327  1.00 35.14 ? 308  LYS A CE  1 
ATOM   998  N  NZ  . LYS A 1 149 ? -1.740  -15.307 -10.751 1.00 38.43 ? 308  LYS A NZ  1 
ATOM   999  N  N   . ASN A 1 150 ? -2.873  -14.133 -2.777  1.00 20.82 ? 309  ASN A N   1 
ATOM   1000 C  CA  . ASN A 1 150 ? -2.238  -13.717 -1.530  1.00 17.50 ? 309  ASN A CA  1 
ATOM   1001 C  C   . ASN A 1 150 ? -3.224  -14.066 -0.408  1.00 16.88 ? 309  ASN A C   1 
ATOM   1002 O  O   . ASN A 1 150 ? -4.415  -13.768 -0.508  1.00 15.84 ? 309  ASN A O   1 
ATOM   1003 C  CB  . ASN A 1 150 ? -1.954  -12.206 -1.579  1.00 15.61 ? 309  ASN A CB  1 
ATOM   1004 C  CG  . ASN A 1 150 ? -1.663  -11.613 -0.215  1.00 14.52 ? 309  ASN A CG  1 
ATOM   1005 O  OD1 . ASN A 1 150 ? -2.541  -11.549 0.644   1.00 13.95 ? 309  ASN A OD1 1 
ATOM   1006 N  ND2 . ASN A 1 150 ? -0.427  -11.164 -0.013  1.00 13.64 ? 309  ASN A ND2 1 
ATOM   1007 N  N   . THR A 1 151 ? -2.739  -14.706 0.651   1.00 16.18 ? 310  THR A N   1 
ATOM   1008 C  CA  . THR A 1 151 ? -3.620  -15.101 1.751   1.00 16.23 ? 310  THR A CA  1 
ATOM   1009 C  C   . THR A 1 151 ? -3.379  -14.349 3.054   1.00 15.33 ? 310  THR A C   1 
ATOM   1010 O  O   . THR A 1 151 ? -3.920  -14.720 4.096   1.00 15.56 ? 310  THR A O   1 
ATOM   1011 C  CB  . THR A 1 151 ? -3.491  -16.617 2.042   1.00 16.61 ? 310  THR A CB  1 
ATOM   1012 O  OG1 . THR A 1 151 ? -2.145  -16.918 2.432   1.00 18.30 ? 310  THR A OG1 1 
ATOM   1013 C  CG2 . THR A 1 151 ? -3.840  -17.425 0.806   1.00 17.13 ? 310  THR A CG2 1 
ATOM   1014 N  N   . THR A 1 152 ? -2.585  -13.285 2.997   1.00 14.87 ? 311  THR A N   1 
ATOM   1015 C  CA  . THR A 1 152 ? -2.269  -12.517 4.196   1.00 14.33 ? 311  THR A CA  1 
ATOM   1016 C  C   . THR A 1 152 ? -2.930  -11.139 4.275   1.00 12.61 ? 311  THR A C   1 
ATOM   1017 O  O   . THR A 1 152 ? -3.140  -10.611 5.370   1.00 12.70 ? 311  THR A O   1 
ATOM   1018 C  CB  . THR A 1 152 ? -0.743  -12.362 4.343   1.00 14.79 ? 311  THR A CB  1 
ATOM   1019 O  OG1 . THR A 1 152 ? -0.165  -12.138 3.054   1.00 17.44 ? 311  THR A OG1 1 
ATOM   1020 C  CG2 . THR A 1 152 ? -0.139  -13.632 4.932   1.00 16.18 ? 311  THR A CG2 1 
ATOM   1021 N  N   . LEU A 1 153 ? -3.251  -10.545 3.128   1.00 11.39 ? 312  LEU A N   1 
ATOM   1022 C  CA  . LEU A 1 153 ? -3.904  -9.239  3.148   1.00 11.41 ? 312  LEU A CA  1 
ATOM   1023 C  C   . LEU A 1 153 ? -5.300  -9.400  3.747   1.00 11.51 ? 312  LEU A C   1 
ATOM   1024 O  O   . LEU A 1 153 ? -6.035  -10.324 3.389   1.00 12.60 ? 312  LEU A O   1 
ATOM   1025 C  CB  . LEU A 1 153 ? -4.008  -8.657  1.738   1.00 9.45  ? 312  LEU A CB  1 
ATOM   1026 C  CG  . LEU A 1 153 ? -4.346  -7.164  1.731   1.00 9.12  ? 312  LEU A CG  1 
ATOM   1027 C  CD1 . LEU A 1 153 ? -3.097  -6.344  2.016   1.00 8.63  ? 312  LEU A CD1 1 
ATOM   1028 C  CD2 . LEU A 1 153 ? -4.951  -6.790  0.386   1.00 10.72 ? 312  LEU A CD2 1 
ATOM   1029 N  N   . LEU A 1 154 ? -5.662  -8.501  4.658   1.00 11.98 ? 313  LEU A N   1 
ATOM   1030 C  CA  . LEU A 1 154 ? -6.965  -8.570  5.321   1.00 12.14 ? 313  LEU A CA  1 
ATOM   1031 C  C   . LEU A 1 154 ? -7.924  -7.442  4.954   1.00 12.56 ? 313  LEU A C   1 
ATOM   1032 O  O   . LEU A 1 154 ? -9.139  -7.579  5.124   1.00 12.66 ? 313  LEU A O   1 
ATOM   1033 C  CB  . LEU A 1 154 ? -6.774  -8.590  6.841   1.00 12.77 ? 313  LEU A CB  1 
ATOM   1034 C  CG  . LEU A 1 154 ? -5.859  -9.677  7.418   1.00 12.15 ? 313  LEU A CG  1 
ATOM   1035 C  CD1 . LEU A 1 154 ? -5.802  -9.525  8.933   1.00 11.47 ? 313  LEU A CD1 1 
ATOM   1036 C  CD2 . LEU A 1 154 ? -6.370  -11.059 7.030   1.00 13.10 ? 313  LEU A CD2 1 
ATOM   1037 N  N   . LYS A 1 155 ? -7.383  -6.330  4.464   1.00 11.87 ? 314  LYS A N   1 
ATOM   1038 C  CA  . LYS A 1 155 ? -8.201  -5.184  4.080   1.00 12.15 ? 314  LYS A CA  1 
ATOM   1039 C  C   . LYS A 1 155 ? -7.699  -4.560  2.779   1.00 11.95 ? 314  LYS A C   1 
ATOM   1040 O  O   . LYS A 1 155 ? -6.510  -4.289  2.625   1.00 10.84 ? 314  LYS A O   1 
ATOM   1041 C  CB  . LYS A 1 155 ? -8.195  -4.129  5.192   1.00 13.27 ? 314  LYS A CB  1 
ATOM   1042 C  CG  . LYS A 1 155 ? -8.877  -4.567  6.487   1.00 17.39 ? 314  LYS A CG  1 
ATOM   1043 C  CD  . LYS A 1 155 ? -8.743  -3.508  7.587   1.00 19.17 ? 314  LYS A CD  1 
ATOM   1044 C  CE  . LYS A 1 155 ? -7.563  -3.806  8.509   1.00 20.61 ? 314  LYS A CE  1 
ATOM   1045 N  NZ  . LYS A 1 155 ? -7.319  -2.721  9.507   1.00 21.68 ? 314  LYS A NZ  1 
ATOM   1046 N  N   . PHE A 1 156 ? -8.614  -4.345  1.841   1.00 11.67 ? 315  PHE A N   1 
ATOM   1047 C  CA  . PHE A 1 156 ? -8.275  -3.740  0.560   1.00 11.58 ? 315  PHE A CA  1 
ATOM   1048 C  C   . PHE A 1 156 ? -9.169  -2.527  0.355   1.00 12.10 ? 315  PHE A C   1 
ATOM   1049 O  O   . PHE A 1 156 ? -10.375 -2.667  0.156   1.00 13.42 ? 315  PHE A O   1 
ATOM   1050 C  CB  . PHE A 1 156 ? -8.484  -4.737  -0.579  1.00 11.77 ? 315  PHE A CB  1 
ATOM   1051 C  CG  . PHE A 1 156 ? -7.944  -4.266  -1.901  1.00 12.69 ? 315  PHE A CG  1 
ATOM   1052 C  CD1 . PHE A 1 156 ? -6.577  -4.064  -2.078  1.00 12.47 ? 315  PHE A CD1 1 
ATOM   1053 C  CD2 . PHE A 1 156 ? -8.799  -4.013  -2.970  1.00 13.17 ? 315  PHE A CD2 1 
ATOM   1054 C  CE1 . PHE A 1 156 ? -6.069  -3.615  -3.298  1.00 11.64 ? 315  PHE A CE1 1 
ATOM   1055 C  CE2 . PHE A 1 156 ? -8.300  -3.563  -4.196  1.00 13.96 ? 315  PHE A CE2 1 
ATOM   1056 C  CZ  . PHE A 1 156 ? -6.932  -3.364  -4.358  1.00 11.67 ? 315  PHE A CZ  1 
ATOM   1057 N  N   . GLY A 1 157 ? -8.576  -1.340  0.414   1.00 10.75 ? 316  GLY A N   1 
ATOM   1058 C  CA  . GLY A 1 157 ? -9.342  -0.118  0.255   1.00 10.83 ? 316  GLY A CA  1 
ATOM   1059 C  C   . GLY A 1 157 ? -9.611  0.245   -1.190  1.00 11.50 ? 316  GLY A C   1 
ATOM   1060 O  O   . GLY A 1 157 ? -8.786  0.886   -1.837  1.00 11.35 ? 316  GLY A O   1 
ATOM   1061 N  N   . TYR A 1 158 ? -10.776 -0.164  -1.682  1.00 11.58 ? 317  TYR A N   1 
ATOM   1062 C  CA  . TYR A 1 158 ? -11.188 0.096   -3.056  1.00 11.73 ? 317  TYR A CA  1 
ATOM   1063 C  C   . TYR A 1 158 ? -12.613 -0.420  -3.247  1.00 12.97 ? 317  TYR A C   1 
ATOM   1064 O  O   . TYR A 1 158 ? -12.983 -1.442  -2.674  1.00 14.08 ? 317  TYR A O   1 
ATOM   1065 C  CB  . TYR A 1 158 ? -10.254 -0.631  -4.029  1.00 10.98 ? 317  TYR A CB  1 
ATOM   1066 C  CG  . TYR A 1 158 ? -10.594 -0.421  -5.485  1.00 9.87  ? 317  TYR A CG  1 
ATOM   1067 C  CD1 . TYR A 1 158 ? -10.463 0.837   -6.074  1.00 10.29 ? 317  TYR A CD1 1 
ATOM   1068 C  CD2 . TYR A 1 158 ? -11.053 -1.478  -6.275  1.00 10.25 ? 317  TYR A CD2 1 
ATOM   1069 C  CE1 . TYR A 1 158 ? -10.779 1.043   -7.415  1.00 10.82 ? 317  TYR A CE1 1 
ATOM   1070 C  CE2 . TYR A 1 158 ? -11.374 -1.286  -7.623  1.00 10.63 ? 317  TYR A CE2 1 
ATOM   1071 C  CZ  . TYR A 1 158 ? -11.235 -0.020  -8.185  1.00 11.23 ? 317  TYR A CZ  1 
ATOM   1072 O  OH  . TYR A 1 158 ? -11.561 0.191   -9.505  1.00 12.23 ? 317  TYR A OH  1 
ATOM   1073 N  N   . HIS A 1 159 ? -13.410 0.288   -4.042  1.00 13.19 ? 318  HIS A N   1 
ATOM   1074 C  CA  . HIS A 1 159 ? -14.783 -0.131  -4.320  1.00 12.91 ? 318  HIS A CA  1 
ATOM   1075 C  C   . HIS A 1 159 ? -14.837 -0.590  -5.768  1.00 13.44 ? 318  HIS A C   1 
ATOM   1076 O  O   . HIS A 1 159 ? -14.895 0.230   -6.682  1.00 16.28 ? 318  HIS A O   1 
ATOM   1077 C  CB  . HIS A 1 159 ? -15.761 1.029   -4.135  1.00 12.66 ? 318  HIS A CB  1 
ATOM   1078 C  CG  . HIS A 1 159 ? -15.579 1.776   -2.856  1.00 12.70 ? 318  HIS A CG  1 
ATOM   1079 N  ND1 . HIS A 1 159 ? -14.870 2.957   -2.774  1.00 12.39 ? 318  HIS A ND1 1 
ATOM   1080 C  CD2 . HIS A 1 159 ? -16.038 1.527   -1.604  1.00 13.73 ? 318  HIS A CD2 1 
ATOM   1081 C  CE1 . HIS A 1 159 ? -14.902 3.400   -1.533  1.00 13.71 ? 318  HIS A CE1 1 
ATOM   1082 N  NE2 . HIS A 1 159 ? -15.600 2.557   -0.804  1.00 14.01 ? 318  HIS A NE2 1 
ATOM   1083 N  N   . PHE A 1 160 ? -14.815 -1.894  -5.983  1.00 13.58 ? 319  PHE A N   1 
ATOM   1084 C  CA  . PHE A 1 160 ? -14.851 -2.419  -7.339  1.00 14.68 ? 319  PHE A CA  1 
ATOM   1085 C  C   . PHE A 1 160 ? -16.106 -1.993  -8.084  1.00 15.79 ? 319  PHE A C   1 
ATOM   1086 O  O   . PHE A 1 160 ? -17.220 -2.134  -7.580  1.00 16.81 ? 319  PHE A O   1 
ATOM   1087 C  CB  . PHE A 1 160 ? -14.755 -3.941  -7.317  1.00 13.93 ? 319  PHE A CB  1 
ATOM   1088 C  CG  . PHE A 1 160 ? -13.393 -4.449  -6.952  1.00 13.70 ? 319  PHE A CG  1 
ATOM   1089 C  CD1 . PHE A 1 160 ? -13.013 -4.548  -5.619  1.00 14.03 ? 319  PHE A CD1 1 
ATOM   1090 C  CD2 . PHE A 1 160 ? -12.490 -4.824  -7.941  1.00 13.86 ? 319  PHE A CD2 1 
ATOM   1091 C  CE1 . PHE A 1 160 ? -11.747 -5.013  -5.275  1.00 14.30 ? 319  PHE A CE1 1 
ATOM   1092 C  CE2 . PHE A 1 160 ? -11.222 -5.291  -7.609  1.00 13.81 ? 319  PHE A CE2 1 
ATOM   1093 C  CZ  . PHE A 1 160 ? -10.851 -5.385  -6.272  1.00 14.77 ? 319  PHE A CZ  1 
ATOM   1094 N  N   . THR A 1 161 ? -15.918 -1.468  -9.286  1.00 15.44 ? 320  THR A N   1 
ATOM   1095 C  CA  . THR A 1 161 ? -17.037 -1.033  -10.104 1.00 15.92 ? 320  THR A CA  1 
ATOM   1096 C  C   . THR A 1 161 ? -17.750 -2.244  -10.701 1.00 16.96 ? 320  THR A C   1 
ATOM   1097 O  O   . THR A 1 161 ? -18.978 -2.262  -10.804 1.00 16.91 ? 320  THR A O   1 
ATOM   1098 C  CB  . THR A 1 161 ? -16.549 -0.104  -11.229 1.00 15.81 ? 320  THR A CB  1 
ATOM   1099 O  OG1 . THR A 1 161 ? -15.841 0.999   -10.649 1.00 15.29 ? 320  THR A OG1 1 
ATOM   1100 C  CG2 . THR A 1 161 ? -17.723 0.430   -12.041 1.00 15.72 ? 320  THR A CG2 1 
ATOM   1101 N  N   . GLN A 1 162 ? -16.979 -3.257  -11.082 1.00 17.76 ? 321  GLN A N   1 
ATOM   1102 C  CA  . GLN A 1 162 ? -17.532 -4.473  -11.674 1.00 19.09 ? 321  GLN A CA  1 
ATOM   1103 C  C   . GLN A 1 162 ? -17.913 -5.497  -10.612 1.00 20.14 ? 321  GLN A C   1 
ATOM   1104 O  O   . GLN A 1 162 ? -17.139 -5.785  -9.698  1.00 19.35 ? 321  GLN A O   1 
ATOM   1105 C  CB  . GLN A 1 162 ? -16.524 -5.088  -12.647 1.00 20.54 ? 321  GLN A CB  1 
ATOM   1106 C  CG  . GLN A 1 162 ? -15.921 -4.087  -13.616 1.00 23.91 ? 321  GLN A CG  1 
ATOM   1107 C  CD  . GLN A 1 162 ? -16.971 -3.212  -14.271 1.00 28.84 ? 321  GLN A CD  1 
ATOM   1108 O  OE1 . GLN A 1 162 ? -16.789 -2.000  -14.412 1.00 31.31 ? 321  GLN A OE1 1 
ATOM   1109 N  NE2 . GLN A 1 162 ? -18.082 -3.821  -14.677 1.00 30.28 ? 321  GLN A NE2 1 
ATOM   1110 N  N   . GLN A 1 163 ? -19.111 -6.055  -10.748 1.00 21.04 ? 322  GLN A N   1 
ATOM   1111 C  CA  . GLN A 1 163 ? -19.621 -7.035  -9.796  1.00 22.23 ? 322  GLN A CA  1 
ATOM   1112 C  C   . GLN A 1 163 ? -18.746 -8.279  -9.654  1.00 21.00 ? 322  GLN A C   1 
ATOM   1113 O  O   . GLN A 1 163 ? -18.497 -8.740  -8.539  1.00 20.62 ? 322  GLN A O   1 
ATOM   1114 C  CB  . GLN A 1 163 ? -21.046 -7.445  -10.185 1.00 25.59 ? 322  GLN A CB  1 
ATOM   1115 C  CG  . GLN A 1 163 ? -21.725 -8.370  -9.184  1.00 31.82 ? 322  GLN A CG  1 
ATOM   1116 C  CD  . GLN A 1 163 ? -21.521 -9.837  -9.523  1.00 36.06 ? 322  GLN A CD  1 
ATOM   1117 O  OE1 . GLN A 1 163 ? -21.481 -10.214 -10.697 1.00 39.40 ? 322  GLN A OE1 1 
ATOM   1118 N  NE2 . GLN A 1 163 ? -21.389 -10.673 -8.494  1.00 38.00 ? 322  GLN A NE2 1 
ATOM   1119 N  N   . GLY A 1 164 ? -18.296 -8.829  -10.778 1.00 20.26 ? 323  GLY A N   1 
ATOM   1120 C  CA  . GLY A 1 164 ? -17.459 -10.017 -10.731 1.00 19.95 ? 323  GLY A CA  1 
ATOM   1121 C  C   . GLY A 1 164 ? -16.270 -9.813  -9.811  1.00 19.69 ? 323  GLY A C   1 
ATOM   1122 O  O   . GLY A 1 164 ? -16.175 -10.450 -8.760  1.00 19.85 ? 323  GLY A O   1 
ATOM   1123 N  N   . PRO A 1 165 ? -15.331 -8.935  -10.192 1.00 18.74 ? 324  PRO A N   1 
ATOM   1124 C  CA  . PRO A 1 165 ? -14.149 -8.663  -9.368  1.00 18.35 ? 324  PRO A CA  1 
ATOM   1125 C  C   . PRO A 1 165 ? -14.518 -8.276  -7.933  1.00 17.86 ? 324  PRO A C   1 
ATOM   1126 O  O   . PRO A 1 165 ? -13.828 -8.651  -6.985  1.00 17.04 ? 324  PRO A O   1 
ATOM   1127 C  CB  . PRO A 1 165 ? -13.452 -7.520  -10.106 1.00 17.66 ? 324  PRO A CB  1 
ATOM   1128 C  CG  . PRO A 1 165 ? -13.907 -7.644  -11.516 1.00 18.08 ? 324  PRO A CG  1 
ATOM   1129 C  CD  . PRO A 1 165 ? -15.315 -8.167  -11.451 1.00 18.20 ? 324  PRO A CD  1 
ATOM   1130 N  N   . ARG A 1 166 ? -15.610 -7.529  -7.779  1.00 17.99 ? 325  ARG A N   1 
ATOM   1131 C  CA  . ARG A 1 166 ? -16.057 -7.088  -6.461  1.00 18.73 ? 325  ARG A CA  1 
ATOM   1132 C  C   . ARG A 1 166 ? -16.317 -8.243  -5.499  1.00 19.17 ? 325  ARG A C   1 
ATOM   1133 O  O   . ARG A 1 166 ? -15.851 -8.232  -4.358  1.00 18.68 ? 325  ARG A O   1 
ATOM   1134 C  CB  . ARG A 1 166 ? -17.326 -6.243  -6.578  1.00 19.02 ? 325  ARG A CB  1 
ATOM   1135 C  CG  . ARG A 1 166 ? -17.764 -5.640  -5.254  1.00 21.43 ? 325  ARG A CG  1 
ATOM   1136 C  CD  . ARG A 1 166 ? -19.120 -4.972  -5.359  1.00 24.71 ? 325  ARG A CD  1 
ATOM   1137 N  NE  . ARG A 1 166 ? -19.204 -4.119  -6.538  1.00 29.49 ? 325  ARG A NE  1 
ATOM   1138 C  CZ  . ARG A 1 166 ? -20.143 -4.224  -7.472  1.00 30.24 ? 325  ARG A CZ  1 
ATOM   1139 N  NH1 . ARG A 1 166 ? -21.088 -5.153  -7.372  1.00 31.78 ? 325  ARG A NH1 1 
ATOM   1140 N  NH2 . ARG A 1 166 ? -20.131 -3.405  -8.513  1.00 31.62 ? 325  ARG A NH2 1 
ATOM   1141 N  N   . LEU A 1 167 ? -17.071 -9.234  -5.959  1.00 19.75 ? 326  LEU A N   1 
ATOM   1142 C  CA  . LEU A 1 167 ? -17.388 -10.387 -5.126  1.00 20.38 ? 326  LEU A CA  1 
ATOM   1143 C  C   . LEU A 1 167 ? -16.163 -11.257 -4.861  1.00 19.78 ? 326  LEU A C   1 
ATOM   1144 O  O   . LEU A 1 167 ? -15.985 -11.772 -3.759  1.00 20.35 ? 326  LEU A O   1 
ATOM   1145 C  CB  . LEU A 1 167 ? -18.483 -11.231 -5.786  1.00 20.17 ? 326  LEU A CB  1 
ATOM   1146 C  CG  . LEU A 1 167 ? -18.786 -12.567 -5.100  1.00 23.00 ? 326  LEU A CG  1 
ATOM   1147 C  CD1 . LEU A 1 167 ? -19.384 -12.313 -3.719  1.00 22.03 ? 326  LEU A CD1 1 
ATOM   1148 C  CD2 . LEU A 1 167 ? -19.744 -13.385 -5.966  1.00 23.40 ? 326  LEU A CD2 1 
ATOM   1149 N  N   . ARG A 1 168 ? -15.320 -11.426 -5.873  1.00 19.23 ? 327  ARG A N   1 
ATOM   1150 C  CA  . ARG A 1 168 ? -14.123 -12.239 -5.712  1.00 19.96 ? 327  ARG A CA  1 
ATOM   1151 C  C   . ARG A 1 168 ? -13.179 -11.629 -4.683  1.00 19.54 ? 327  ARG A C   1 
ATOM   1152 O  O   . ARG A 1 168 ? -12.566 -12.347 -3.894  1.00 19.11 ? 327  ARG A O   1 
ATOM   1153 C  CB  . ARG A 1 168 ? -13.409 -12.384 -7.047  1.00 20.86 ? 327  ARG A CB  1 
ATOM   1154 C  CG  . ARG A 1 168 ? -14.211 -13.144 -8.073  1.00 23.02 ? 327  ARG A CG  1 
ATOM   1155 C  CD  . ARG A 1 168 ? -13.566 -13.041 -9.432  1.00 25.76 ? 327  ARG A CD  1 
ATOM   1156 N  NE  . ARG A 1 168 ? -12.217 -13.594 -9.434  1.00 27.04 ? 327  ARG A NE  1 
ATOM   1157 C  CZ  . ARG A 1 168 ? -11.304 -13.319 -10.357 1.00 28.70 ? 327  ARG A CZ  1 
ATOM   1158 N  NH1 . ARG A 1 168 ? -11.596 -12.493 -11.355 1.00 29.60 ? 327  ARG A NH1 1 
ATOM   1159 N  NH2 . ARG A 1 168 ? -10.101 -13.872 -10.285 1.00 30.05 ? 327  ARG A NH2 1 
ATOM   1160 N  N   . ALA A 1 169 ? -13.072 -10.302 -4.693  1.00 19.15 ? 328  ALA A N   1 
ATOM   1161 C  CA  . ALA A 1 169 ? -12.205 -9.593  -3.757  1.00 19.50 ? 328  ALA A CA  1 
ATOM   1162 C  C   . ALA A 1 169 ? -12.808 -9.642  -2.357  1.00 20.18 ? 328  ALA A C   1 
ATOM   1163 O  O   . ALA A 1 169 ? -12.096 -9.801  -1.363  1.00 19.27 ? 328  ALA A O   1 
ATOM   1164 C  CB  . ALA A 1 169 ? -12.024 -8.144  -4.202  1.00 17.30 ? 328  ALA A CB  1 
ATOM   1165 N  N   . SER A 1 170 ? -14.127 -9.501  -2.287  1.00 19.65 ? 329  SER A N   1 
ATOM   1166 C  CA  . SER A 1 170 ? -14.824 -9.542  -1.012  1.00 21.19 ? 329  SER A CA  1 
ATOM   1167 C  C   . SER A 1 170 ? -14.599 -10.906 -0.373  1.00 20.40 ? 329  SER A C   1 
ATOM   1168 O  O   . SER A 1 170 ? -14.319 -11.010 0.821   1.00 20.75 ? 329  SER A O   1 
ATOM   1169 C  CB  . SER A 1 170 ? -16.321 -9.313  -1.224  1.00 21.98 ? 329  SER A CB  1 
ATOM   1170 O  OG  . SER A 1 170 ? -17.030 -9.452  -0.007  1.00 27.19 ? 329  SER A OG  1 
ATOM   1171 N  N   . ASN A 1 171 ? -14.711 -11.949 -1.189  1.00 20.58 ? 330  ASN A N   1 
ATOM   1172 C  CA  . ASN A 1 171 ? -14.531 -13.319 -0.726  1.00 20.80 ? 330  ASN A CA  1 
ATOM   1173 C  C   . ASN A 1 171 ? -13.081 -13.609 -0.355  1.00 20.40 ? 330  ASN A C   1 
ATOM   1174 O  O   . ASN A 1 171 ? -12.814 -14.338 0.600   1.00 19.70 ? 330  ASN A O   1 
ATOM   1175 C  CB  . ASN A 1 171 ? -14.989 -14.301 -1.805  1.00 22.36 ? 330  ASN A CB  1 
ATOM   1176 C  CG  . ASN A 1 171 ? -16.501 -14.388 -1.905  1.00 24.07 ? 330  ASN A CG  1 
ATOM   1177 O  OD1 . ASN A 1 171 ? -17.224 -13.899 -1.033  1.00 25.33 ? 330  ASN A OD1 1 
ATOM   1178 N  ND2 . ASN A 1 171 ? -16.988 -15.012 -2.972  1.00 24.74 ? 330  ASN A ND2 1 
ATOM   1179 N  N   . ALA A 1 172 ? -12.147 -13.043 -1.114  1.00 19.31 ? 331  ALA A N   1 
ATOM   1180 C  CA  . ALA A 1 172 ? -10.731 -13.250 -0.828  1.00 18.57 ? 331  ALA A CA  1 
ATOM   1181 C  C   . ALA A 1 172 ? -10.388 -12.659 0.540   1.00 17.88 ? 331  ALA A C   1 
ATOM   1182 O  O   . ALA A 1 172 ? -9.708  -13.294 1.348   1.00 17.61 ? 331  ALA A O   1 
ATOM   1183 C  CB  . ALA A 1 172 ? -9.872  -12.606 -1.914  1.00 18.48 ? 331  ALA A CB  1 
ATOM   1184 N  N   . MET A 1 173 ? -10.864 -11.446 0.806   1.00 16.76 ? 332  MET A N   1 
ATOM   1185 C  CA  . MET A 1 173 ? -10.591 -10.803 2.085   1.00 17.16 ? 332  MET A CA  1 
ATOM   1186 C  C   . MET A 1 173 ? -11.257 -11.568 3.234   1.00 18.66 ? 332  MET A C   1 
ATOM   1187 O  O   . MET A 1 173 ? -10.696 -11.693 4.323   1.00 18.33 ? 332  MET A O   1 
ATOM   1188 C  CB  . MET A 1 173 ? -11.067 -9.347  2.057   1.00 15.98 ? 332  MET A CB  1 
ATOM   1189 C  CG  . MET A 1 173 ? -10.256 -8.445  1.113   1.00 15.33 ? 332  MET A CG  1 
ATOM   1190 S  SD  . MET A 1 173 ? -8.457  -8.447  1.410   1.00 13.58 ? 332  MET A SD  1 
ATOM   1191 C  CE  . MET A 1 173 ? -7.916  -9.700  0.277   1.00 11.20 ? 332  MET A CE  1 
ATOM   1192 N  N   . MET A 1 174 ? -12.452 -12.090 2.990   1.00 19.34 ? 333  MET A N   1 
ATOM   1193 C  CA  . MET A 1 174 ? -13.149 -12.842 4.022   1.00 21.19 ? 333  MET A CA  1 
ATOM   1194 C  C   . MET A 1 174 ? -12.369 -14.118 4.326   1.00 20.26 ? 333  MET A C   1 
ATOM   1195 O  O   . MET A 1 174 ? -12.211 -14.499 5.484   1.00 20.69 ? 333  MET A O   1 
ATOM   1196 C  CB  . MET A 1 174 ? -14.568 -13.180 3.562   1.00 24.39 ? 333  MET A CB  1 
ATOM   1197 C  CG  . MET A 1 174 ? -15.542 -12.018 3.713   1.00 30.31 ? 333  MET A CG  1 
ATOM   1198 S  SD  . MET A 1 174 ? -17.290 -12.484 3.656   1.00 39.62 ? 333  MET A SD  1 
ATOM   1199 C  CE  . MET A 1 174 ? -17.199 -14.282 3.937   1.00 36.07 ? 333  MET A CE  1 
ATOM   1200 N  N   . ASN A 1 175 ? -11.872 -14.764 3.277   1.00 19.47 ? 334  ASN A N   1 
ATOM   1201 C  CA  . ASN A 1 175 ? -11.095 -15.990 3.415   1.00 20.60 ? 334  ASN A CA  1 
ATOM   1202 C  C   . ASN A 1 175 ? -9.830  -15.757 4.229   1.00 19.55 ? 334  ASN A C   1 
ATOM   1203 O  O   . ASN A 1 175 ? -9.509  -16.530 5.133   1.00 19.30 ? 334  ASN A O   1 
ATOM   1204 C  CB  . ASN A 1 175 ? -10.701 -16.521 2.037   1.00 23.50 ? 334  ASN A CB  1 
ATOM   1205 C  CG  . ASN A 1 175 ? -9.579  -17.549 2.104   1.00 28.93 ? 334  ASN A CG  1 
ATOM   1206 O  OD1 . ASN A 1 175 ? -9.830  -18.748 2.247   1.00 32.58 ? 334  ASN A OD1 1 
ATOM   1207 N  ND2 . ASN A 1 175 ? -8.335  -17.084 1.999   1.00 30.37 ? 334  ASN A ND2 1 
ATOM   1208 N  N   . ASN A 1 176 ? -9.108  -14.694 3.895   1.00 17.37 ? 335  ASN A N   1 
ATOM   1209 C  CA  . ASN A 1 176 ? -7.869  -14.374 4.585   1.00 16.24 ? 335  ASN A CA  1 
ATOM   1210 C  C   . ASN A 1 176 ? -8.117  -14.079 6.053   1.00 16.84 ? 335  ASN A C   1 
ATOM   1211 O  O   . ASN A 1 176 ? -7.334  -14.479 6.914   1.00 17.28 ? 335  ASN A O   1 
ATOM   1212 C  CB  . ASN A 1 176 ? -7.196  -13.180 3.909   1.00 15.70 ? 335  ASN A CB  1 
ATOM   1213 C  CG  . ASN A 1 176 ? -6.726  -13.502 2.507   1.00 15.31 ? 335  ASN A CG  1 
ATOM   1214 O  OD1 . ASN A 1 176 ? -6.863  -14.633 2.040   1.00 16.04 ? 335  ASN A OD1 1 
ATOM   1215 N  ND2 . ASN A 1 176 ? -6.168  -12.509 1.825   1.00 14.84 ? 335  ASN A ND2 1 
ATOM   1216 N  N   . ASN A 1 177 ? -9.209  -13.381 6.342   1.00 17.25 ? 336  ASN A N   1 
ATOM   1217 C  CA  . ASN A 1 177 ? -9.543  -13.049 7.719   1.00 18.66 ? 336  ASN A CA  1 
ATOM   1218 C  C   . ASN A 1 177 ? -9.935  -14.298 8.502   1.00 19.90 ? 336  ASN A C   1 
ATOM   1219 O  O   . ASN A 1 177 ? -9.692  -14.388 9.702   1.00 19.96 ? 336  ASN A O   1 
ATOM   1220 C  CB  . ASN A 1 177 ? -10.675 -12.025 7.752   1.00 18.23 ? 336  ASN A CB  1 
ATOM   1221 C  CG  . ASN A 1 177 ? -10.173 -10.610 7.598   1.00 17.44 ? 336  ASN A CG  1 
ATOM   1222 O  OD1 . ASN A 1 177 ? -9.599  -10.040 8.527   1.00 17.43 ? 336  ASN A OD1 1 
ATOM   1223 N  ND2 . ASN A 1 177 ? -10.377 -10.034 6.419   1.00 16.71 ? 336  ASN A ND2 1 
ATOM   1224 N  N   . ASP A 1 178 ? -10.543 -15.260 7.813   1.00 22.75 ? 337  ASP A N   1 
ATOM   1225 C  CA  . ASP A 1 178 ? -10.953 -16.519 8.434   1.00 24.74 ? 337  ASP A CA  1 
ATOM   1226 C  C   . ASP A 1 178 ? -9.702  -17.303 8.822   1.00 24.77 ? 337  ASP A C   1 
ATOM   1227 O  O   . ASP A 1 178 ? -9.685  -18.012 9.829   1.00 24.63 ? 337  ASP A O   1 
ATOM   1228 C  CB  . ASP A 1 178 ? -11.787 -17.351 7.455   1.00 28.39 ? 337  ASP A CB  1 
ATOM   1229 C  CG  . ASP A 1 178 ? -13.276 -17.095 7.587   1.00 33.35 ? 337  ASP A CG  1 
ATOM   1230 O  OD1 . ASP A 1 178 ? -13.725 -16.729 8.696   1.00 36.79 ? 337  ASP A OD1 1 
ATOM   1231 O  OD2 . ASP A 1 178 ? -14.002 -17.264 6.580   1.00 36.37 ? 337  ASP A OD2 1 
ATOM   1232 N  N   . LEU A 1 179 ? -8.657  -17.172 8.010   1.00 23.12 ? 338  LEU A N   1 
ATOM   1233 C  CA  . LEU A 1 179 ? -7.399  -17.860 8.263   1.00 22.25 ? 338  LEU A CA  1 
ATOM   1234 C  C   . LEU A 1 179 ? -6.811  -17.370 9.579   1.00 22.81 ? 338  LEU A C   1 
ATOM   1235 O  O   . LEU A 1 179 ? -6.346  -18.163 10.398  1.00 21.61 ? 338  LEU A O   1 
ATOM   1236 C  CB  . LEU A 1 179 ? -6.412  -17.588 7.129   1.00 22.91 ? 338  LEU A CB  1 
ATOM   1237 C  CG  . LEU A 1 179 ? -6.444  -18.527 5.924   1.00 23.36 ? 338  LEU A CG  1 
ATOM   1238 C  CD1 . LEU A 1 179 ? -5.324  -18.156 4.966   1.00 23.94 ? 338  LEU A CD1 1 
ATOM   1239 C  CD2 . LEU A 1 179 ? -6.292  -19.967 6.385   1.00 25.16 ? 338  LEU A CD2 1 
ATOM   1240 N  N   . VAL A 1 180 ? -6.835  -16.055 9.773   1.00 22.73 ? 339  VAL A N   1 
ATOM   1241 C  CA  . VAL A 1 180 ? -6.311  -15.450 10.988  1.00 24.18 ? 339  VAL A CA  1 
ATOM   1242 C  C   . VAL A 1 180 ? -7.024  -16.035 12.198  1.00 25.99 ? 339  VAL A C   1 
ATOM   1243 O  O   . VAL A 1 180 ? -6.397  -16.385 13.196  1.00 25.31 ? 339  VAL A O   1 
ATOM   1244 C  CB  . VAL A 1 180 ? -6.521  -13.920 10.984  1.00 23.60 ? 339  VAL A CB  1 
ATOM   1245 C  CG1 . VAL A 1 180 ? -6.029  -13.321 12.297  1.00 23.78 ? 339  VAL A CG1 1 
ATOM   1246 C  CG2 . VAL A 1 180 ? -5.789  -13.302 9.804   1.00 23.44 ? 339  VAL A CG2 1 
ATOM   1247 N  N   . ARG A 1 181 ? -8.342  -16.146 12.092  1.00 27.85 ? 340  ARG A N   1 
ATOM   1248 C  CA  . ARG A 1 181 ? -9.155  -16.679 13.172  1.00 32.70 ? 340  ARG A CA  1 
ATOM   1249 C  C   . ARG A 1 181 ? -8.836  -18.138 13.487  1.00 34.14 ? 340  ARG A C   1 
ATOM   1250 O  O   . ARG A 1 181 ? -8.771  -18.527 14.653  1.00 34.29 ? 340  ARG A O   1 
ATOM   1251 C  CB  . ARG A 1 181 ? -10.637 -16.542 12.821  1.00 34.62 ? 340  ARG A CB  1 
ATOM   1252 C  CG  . ARG A 1 181 ? -11.147 -15.113 12.864  1.00 39.32 ? 340  ARG A CG  1 
ATOM   1253 C  CD  . ARG A 1 181 ? -12.648 -15.048 12.624  1.00 42.24 ? 340  ARG A CD  1 
ATOM   1254 N  NE  . ARG A 1 181 ? -12.985 -14.971 11.202  1.00 45.90 ? 340  ARG A NE  1 
ATOM   1255 C  CZ  . ARG A 1 181 ? -13.175 -13.833 10.539  1.00 47.45 ? 340  ARG A CZ  1 
ATOM   1256 N  NH1 . ARG A 1 181 ? -13.055 -12.670 11.170  1.00 49.57 ? 340  ARG A NH1 1 
ATOM   1257 N  NH2 . ARG A 1 181 ? -13.484 -13.854 9.248   1.00 46.85 ? 340  ARG A NH2 1 
ATOM   1258 N  N   . LYS A 1 182 ? -8.636  -18.941 12.449  1.00 36.07 ? 341  LYS A N   1 
ATOM   1259 C  CA  . LYS A 1 182 ? -8.343  -20.360 12.626  1.00 38.60 ? 341  LYS A CA  1 
ATOM   1260 C  C   . LYS A 1 182 ? -6.937  -20.635 13.160  1.00 39.75 ? 341  LYS A C   1 
ATOM   1261 O  O   . LYS A 1 182 ? -6.690  -21.680 13.762  1.00 39.09 ? 341  LYS A O   1 
ATOM   1262 C  CB  . LYS A 1 182 ? -8.539  -21.106 11.301  1.00 39.68 ? 341  LYS A CB  1 
ATOM   1263 C  CG  . LYS A 1 182 ? -9.939  -20.978 10.712  1.00 41.48 ? 341  LYS A CG  1 
ATOM   1264 C  CD  . LYS A 1 182 ? -10.004 -21.560 9.306   1.00 42.61 ? 341  LYS A CD  1 
ATOM   1265 C  CE  . LYS A 1 182 ? -10.526 -20.541 8.299   1.00 44.07 ? 341  LYS A CE  1 
ATOM   1266 N  NZ  . LYS A 1 182 ? -9.978  -20.777 6.932   1.00 42.91 ? 341  LYS A NZ  1 
ATOM   1267 N  N   . ARG A 1 183 ? -6.019  -19.699 12.944  1.00 41.00 ? 342  ARG A N   1 
ATOM   1268 C  CA  . ARG A 1 183 ? -4.646  -19.875 13.400  1.00 43.61 ? 342  ARG A CA  1 
ATOM   1269 C  C   . ARG A 1 183 ? -4.328  -19.103 14.676  1.00 44.62 ? 342  ARG A C   1 
ATOM   1270 O  O   . ARG A 1 183 ? -3.244  -19.251 15.239  1.00 45.33 ? 342  ARG A O   1 
ATOM   1271 C  CB  . ARG A 1 183 ? -3.663  -19.443 12.307  1.00 44.29 ? 342  ARG A CB  1 
ATOM   1272 C  CG  . ARG A 1 183 ? -3.891  -20.083 10.946  1.00 46.90 ? 342  ARG A CG  1 
ATOM   1273 C  CD  . ARG A 1 183 ? -3.353  -19.194 9.832   1.00 49.30 ? 342  ARG A CD  1 
ATOM   1274 N  NE  . ARG A 1 183 ? -3.089  -19.939 8.603   1.00 51.82 ? 342  ARG A NE  1 
ATOM   1275 C  CZ  . ARG A 1 183 ? -2.819  -19.376 7.427   1.00 53.15 ? 342  ARG A CZ  1 
ATOM   1276 N  NH1 . ARG A 1 183 ? -2.774  -18.053 7.312   1.00 53.54 ? 342  ARG A NH1 1 
ATOM   1277 N  NH2 . ARG A 1 183 ? -2.593  -20.137 6.364   1.00 53.30 ? 342  ARG A NH2 1 
ATOM   1278 N  N   . ARG A 1 184 ? -5.267  -18.286 15.138  1.00 46.09 ? 343  ARG A N   1 
ATOM   1279 C  CA  . ARG A 1 184 ? -5.028  -17.486 16.331  1.00 48.33 ? 343  ARG A CA  1 
ATOM   1280 C  C   . ARG A 1 184 ? -4.712  -18.258 17.605  1.00 49.29 ? 343  ARG A C   1 
ATOM   1281 O  O   . ARG A 1 184 ? -5.349  -19.267 17.919  1.00 48.68 ? 343  ARG A O   1 
ATOM   1282 C  CB  . ARG A 1 184 ? -6.204  -16.553 16.602  1.00 49.64 ? 343  ARG A CB  1 
ATOM   1283 C  CG  . ARG A 1 184 ? -5.868  -15.501 17.639  1.00 52.64 ? 343  ARG A CG  1 
ATOM   1284 C  CD  . ARG A 1 184 ? -6.991  -14.508 17.821  1.00 56.08 ? 343  ARG A CD  1 
ATOM   1285 N  NE  . ARG A 1 184 ? -7.153  -13.662 16.643  1.00 58.61 ? 343  ARG A NE  1 
ATOM   1286 C  CZ  . ARG A 1 184 ? -8.306  -13.482 16.006  1.00 60.00 ? 343  ARG A CZ  1 
ATOM   1287 N  NH1 . ARG A 1 184 ? -9.406  -14.092 16.434  1.00 59.69 ? 343  ARG A NH1 1 
ATOM   1288 N  NH2 . ARG A 1 184 ? -8.358  -12.696 14.939  1.00 61.10 ? 343  ARG A NH2 1 
ATOM   1289 N  N   . LEU A 1 185 ? -3.723  -17.745 18.335  1.00 51.09 ? 344  LEU A N   1 
ATOM   1290 C  CA  . LEU A 1 185 ? -3.254  -18.313 19.597  1.00 52.88 ? 344  LEU A CA  1 
ATOM   1291 C  C   . LEU A 1 185 ? -2.874  -19.793 19.488  1.00 54.31 ? 344  LEU A C   1 
ATOM   1292 O  O   . LEU A 1 185 ? -1.665  -20.079 19.334  1.00 55.00 ? 344  LEU A O   1 
ATOM   1293 C  CB  . LEU A 1 185 ? -4.318  -18.130 20.682  1.00 52.26 ? 344  LEU A CB  1 
ATOM   1294 C  CG  . LEU A 1 185 ? -4.626  -16.745 21.249  1.00 52.23 ? 344  LEU A CG  1 
ATOM   1295 C  CD1 . LEU A 1 185 ? -5.936  -16.238 20.673  1.00 52.37 ? 344  LEU A CD1 1 
ATOM   1296 C  CD2 . LEU A 1 185 ? -4.728  -16.827 22.767  1.00 52.29 ? 344  LEU A CD2 1 
ATOM   1297 O  OXT . LEU A 1 185 ? -3.785  -20.650 19.562  1.00 55.60 ? 344  LEU A OXT 1 
HETATM 1298 ZN ZN  . ZN  B 2 .   ? -13.810 3.889   -4.228  1.00 12.50 ? 1001 ZN  A ZN  1 
HETATM 1299 O  O   . HOH C 3 .   ? 7.768   -1.500  -9.160  1.00 16.86 ? 1002 HOH A O   1 
HETATM 1300 O  O   . HOH C 3 .   ? -15.261 -6.199  -2.930  1.00 18.39 ? 1003 HOH A O   1 
HETATM 1301 O  O   . HOH C 3 .   ? -7.296  -14.885 -0.793  1.00 19.56 ? 1004 HOH A O   1 
HETATM 1302 O  O   . HOH C 3 .   ? -3.109  14.009  -4.266  1.00 11.82 ? 1005 HOH A O   1 
HETATM 1303 O  O   . HOH C 3 .   ? -4.072  4.649   6.653   1.00 19.47 ? 1006 HOH A O   1 
HETATM 1304 O  O   . HOH C 3 .   ? -14.708 -9.182  2.538   1.00 25.64 ? 1007 HOH A O   1 
HETATM 1305 O  O   . HOH C 3 .   ? 5.048   -5.055  -8.476  1.00 17.83 ? 1008 HOH A O   1 
HETATM 1306 O  O   . HOH C 3 .   ? 16.151  13.823  5.429   1.00 24.19 ? 1009 HOH A O   1 
HETATM 1307 O  O   . HOH C 3 .   ? -12.107 -3.847  -1.632  1.00 18.94 ? 1010 HOH A O   1 
HETATM 1308 O  O   . HOH C 3 .   ? -2.914  -12.076 7.612   1.00 15.33 ? 1011 HOH A O   1 
HETATM 1309 O  O   . HOH C 3 .   ? 0.394   -9.493  2.353   1.00 14.06 ? 1012 HOH A O   1 
HETATM 1310 O  O   . HOH C 3 .   ? 7.785   16.385  -7.166  1.00 16.55 ? 1013 HOH A O   1 
HETATM 1311 O  O   . HOH C 3 .   ? 4.371   14.687  -4.461  1.00 17.61 ? 1014 HOH A O   1 
HETATM 1312 O  O   . HOH C 3 .   ? -12.302 -14.926 -4.425  1.00 25.25 ? 1015 HOH A O   1 
HETATM 1313 O  O   . HOH C 3 .   ? -13.156 -9.243  4.840   1.00 20.87 ? 1016 HOH A O   1 
HETATM 1314 O  O   . HOH C 3 .   ? -14.228 2.525   -12.147 1.00 19.69 ? 1017 HOH A O   1 
HETATM 1315 O  O   . HOH C 3 .   ? 5.155   -5.491  4.340   1.00 10.39 ? 1018 HOH A O   1 
HETATM 1316 O  O   . HOH C 3 .   ? 17.744  12.048  4.939   1.00 30.33 ? 1019 HOH A O   1 
HETATM 1317 O  O   . HOH C 3 .   ? 11.352  -5.345  6.743   1.00 20.70 ? 1020 HOH A O   1 
HETATM 1318 O  O   . HOH C 3 .   ? 0.867   8.788   -12.498 1.00 11.22 ? 1021 HOH A O   1 
HETATM 1319 O  O   . HOH C 3 .   ? -8.955  5.203   -8.748  1.00 15.43 ? 1022 HOH A O   1 
HETATM 1320 O  O   . HOH C 3 .   ? 8.705   -0.106  17.551  1.00 18.03 ? 1023 HOH A O   1 
HETATM 1321 O  O   . HOH C 3 .   ? -20.664 0.004   -10.926 1.00 18.70 ? 1024 HOH A O   1 
HETATM 1322 O  O   . HOH C 3 .   ? 8.743   -1.421  8.117   1.00 10.56 ? 1025 HOH A O   1 
HETATM 1323 O  O   . HOH C 3 .   ? 5.149   6.273   15.485  1.00 13.88 ? 1026 HOH A O   1 
HETATM 1324 O  O   . HOH C 3 .   ? 2.155   -13.483 -0.762  1.00 20.49 ? 1027 HOH A O   1 
HETATM 1325 O  O   . HOH C 3 .   ? 7.933   -8.809  1.229   1.00 15.19 ? 1028 HOH A O   1 
HETATM 1326 O  O   . HOH C 3 .   ? 11.159  3.177   11.955  1.00 7.81  ? 1029 HOH A O   1 
HETATM 1327 O  O   . HOH C 3 .   ? -11.726 2.667   -10.887 1.00 14.31 ? 1030 HOH A O   1 
HETATM 1328 O  O   . HOH C 3 .   ? -0.500  6.666   8.844   1.00 29.61 ? 1031 HOH A O   1 
HETATM 1329 O  O   . HOH C 3 .   ? -5.641  4.757   -14.684 1.00 13.40 ? 1032 HOH A O   1 
HETATM 1330 O  O   . HOH C 3 .   ? 1.049   14.058  -9.569  1.00 22.49 ? 1033 HOH A O   1 
HETATM 1331 O  O   . HOH C 3 .   ? 10.002  -0.116  -10.129 1.00 26.57 ? 1034 HOH A O   1 
HETATM 1332 O  O   . HOH C 3 .   ? -6.080  1.823   -15.986 1.00 20.80 ? 1035 HOH A O   1 
HETATM 1333 O  O   . HOH C 3 .   ? -5.020  6.629   -16.365 1.00 28.01 ? 1036 HOH A O   1 
HETATM 1334 O  O   . HOH C 3 .   ? -5.006  8.699   -11.268 1.00 10.61 ? 1037 HOH A O   1 
HETATM 1335 O  O   . HOH C 3 .   ? -1.473  3.543   -17.062 1.00 42.02 ? 1038 HOH A O   1 
HETATM 1336 O  O   . HOH C 3 .   ? -13.707 7.846   -1.859  1.00 21.61 ? 1039 HOH A O   1 
HETATM 1337 O  O   . HOH C 3 .   ? 18.452  10.949  1.714   1.00 38.25 ? 1040 HOH A O   1 
HETATM 1338 O  O   . HOH C 3 .   ? 12.160  -5.017  -4.825  1.00 11.14 ? 1041 HOH A O   1 
HETATM 1339 O  O   . HOH C 3 .   ? 16.204  6.639   1.377   1.00 12.22 ? 1042 HOH A O   1 
HETATM 1340 O  O   . HOH C 3 .   ? 5.506   15.652  -9.544  1.00 27.08 ? 1043 HOH A O   1 
HETATM 1341 O  O   . HOH C 3 .   ? -8.016  3.318   -7.243  1.00 21.15 ? 1044 HOH A O   1 
HETATM 1342 O  O   . HOH C 3 .   ? 2.365   3.258   17.322  1.00 29.66 ? 1045 HOH A O   1 
HETATM 1343 O  O   . HOH C 3 .   ? 17.490  1.322   15.180  1.00 13.72 ? 1046 HOH A O   1 
HETATM 1344 O  O   . HOH C 3 .   ? -15.681 -3.367  -3.490  1.00 21.25 ? 1047 HOH A O   1 
HETATM 1345 O  O   . HOH C 3 .   ? -8.195  -1.647  -17.097 1.00 19.40 ? 1048 HOH A O   1 
HETATM 1346 O  O   . HOH C 3 .   ? 17.510  4.272   2.032   1.00 20.74 ? 1049 HOH A O   1 
HETATM 1347 O  O   . HOH C 3 .   ? -13.517 -6.470  1.196   1.00 27.12 ? 1050 HOH A O   1 
HETATM 1348 O  O   . HOH C 3 .   ? 7.434   -1.503  15.062  1.00 16.35 ? 1051 HOH A O   1 
HETATM 1349 O  O   . HOH C 3 .   ? -7.662  8.059   -17.754 1.00 16.37 ? 1052 HOH A O   1 
HETATM 1350 O  O   . HOH C 3 .   ? 18.006  -1.057  13.910  1.00 24.64 ? 1053 HOH A O   1 
HETATM 1351 O  O   . HOH C 3 .   ? 6.398   -9.871  3.371   1.00 16.80 ? 1054 HOH A O   1 
HETATM 1352 O  O   . HOH C 3 .   ? -13.112 -6.216  -1.411  1.00 20.31 ? 1055 HOH A O   1 
HETATM 1353 O  O   . HOH C 3 .   ? 0.086   -14.312 1.228   1.00 18.47 ? 1056 HOH A O   1 
HETATM 1354 O  O   . HOH C 3 .   ? -1.777  3.214   6.220   1.00 17.72 ? 1057 HOH A O   1 
HETATM 1355 O  O   . HOH C 3 .   ? -4.939  -10.854 -0.807  1.00 14.54 ? 1058 HOH A O   1 
HETATM 1356 O  O   . HOH C 3 .   ? -9.135  3.896   -17.047 1.00 33.78 ? 1059 HOH A O   1 
HETATM 1357 O  O   . HOH C 3 .   ? 15.684  7.131   -3.364  1.00 25.34 ? 1060 HOH A O   1 
HETATM 1358 O  O   . HOH C 3 .   ? 17.169  7.268   -1.268  1.00 33.88 ? 1061 HOH A O   1 
HETATM 1359 O  O   . HOH C 3 .   ? -4.591  -14.373 6.591   1.00 15.15 ? 1062 HOH A O   1 
HETATM 1360 O  O   . HOH C 3 .   ? 3.848   11.221  10.652  1.00 20.79 ? 1063 HOH A O   1 
HETATM 1361 O  O   . HOH C 3 .   ? -9.725  -7.339  9.136   1.00 28.53 ? 1064 HOH A O   1 
HETATM 1362 O  O   . HOH C 3 .   ? 6.342   10.988  11.055  1.00 22.64 ? 1065 HOH A O   1 
HETATM 1363 O  O   . HOH C 3 .   ? 14.254  6.108   19.531  1.00 13.29 ? 1066 HOH A O   1 
HETATM 1364 O  O   . HOH C 3 .   ? -11.759 -6.801  5.265   1.00 22.60 ? 1067 HOH A O   1 
HETATM 1365 O  O   . HOH C 3 .   ? 14.434  -3.550  -4.480  1.00 15.43 ? 1068 HOH A O   1 
HETATM 1366 O  O   . HOH C 3 .   ? -6.640  12.575  -6.485  1.00 28.80 ? 1069 HOH A O   1 
HETATM 1367 O  O   . HOH C 3 .   ? -5.939  5.114   -11.844 1.00 14.12 ? 1070 HOH A O   1 
HETATM 1368 O  O   . HOH C 3 .   ? 3.090   16.234  -1.548  1.00 17.58 ? 1071 HOH A O   1 
HETATM 1369 O  O   . HOH C 3 .   ? -11.427 -4.968  2.697   1.00 16.47 ? 1072 HOH A O   1 
HETATM 1370 O  O   . HOH C 3 .   ? 1.442   -11.495 8.281   1.00 48.41 ? 1073 HOH A O   1 
HETATM 1371 O  O   . HOH C 3 .   ? -1.573  -17.181 5.033   1.00 32.71 ? 1074 HOH A O   1 
HETATM 1372 O  O   . HOH C 3 .   ? -9.249  9.130   0.498   1.00 22.94 ? 1075 HOH A O   1 
HETATM 1373 O  O   . HOH C 3 .   ? -11.141 -2.656  4.053   1.00 27.94 ? 1076 HOH A O   1 
HETATM 1374 O  O   . HOH C 3 .   ? 14.952  9.788   -4.301  1.00 21.17 ? 1077 HOH A O   1 
HETATM 1375 O  O   . HOH C 3 .   ? 9.980   4.860   -9.468  1.00 18.91 ? 1078 HOH A O   1 
HETATM 1376 O  O   . HOH C 3 .   ? -7.536  -2.380  -20.777 1.00 22.18 ? 1079 HOH A O   1 
HETATM 1377 O  O   . HOH C 3 .   ? -18.603 -8.298  -13.448 1.00 25.74 ? 1080 HOH A O   1 
HETATM 1378 O  O   . HOH C 3 .   ? 17.077  -1.011  -3.990  1.00 50.09 ? 1081 HOH A O   1 
HETATM 1379 O  O   . HOH C 3 .   ? 5.488   -0.316  20.677  1.00 37.58 ? 1082 HOH A O   1 
HETATM 1380 O  O   . HOH C 3 .   ? -8.222  -23.843 13.755  1.00 26.08 ? 1083 HOH A O   1 
HETATM 1381 O  O   . HOH C 3 .   ? -0.352  -9.683  11.037  1.00 30.78 ? 1084 HOH A O   1 
HETATM 1382 O  O   . HOH C 3 .   ? -2.498  -11.214 10.431  1.00 21.13 ? 1085 HOH A O   1 
HETATM 1383 O  O   . HOH C 3 .   ? 7.882   -3.968  13.309  1.00 32.87 ? 1086 HOH A O   1 
HETATM 1384 O  O   . HOH C 3 .   ? 8.548   -6.567  -9.898  1.00 25.15 ? 1087 HOH A O   1 
HETATM 1385 O  O   . HOH C 3 .   ? -10.597 -2.314  -19.195 1.00 24.02 ? 1088 HOH A O   1 
HETATM 1386 O  O   . HOH C 3 .   ? 12.944  -4.691  14.122  1.00 22.92 ? 1089 HOH A O   1 
HETATM 1387 O  O   . HOH C 3 .   ? 5.763   -5.095  11.985  1.00 21.07 ? 1090 HOH A O   1 
HETATM 1388 O  O   . HOH C 3 .   ? -5.773  2.693   7.658   1.00 24.20 ? 1091 HOH A O   1 
HETATM 1389 O  O   . HOH C 3 .   ? -3.286  1.442   -17.198 1.00 43.98 ? 1092 HOH A O   1 
HETATM 1390 O  O   . HOH C 3 .   ? -17.844 -5.815  -1.391  1.00 26.82 ? 1093 HOH A O   1 
HETATM 1391 O  O   . HOH C 3 .   ? -9.804  -5.733  -23.379 1.00 22.73 ? 1094 HOH A O   1 
HETATM 1392 O  O   . HOH C 3 .   ? 9.729   12.964  12.381  1.00 21.91 ? 1095 HOH A O   1 
HETATM 1393 O  O   . HOH C 3 .   ? 13.839  15.636  -2.597  1.00 44.08 ? 1096 HOH A O   1 
HETATM 1394 O  O   . HOH C 3 .   ? 9.959   9.878   -11.887 1.00 23.85 ? 1097 HOH A O   1 
HETATM 1395 O  O   . HOH C 3 .   ? 15.955  1.766   6.874   1.00 20.21 ? 1098 HOH A O   1 
HETATM 1396 O  O   . HOH C 3 .   ? -7.397  -8.521  -16.695 1.00 20.92 ? 1099 HOH A O   1 
HETATM 1397 O  O   . HOH C 3 .   ? 0.680   21.201  2.145   1.00 27.95 ? 1100 HOH A O   1 
HETATM 1398 O  O   . HOH C 3 .   ? -9.050  -11.194 10.993  1.00 36.21 ? 1101 HOH A O   1 
HETATM 1399 O  O   . HOH C 3 .   ? 11.606  17.235  0.987   1.00 41.21 ? 1102 HOH A O   1 
HETATM 1400 O  O   . HOH C 3 .   ? -17.507 -13.060 -8.618  1.00 34.64 ? 1103 HOH A O   1 
HETATM 1401 O  O   . HOH C 3 .   ? -3.971  -9.963  12.087  1.00 33.60 ? 1104 HOH A O   1 
HETATM 1402 O  O   . HOH C 3 .   ? -7.166  -16.559 -8.936  1.00 33.56 ? 1105 HOH A O   1 
HETATM 1403 O  O   . HOH C 3 .   ? 16.238  -4.799  -3.036  1.00 36.36 ? 1106 HOH A O   1 
HETATM 1404 O  O   . HOH C 3 .   ? 17.585  -0.979  0.022   1.00 30.26 ? 1107 HOH A O   1 
HETATM 1405 O  O   . HOH C 3 .   ? 16.686  -3.710  -0.353  1.00 31.64 ? 1108 HOH A O   1 
HETATM 1406 O  O   . HOH C 3 .   ? 14.246  0.964   -9.609  1.00 24.78 ? 1109 HOH A O   1 
HETATM 1407 O  O   . HOH C 3 .   ? -15.761 -8.127  -15.084 1.00 40.15 ? 1110 HOH A O   1 
HETATM 1408 O  O   . HOH C 3 .   ? 11.732  1.683   -3.833  1.00 28.92 ? 1111 HOH A O   1 
HETATM 1409 O  O   . HOH C 3 .   ? -7.128  13.939  0.415   1.00 35.58 ? 1112 HOH A O   1 
HETATM 1410 O  O   . HOH C 3 .   ? 11.302  18.840  5.764   1.00 41.38 ? 1113 HOH A O   1 
HETATM 1411 O  O   . HOH C 3 .   ? 18.167  3.450   4.510   1.00 47.46 ? 1114 HOH A O   1 
HETATM 1412 O  O   . HOH C 3 .   ? 9.598   -9.809  -8.365  1.00 26.41 ? 1115 HOH A O   1 
HETATM 1413 O  O   . HOH C 3 .   ? 2.785   5.737   -16.169 1.00 49.30 ? 1116 HOH A O   1 
HETATM 1414 O  O   . HOH C 3 .   ? 16.956  0.897   2.074   1.00 24.72 ? 1117 HOH A O   1 
HETATM 1415 O  O   . HOH C 3 .   ? -12.188 4.707   0.942   1.00 43.92 ? 1118 HOH A O   1 
HETATM 1416 O  O   . HOH C 3 .   ? -10.981 2.536   0.972   1.00 28.23 ? 1119 HOH A O   1 
HETATM 1417 O  O   . HOH C 3 .   ? 10.433  -11.221 -4.157  1.00 40.66 ? 1120 HOH A O   1 
HETATM 1418 O  O   . HOH C 3 .   ? 1.322   -16.645 2.253   1.00 36.04 ? 1121 HOH A O   1 
HETATM 1419 O  O   . HOH C 3 .   ? 4.355   9.059   14.309  1.00 33.50 ? 1122 HOH A O   1 
HETATM 1420 O  O   . HOH C 3 .   ? 19.877  1.703   11.955  1.00 55.28 ? 1123 HOH A O   1 
HETATM 1421 O  O   . HOH C 3 .   ? 2.203   -2.380  -13.591 1.00 18.04 ? 1124 HOH A O   1 
HETATM 1422 O  O   . HOH C 3 .   ? -9.276  -16.462 -1.542  1.00 32.93 ? 1125 HOH A O   1 
HETATM 1423 O  O   . HOH C 3 .   ? -7.001  14.930  -2.268  1.00 38.54 ? 1126 HOH A O   1 
HETATM 1424 O  O   . HOH C 3 .   ? 8.358   19.543  -5.085  1.00 20.40 ? 1127 HOH A O   1 
HETATM 1425 O  O   . HOH C 3 .   ? 5.875   19.810  -4.444  1.00 25.92 ? 1128 HOH A O   1 
HETATM 1426 O  O   . HOH C 3 .   ? -3.266  9.436   -13.206 1.00 23.59 ? 1129 HOH A O   1 
HETATM 1427 O  O   . HOH C 3 .   ? 12.818  3.988   -4.466  1.00 26.70 ? 1130 HOH A O   1 
HETATM 1428 O  O   . HOH C 3 .   ? -2.446  -22.268 15.196  1.00 34.65 ? 1131 HOH A O   1 
HETATM 1429 O  O   . HOH C 3 .   ? -12.935 0.359   -13.167 1.00 25.54 ? 1132 HOH A O   1 
HETATM 1430 O  O   . HOH C 3 .   ? -9.119  -12.788 -13.276 1.00 38.23 ? 1133 HOH A O   1 
HETATM 1431 O  O   . HOH C 3 .   ? 8.365   19.149  6.669   1.00 29.61 ? 1134 HOH A O   1 
HETATM 1432 O  O   . HOH C 3 .   ? -7.552  7.805   4.390   1.00 51.90 ? 1135 HOH A O   1 
HETATM 1433 O  O   . HOH C 3 .   ? -13.135 -0.253  0.766   1.00 30.48 ? 1136 HOH A O   1 
HETATM 1434 O  O   . HOH C 3 .   ? -13.263 -0.383  -18.520 1.00 40.21 ? 1137 HOH A O   1 
HETATM 1435 O  O   . HOH C 3 .   ? -3.201  -15.973 8.875   1.00 29.60 ? 1138 HOH A O   1 
HETATM 1436 O  O   . HOH C 3 .   ? -10.378 1.437   3.427   1.00 33.29 ? 1139 HOH A O   1 
HETATM 1437 O  O   . HOH C 3 .   ? 6.895   8.279   16.722  1.00 27.83 ? 1140 HOH A O   1 
HETATM 1438 O  O   . HOH C 3 .   ? 13.205  3.867   19.910  1.00 33.49 ? 1141 HOH A O   1 
HETATM 1439 O  O   . HOH C 3 .   ? 4.433   -8.478  10.164  1.00 40.81 ? 1142 HOH A O   1 
HETATM 1440 O  O   . HOH C 3 .   ? -6.515  -19.857 1.858   1.00 38.39 ? 1143 HOH A O   1 
HETATM 1441 O  O   . HOH C 3 .   ? 8.057   -9.213  10.782  1.00 40.77 ? 1144 HOH A O   1 
HETATM 1442 O  O   . HOH C 3 .   ? 2.186   9.849   12.889  1.00 33.08 ? 1145 HOH A O   1 
HETATM 1443 O  O   . HOH C 3 .   ? 16.429  -4.518  12.999  1.00 30.82 ? 1146 HOH A O   1 
HETATM 1444 O  O   . HOH C 3 .   ? -22.115 -3.518  -10.471 1.00 30.14 ? 1147 HOH A O   1 
HETATM 1445 O  O   . HOH C 3 .   ? -15.009 -12.340 -12.329 1.00 33.11 ? 1148 HOH A O   1 
HETATM 1446 O  O   . HOH C 3 .   ? -4.222  7.481   7.213   1.00 34.18 ? 1149 HOH A O   1 
HETATM 1447 O  O   . HOH C 3 .   ? -8.987  -0.711  3.965   1.00 32.52 ? 1150 HOH A O   1 
HETATM 1448 O  O   . HOH C 3 .   ? -4.642  15.998  -3.761  1.00 46.45 ? 1151 HOH A O   1 
HETATM 1449 O  O   . HOH C 3 .   ? 19.317  9.541   13.995  1.00 47.47 ? 1152 HOH A O   1 
HETATM 1450 O  O   . HOH C 3 .   ? -4.873  12.138  8.278   1.00 41.85 ? 1153 HOH A O   1 
HETATM 1451 O  O   . HOH C 3 .   ? 12.110  20.918  -3.201  1.00 27.95 ? 1154 HOH A O   1 
HETATM 1452 O  O   . HOH C 3 .   ? -10.269 11.484  -2.963  1.00 44.91 ? 1155 HOH A O   1 
HETATM 1453 O  O   . HOH C 3 .   ? -9.211  12.055  1.701   1.00 42.28 ? 1156 HOH A O   1 
HETATM 1454 O  O   . HOH C 3 .   ? 15.172  13.490  13.974  1.00 56.46 ? 1157 HOH A O   1 
HETATM 1455 O  O   . HOH C 3 .   ? 10.852  -9.874  8.917   1.00 42.61 ? 1158 HOH A O   1 
HETATM 1456 O  O   . HOH C 3 .   ? 20.820  3.985   12.668  1.00 52.42 ? 1159 HOH A O   1 
HETATM 1457 O  O   . HOH C 3 .   ? -14.692 -0.704  -14.694 1.00 30.74 ? 1160 HOH A O   1 
HETATM 1458 O  O   . HOH C 3 .   ? -23.097 -1.166  -10.028 1.00 44.09 ? 1161 HOH A O   1 
HETATM 1459 O  O   . HOH C 3 .   ? -0.690  22.510  -4.195  1.00 41.13 ? 1162 HOH A O   1 
HETATM 1460 O  O   . HOH C 3 .   ? 7.205   15.132  12.781  1.00 34.27 ? 1163 HOH A O   1 
HETATM 1461 O  O   . HOH C 3 .   ? 19.457  1.779   9.098   1.00 46.36 ? 1164 HOH A O   1 
HETATM 1462 O  O   . HOH C 3 .   ? -14.831 -15.857 -5.081  1.00 45.94 ? 1165 HOH A O   1 
HETATM 1463 O  O   . HOH C 3 .   ? 14.486  -6.013  6.231   1.00 41.15 ? 1166 HOH A O   1 
HETATM 1464 O  O   . HOH C 3 .   ? -15.128 -2.226  -0.831  1.00 70.69 ? 1167 HOH A O   1 
HETATM 1465 O  O   . HOH C 3 .   ? -9.742  12.385  -6.352  1.00 38.78 ? 1168 HOH A O   1 
HETATM 1466 O  O   . HOH C 3 .   ? -4.902  -9.819  -16.583 1.00 39.86 ? 1169 HOH A O   1 
HETATM 1467 O  O   . HOH C 3 .   ? 4.132   19.267  7.156   1.00 32.59 ? 1170 HOH A O   1 
HETATM 1468 O  O   . HOH C 3 .   ? -14.216 -10.658 7.228   1.00 48.52 ? 1171 HOH A O   1 
HETATM 1469 O  O   . HOH C 3 .   ? 10.942  -7.655  -7.605  1.00 38.48 ? 1172 HOH A O   1 
HETATM 1470 O  O   . HOH C 3 .   ? 9.173   18.582  1.927   1.00 32.55 ? 1173 HOH A O   1 
HETATM 1471 O  O   . HOH C 3 .   ? -1.141  -12.617 -5.485  1.00 40.12 ? 1174 HOH A O   1 
HETATM 1472 O  O   . HOH C 3 .   ? -0.482  -10.308 -5.832  1.00 37.51 ? 1175 HOH A O   1 
HETATM 1473 O  O   . HOH C 3 .   ? -0.827  -12.157 -15.038 1.00 31.28 ? 1176 HOH A O   1 
HETATM 1474 O  O   . HOH C 3 .   ? -10.999 -23.222 13.476  1.00 42.31 ? 1177 HOH A O   1 
HETATM 1475 O  O   . HOH C 3 .   ? -0.676  -13.494 8.304   1.00 40.30 ? 1178 HOH A O   1 
HETATM 1476 O  O   . HOH C 3 .   ? 6.328   10.904  14.164  1.00 45.72 ? 1179 HOH A O   1 
HETATM 1477 O  O   . HOH C 3 .   ? -3.732  -16.092 13.837  1.00 35.88 ? 1180 HOH A O   1 
HETATM 1478 O  O   . HOH C 3 .   ? 8.715   -4.795  15.521  1.00 33.16 ? 1181 HOH A O   1 
HETATM 1479 O  O   . HOH C 3 .   ? -17.919 -1.808  -3.418  1.00 46.60 ? 1182 HOH A O   1 
HETATM 1480 O  O   . HOH C 3 .   ? -1.808  -16.060 17.744  1.00 41.08 ? 1183 HOH A O   1 
HETATM 1481 O  O   . HOH C 3 .   ? 9.510   21.588  -3.428  1.00 45.04 ? 1184 HOH A O   1 
HETATM 1482 O  O   . HOH C 3 .   ? 6.191   10.553  17.661  1.00 42.25 ? 1185 HOH A O   1 
HETATM 1483 O  O   . HOH C 3 .   ? 19.074  -1.000  11.259  1.00 44.68 ? 1186 HOH A O   1 
HETATM 1484 O  O   . HOH C 3 .   ? 5.571   -12.110 7.177   1.00 35.84 ? 1187 HOH A O   1 
HETATM 1485 O  O   . HOH C 3 .   ? -21.014 -4.619  -12.533 1.00 57.99 ? 1188 HOH A O   1 
HETATM 1486 O  O   . HOH C 3 .   ? -0.694  16.710  12.731  1.00 45.43 ? 1189 HOH A O   1 
HETATM 1487 O  O   . HOH C 3 .   ? -11.632 -5.933  8.168   1.00 56.54 ? 1190 HOH A O   1 
HETATM 1488 O  O   . HOH C 3 .   ? -17.052 -13.642 -11.309 1.00 67.49 ? 1191 HOH A O   1 
HETATM 1489 O  O   . HOH C 3 .   ? 4.298   -10.992 9.298   1.00 48.46 ? 1192 HOH A O   1 
HETATM 1490 O  O   . HOH C 3 .   ? 3.049   0.573   20.162  1.00 46.02 ? 1193 HOH A O   1 
HETATM 1491 O  O   . HOH C 3 .   ? 12.781  -7.509  7.347   1.00 37.02 ? 1194 HOH A O   1 
HETATM 1492 O  O   . HOH C 3 .   ? 14.738  1.600   -6.484  1.00 54.66 ? 1195 HOH A O   1 
HETATM 1493 O  O   . HOH C 3 .   ? 19.409  3.596   -0.123  1.00 49.80 ? 1196 HOH A O   1 
HETATM 1494 O  O   . HOH C 3 .   ? 17.492  -3.412  8.749   1.00 57.69 ? 1197 HOH A O   1 
HETATM 1495 O  O   . HOH C 3 .   ? -6.903  -9.593  12.555  1.00 47.20 ? 1198 HOH A O   1 
HETATM 1496 O  O   . HOH C 3 .   ? -9.856  -19.351 4.837   1.00 38.75 ? 1199 HOH A O   1 
HETATM 1497 O  O   . HOH C 3 .   ? 9.177   -14.185 -4.966  1.00 37.32 ? 1200 HOH A O   1 
HETATM 1498 O  O   . HOH C 3 .   ? 8.362   21.515  -0.889  1.00 45.58 ? 1201 HOH A O   1 
HETATM 1499 O  O   . HOH C 3 .   ? 8.984   4.991   -12.523 1.00 44.78 ? 1202 HOH A O   1 
HETATM 1500 O  O   . HOH C 3 .   ? 9.410   -12.526 -0.769  1.00 46.36 ? 1203 HOH A O   1 
HETATM 1501 O  O   . HOH C 3 .   ? -13.385 -17.763 2.440   1.00 50.58 ? 1204 HOH A O   1 
HETATM 1502 O  O   . HOH C 3 .   ? 2.831   21.898  3.788   1.00 53.97 ? 1205 HOH A O   1 
HETATM 1503 O  O   . HOH C 3 .   ? -12.295 -17.634 0.044   1.00 50.42 ? 1206 HOH A O   1 
HETATM 1504 O  O   . HOH C 3 .   ? 3.702   -5.858  13.499  1.00 54.53 ? 1207 HOH A O   1 
HETATM 1505 O  O   . HOH C 3 .   ? 10.260  -10.443 1.869   1.00 40.73 ? 1208 HOH A O   1 
HETATM 1506 O  O   . HOH C 3 .   ? -17.100 -14.920 -6.939  1.00 55.32 ? 1209 HOH A O   1 
HETATM 1507 O  O   . HOH C 3 .   ? 16.693  11.820  -2.567  1.00 48.33 ? 1210 HOH A O   1 
HETATM 1508 O  O   . HOH C 3 .   ? 14.895  10.317  -7.173  1.00 43.47 ? 1211 HOH A O   1 
HETATM 1509 O  O   . HOH C 3 .   ? 19.966  8.987   7.453   1.00 43.17 ? 1212 HOH A O   1 
HETATM 1510 O  O   . HOH C 3 .   ? 3.140   14.466  12.810  1.00 47.90 ? 1213 HOH A O   1 
HETATM 1511 O  O   . HOH C 3 .   ? 17.667  1.264   -6.189  1.00 50.29 ? 1214 HOH A O   1 
HETATM 1512 O  O   . HOH C 3 .   ? 19.193  5.485   -1.738  1.00 50.71 ? 1215 HOH A O   1 
HETATM 1513 O  O   . HOH C 3 .   ? 20.072  6.015   4.157   1.00 46.59 ? 1216 HOH A O   1 
HETATM 1514 O  O   . HOH C 3 .   ? -12.678 -3.449  8.937   1.00 52.56 ? 1217 HOH A O   1 
HETATM 1515 O  O   . HOH C 3 .   ? 14.627  14.196  0.543   1.00 48.67 ? 1218 HOH A O   1 
HETATM 1516 O  O   . HOH C 3 .   ? -7.331  2.933   -18.470 1.00 51.32 ? 1219 HOH A O   1 
HETATM 1517 O  O   . HOH C 3 .   ? 0.991   -5.314  13.824  1.00 50.89 ? 1220 HOH A O   1 
HETATM 1518 O  O   . HOH C 3 .   ? 8.563   20.748  9.053   1.00 56.14 ? 1221 HOH A O   1 
HETATM 1519 O  O   . HOH C 3 .   ? 5.724   13.427  14.072  1.00 59.87 ? 1222 HOH A O   1 
HETATM 1520 O  O   . HOH C 3 .   ? -11.688 2.728   -17.784 1.00 49.06 ? 1223 HOH A O   1 
HETATM 1521 O  O   . HOH C 3 .   ? -15.434 -4.663  1.192   1.00 59.71 ? 1224 HOH A O   1 
HETATM 1522 O  O   . HOH C 3 .   ? 20.042  2.287   6.565   1.00 54.59 ? 1225 HOH A O   1 
HETATM 1523 O  O   . HOH C 3 .   ? 7.400   -13.975 0.398   1.00 50.40 ? 1226 HOH A O   1 
HETATM 1524 O  O   . HOH C 3 .   ? 17.796  10.462  -0.631  1.00 49.13 ? 1227 HOH A O   1 
HETATM 1525 O  O   . HOH C 3 .   ? -19.593 -16.193 -3.931  1.00 53.68 ? 1228 HOH A O   1 
HETATM 1526 O  O   . HOH C 3 .   ? -0.102  13.457  -11.596 1.00 45.31 ? 1229 HOH A O   1 
HETATM 1527 O  O   . HOH C 3 .   ? 17.277  -5.150  1.455   1.00 48.72 ? 1230 HOH A O   1 
HETATM 1528 O  O   . HOH C 3 .   ? -22.818 -6.239  -13.890 1.00 48.46 ? 1231 HOH A O   1 
HETATM 1529 O  O   . HOH C 3 .   ? 18.404  3.754   -6.173  1.00 52.59 ? 1232 HOH A O   1 
# 
